data_2PMJ
# 
_entry.id   2PMJ 
# 
_audit_conform.dict_name       mmcif_pdbx.dic 
_audit_conform.dict_version    5.397 
_audit_conform.dict_location   http://mmcif.pdb.org/dictionaries/ascii/mmcif_pdbx.dic 
# 
loop_
_database_2.database_id 
_database_2.database_code 
_database_2.pdbx_database_accession 
_database_2.pdbx_DOI 
PDB   2PMJ         pdb_00002pmj 10.2210/pdb2pmj/pdb 
RCSB  RCSB042541   ?            ?                   
WWPDB D_1000042541 ?            ?                   
# 
loop_
_pdbx_audit_revision_history.ordinal 
_pdbx_audit_revision_history.data_content_type 
_pdbx_audit_revision_history.major_revision 
_pdbx_audit_revision_history.minor_revision 
_pdbx_audit_revision_history.revision_date 
1 'Structure model' 1 0 2007-05-01 
2 'Structure model' 1 1 2008-05-01 
3 'Structure model' 1 2 2011-07-13 
4 'Structure model' 1 3 2017-10-18 
5 'Structure model' 1 4 2023-10-25 
6 'Structure model' 1 5 2024-10-30 
# 
_pdbx_audit_revision_details.ordinal             1 
_pdbx_audit_revision_details.revision_ordinal    1 
_pdbx_audit_revision_details.data_content_type   'Structure model' 
_pdbx_audit_revision_details.provider            repository 
_pdbx_audit_revision_details.type                'Initial release' 
_pdbx_audit_revision_details.description         ? 
_pdbx_audit_revision_details.details             ? 
# 
loop_
_pdbx_audit_revision_group.ordinal 
_pdbx_audit_revision_group.revision_ordinal 
_pdbx_audit_revision_group.data_content_type 
_pdbx_audit_revision_group.group 
1 2 'Structure model' 'Version format compliance' 
2 3 'Structure model' 'Version format compliance' 
3 4 'Structure model' 'Refinement description'    
4 5 'Structure model' 'Data collection'           
5 5 'Structure model' 'Database references'       
6 5 'Structure model' 'Derived calculations'      
7 5 'Structure model' 'Refinement description'    
8 6 'Structure model' 'Structure summary'         
# 
loop_
_pdbx_audit_revision_category.ordinal 
_pdbx_audit_revision_category.revision_ordinal 
_pdbx_audit_revision_category.data_content_type 
_pdbx_audit_revision_category.category 
1 4 'Structure model' software                      
2 5 'Structure model' chem_comp_atom                
3 5 'Structure model' chem_comp_bond                
4 5 'Structure model' database_2                    
5 5 'Structure model' pdbx_initial_refinement_model 
6 5 'Structure model' struct_site                   
7 6 'Structure model' pdbx_entry_details            
8 6 'Structure model' pdbx_modification_feature     
# 
loop_
_pdbx_audit_revision_item.ordinal 
_pdbx_audit_revision_item.revision_ordinal 
_pdbx_audit_revision_item.data_content_type 
_pdbx_audit_revision_item.item 
1 4 'Structure model' '_software.name'                      
2 5 'Structure model' '_database_2.pdbx_DOI'                
3 5 'Structure model' '_database_2.pdbx_database_accession' 
4 5 'Structure model' '_struct_site.pdbx_auth_asym_id'      
5 5 'Structure model' '_struct_site.pdbx_auth_comp_id'      
6 5 'Structure model' '_struct_site.pdbx_auth_seq_id'       
# 
_pdbx_database_status.status_code                     REL 
_pdbx_database_status.entry_id                        2PMJ 
_pdbx_database_status.recvd_initial_deposition_date   2007-04-23 
_pdbx_database_status.deposit_site                    RCSB 
_pdbx_database_status.process_site                    PDBJ 
_pdbx_database_status.status_code_sf                  ? 
_pdbx_database_status.status_code_mr                  ? 
_pdbx_database_status.SG_entry                        ? 
_pdbx_database_status.pdb_format_compatible           Y 
_pdbx_database_status.status_code_cs                  ? 
_pdbx_database_status.methods_development_category    ? 
_pdbx_database_status.status_code_nmr_data            ? 
# 
loop_
_pdbx_database_related.db_name 
_pdbx_database_related.db_id 
_pdbx_database_related.details 
_pdbx_database_related.content_type 
PDB 1Q7A 
;Crystal structure of the complex formed between russell's viper phospholipase A2 and an antiinflammatory agent oxyphenbutazone at 1.6A resolution
;
unspecified 
PDB 1SV3 'Structure of the complex formed between Phospholipase A2 and 4-methoxybenzoic acid at 1.3A resolution.' unspecified 
# 
loop_
_audit_author.name 
_audit_author.pdbx_ordinal 
'Kumar, S.'   1 
'Singh, N.'   2 
'Sharma, S.'  3 
'Kaur, P.'    4 
'Singh, T.P.' 5 
# 
_citation.id                        primary 
_citation.title                     
'Crystal structure of the complex formed between phospholipase A2 and 1, 2 benzopyrone at 2.4 A resolution' 
_citation.journal_abbrev            'to be published' 
_citation.journal_volume            ? 
_citation.page_first                ? 
_citation.page_last                 ? 
_citation.year                      ? 
_citation.journal_id_ASTM           ? 
_citation.country                   ? 
_citation.journal_id_ISSN           ? 
_citation.journal_id_CSD            0353 
_citation.book_publisher            ? 
_citation.pdbx_database_id_PubMed   ? 
_citation.pdbx_database_id_DOI      ? 
# 
loop_
_citation_author.citation_id 
_citation_author.name 
_citation_author.ordinal 
_citation_author.identifier_ORCID 
primary 'Kumar, S.'   1 ? 
primary 'Singh, N.'   2 ? 
primary 'Sharma, S.'  3 ? 
primary 'Kaur, P.'    4 ? 
primary 'Singh, T.P.' 5 ? 
# 
loop_
_entity.id 
_entity.type 
_entity.src_method 
_entity.pdbx_description 
_entity.formula_weight 
_entity.pdbx_number_of_molecules 
_entity.pdbx_ec 
_entity.pdbx_mutation 
_entity.pdbx_fragment 
_entity.details 
1 polymer     nat 'Phospholipase A2 VRV-PL-VIIIa' 13629.767 1   3.1.1.4 ? ? ? 
2 non-polymer syn COUMARIN                        146.143   1   ?       ? ? ? 
3 non-polymer syn ACETONITRILE                    41.052    1   ?       ? ? ? 
4 water       nat water                           18.015    103 ?       ? ? ? 
# 
_entity_name_com.entity_id   1 
_entity_name_com.name        'Phospholipase A2, Phosphatidylcholine 2- acylhydrolase, DPLA2' 
# 
_entity_poly.entity_id                      1 
_entity_poly.type                           'polypeptide(L)' 
_entity_poly.nstd_linkage                   no 
_entity_poly.nstd_monomer                   no 
_entity_poly.pdbx_seq_one_letter_code       
;SLLEFGKMILEETGKLAIPSYSSYGCYCGWGGKGTPKDATDRCCFVHDCCYGNLPDCNPKSDRYKYKRVNGAIVCEKGTS
CENRICECDKAAAICFRQNLNTYSKKYMLYPDFLCKGELKC
;
_entity_poly.pdbx_seq_one_letter_code_can   
;SLLEFGKMILEETGKLAIPSYSSYGCYCGWGGKGTPKDATDRCCFVHDCCYGNLPDCNPKSDRYKYKRVNGAIVCEKGTS
CENRICECDKAAAICFRQNLNTYSKKYMLYPDFLCKGELKC
;
_entity_poly.pdbx_strand_id                 A 
_entity_poly.pdbx_target_identifier         ? 
# 
loop_
_pdbx_entity_nonpoly.entity_id 
_pdbx_entity_nonpoly.name 
_pdbx_entity_nonpoly.comp_id 
2 COUMARIN     COU 
3 ACETONITRILE CCN 
4 water        HOH 
# 
loop_
_entity_poly_seq.entity_id 
_entity_poly_seq.num 
_entity_poly_seq.mon_id 
_entity_poly_seq.hetero 
1 1   SER n 
1 2   LEU n 
1 3   LEU n 
1 4   GLU n 
1 5   PHE n 
1 6   GLY n 
1 7   LYS n 
1 8   MET n 
1 9   ILE n 
1 10  LEU n 
1 11  GLU n 
1 12  GLU n 
1 13  THR n 
1 14  GLY n 
1 15  LYS n 
1 16  LEU n 
1 17  ALA n 
1 18  ILE n 
1 19  PRO n 
1 20  SER n 
1 21  TYR n 
1 22  SER n 
1 23  SER n 
1 24  TYR n 
1 25  GLY n 
1 26  CYS n 
1 27  TYR n 
1 28  CYS n 
1 29  GLY n 
1 30  TRP n 
1 31  GLY n 
1 32  GLY n 
1 33  LYS n 
1 34  GLY n 
1 35  THR n 
1 36  PRO n 
1 37  LYS n 
1 38  ASP n 
1 39  ALA n 
1 40  THR n 
1 41  ASP n 
1 42  ARG n 
1 43  CYS n 
1 44  CYS n 
1 45  PHE n 
1 46  VAL n 
1 47  HIS n 
1 48  ASP n 
1 49  CYS n 
1 50  CYS n 
1 51  TYR n 
1 52  GLY n 
1 53  ASN n 
1 54  LEU n 
1 55  PRO n 
1 56  ASP n 
1 57  CYS n 
1 58  ASN n 
1 59  PRO n 
1 60  LYS n 
1 61  SER n 
1 62  ASP n 
1 63  ARG n 
1 64  TYR n 
1 65  LYS n 
1 66  TYR n 
1 67  LYS n 
1 68  ARG n 
1 69  VAL n 
1 70  ASN n 
1 71  GLY n 
1 72  ALA n 
1 73  ILE n 
1 74  VAL n 
1 75  CYS n 
1 76  GLU n 
1 77  LYS n 
1 78  GLY n 
1 79  THR n 
1 80  SER n 
1 81  CYS n 
1 82  GLU n 
1 83  ASN n 
1 84  ARG n 
1 85  ILE n 
1 86  CYS n 
1 87  GLU n 
1 88  CYS n 
1 89  ASP n 
1 90  LYS n 
1 91  ALA n 
1 92  ALA n 
1 93  ALA n 
1 94  ILE n 
1 95  CYS n 
1 96  PHE n 
1 97  ARG n 
1 98  GLN n 
1 99  ASN n 
1 100 LEU n 
1 101 ASN n 
1 102 THR n 
1 103 TYR n 
1 104 SER n 
1 105 LYS n 
1 106 LYS n 
1 107 TYR n 
1 108 MET n 
1 109 LEU n 
1 110 TYR n 
1 111 PRO n 
1 112 ASP n 
1 113 PHE n 
1 114 LEU n 
1 115 CYS n 
1 116 LYS n 
1 117 GLY n 
1 118 GLU n 
1 119 LEU n 
1 120 LYS n 
1 121 CYS n 
# 
_entity_src_nat.entity_id                  1 
_entity_src_nat.pdbx_src_id                1 
_entity_src_nat.pdbx_alt_source_flag       sample 
_entity_src_nat.pdbx_beg_seq_num           ? 
_entity_src_nat.pdbx_end_seq_num           ? 
_entity_src_nat.common_name                ? 
_entity_src_nat.pdbx_organism_scientific   'Daboia russellii pulchella' 
_entity_src_nat.pdbx_ncbi_taxonomy_id      97228 
_entity_src_nat.genus                      Daboia 
_entity_src_nat.species                    'Daboia russellii' 
_entity_src_nat.strain                     pulchella 
_entity_src_nat.tissue                     ? 
_entity_src_nat.tissue_fraction            ? 
_entity_src_nat.pdbx_secretion             ? 
_entity_src_nat.pdbx_fragment              ? 
_entity_src_nat.pdbx_variant               ? 
_entity_src_nat.pdbx_cell_line             ? 
_entity_src_nat.pdbx_atcc                  ? 
_entity_src_nat.pdbx_cellular_location     ? 
_entity_src_nat.pdbx_organ                 ? 
_entity_src_nat.pdbx_organelle             ? 
_entity_src_nat.pdbx_cell                  ? 
_entity_src_nat.pdbx_plasmid_name          ? 
_entity_src_nat.pdbx_plasmid_details       ? 
_entity_src_nat.details                    ? 
# 
loop_
_chem_comp.id 
_chem_comp.type 
_chem_comp.mon_nstd_flag 
_chem_comp.name 
_chem_comp.pdbx_synonyms 
_chem_comp.formula 
_chem_comp.formula_weight 
ALA 'L-peptide linking' y ALANINE         ?                     'C3 H7 N O2'     89.093  
ARG 'L-peptide linking' y ARGININE        ?                     'C6 H15 N4 O2 1' 175.209 
ASN 'L-peptide linking' y ASPARAGINE      ?                     'C4 H8 N2 O3'    132.118 
ASP 'L-peptide linking' y 'ASPARTIC ACID' ?                     'C4 H7 N O4'     133.103 
CCN non-polymer         . ACETONITRILE    ?                     'C2 H3 N'        41.052  
COU non-polymer         . COUMARIN        2H-1-BENZOPYRAN-2-ONE 'C9 H6 O2'       146.143 
CYS 'L-peptide linking' y CYSTEINE        ?                     'C3 H7 N O2 S'   121.158 
GLN 'L-peptide linking' y GLUTAMINE       ?                     'C5 H10 N2 O3'   146.144 
GLU 'L-peptide linking' y 'GLUTAMIC ACID' ?                     'C5 H9 N O4'     147.129 
GLY 'peptide linking'   y GLYCINE         ?                     'C2 H5 N O2'     75.067  
HIS 'L-peptide linking' y HISTIDINE       ?                     'C6 H10 N3 O2 1' 156.162 
HOH non-polymer         . WATER           ?                     'H2 O'           18.015  
ILE 'L-peptide linking' y ISOLEUCINE      ?                     'C6 H13 N O2'    131.173 
LEU 'L-peptide linking' y LEUCINE         ?                     'C6 H13 N O2'    131.173 
LYS 'L-peptide linking' y LYSINE          ?                     'C6 H15 N2 O2 1' 147.195 
MET 'L-peptide linking' y METHIONINE      ?                     'C5 H11 N O2 S'  149.211 
PHE 'L-peptide linking' y PHENYLALANINE   ?                     'C9 H11 N O2'    165.189 
PRO 'L-peptide linking' y PROLINE         ?                     'C5 H9 N O2'     115.130 
SER 'L-peptide linking' y SERINE          ?                     'C3 H7 N O3'     105.093 
THR 'L-peptide linking' y THREONINE       ?                     'C4 H9 N O3'     119.119 
TRP 'L-peptide linking' y TRYPTOPHAN      ?                     'C11 H12 N2 O2'  204.225 
TYR 'L-peptide linking' y TYROSINE        ?                     'C9 H11 N O3'    181.189 
VAL 'L-peptide linking' y VALINE          ?                     'C5 H11 N O2'    117.146 
# 
loop_
_pdbx_poly_seq_scheme.asym_id 
_pdbx_poly_seq_scheme.entity_id 
_pdbx_poly_seq_scheme.seq_id 
_pdbx_poly_seq_scheme.mon_id 
_pdbx_poly_seq_scheme.ndb_seq_num 
_pdbx_poly_seq_scheme.pdb_seq_num 
_pdbx_poly_seq_scheme.auth_seq_num 
_pdbx_poly_seq_scheme.pdb_mon_id 
_pdbx_poly_seq_scheme.auth_mon_id 
_pdbx_poly_seq_scheme.pdb_strand_id 
_pdbx_poly_seq_scheme.pdb_ins_code 
_pdbx_poly_seq_scheme.hetero 
A 1 1   SER 1   1   1   SER SER A . n 
A 1 2   LEU 2   2   2   LEU LEU A . n 
A 1 3   LEU 3   3   3   LEU LEU A . n 
A 1 4   GLU 4   4   4   GLU GLU A . n 
A 1 5   PHE 5   5   5   PHE PHE A . n 
A 1 6   GLY 6   6   6   GLY GLY A . n 
A 1 7   LYS 7   7   7   LYS LYS A . n 
A 1 8   MET 8   8   8   MET MET A . n 
A 1 9   ILE 9   9   9   ILE ILE A . n 
A 1 10  LEU 10  10  10  LEU LEU A . n 
A 1 11  GLU 11  11  11  GLU GLU A . n 
A 1 12  GLU 12  12  12  GLU GLU A . n 
A 1 13  THR 13  13  13  THR THR A . n 
A 1 14  GLY 14  14  14  GLY GLY A . n 
A 1 15  LYS 15  16  16  LYS LYS A . n 
A 1 16  LEU 16  17  17  LEU LEU A . n 
A 1 17  ALA 17  18  18  ALA ALA A . n 
A 1 18  ILE 18  19  19  ILE ILE A . n 
A 1 19  PRO 19  20  20  PRO PRO A . n 
A 1 20  SER 20  21  21  SER SER A . n 
A 1 21  TYR 21  22  22  TYR TYR A . n 
A 1 22  SER 22  23  23  SER SER A . n 
A 1 23  SER 23  24  24  SER SER A . n 
A 1 24  TYR 24  25  25  TYR TYR A . n 
A 1 25  GLY 25  26  26  GLY GLY A . n 
A 1 26  CYS 26  27  27  CYS CYS A . n 
A 1 27  TYR 27  28  28  TYR TYR A . n 
A 1 28  CYS 28  29  29  CYS CYS A . n 
A 1 29  GLY 29  30  30  GLY GLY A . n 
A 1 30  TRP 30  31  31  TRP TRP A . n 
A 1 31  GLY 31  32  32  GLY GLY A . n 
A 1 32  GLY 32  33  33  GLY GLY A . n 
A 1 33  LYS 33  34  34  LYS LYS A . n 
A 1 34  GLY 34  35  35  GLY GLY A . n 
A 1 35  THR 35  36  36  THR THR A . n 
A 1 36  PRO 36  37  37  PRO PRO A . n 
A 1 37  LYS 37  38  38  LYS LYS A . n 
A 1 38  ASP 38  39  39  ASP ASP A . n 
A 1 39  ALA 39  40  40  ALA ALA A . n 
A 1 40  THR 40  41  41  THR THR A . n 
A 1 41  ASP 41  42  42  ASP ASP A . n 
A 1 42  ARG 42  43  43  ARG ARG A . n 
A 1 43  CYS 43  44  44  CYS CYS A . n 
A 1 44  CYS 44  45  45  CYS CYS A . n 
A 1 45  PHE 45  46  46  PHE PHE A . n 
A 1 46  VAL 46  47  47  VAL VAL A . n 
A 1 47  HIS 47  48  48  HIS HIS A . n 
A 1 48  ASP 48  49  49  ASP ASP A . n 
A 1 49  CYS 49  50  50  CYS CYS A . n 
A 1 50  CYS 50  51  51  CYS CYS A . n 
A 1 51  TYR 51  52  52  TYR TYR A . n 
A 1 52  GLY 52  53  53  GLY GLY A . n 
A 1 53  ASN 53  54  54  ASN ASN A . n 
A 1 54  LEU 54  55  55  LEU LEU A . n 
A 1 55  PRO 55  56  56  PRO PRO A . n 
A 1 56  ASP 56  59  59  ASP ASP A . n 
A 1 57  CYS 57  61  61  CYS CYS A . n 
A 1 58  ASN 58  67  67  ASN ASN A . n 
A 1 59  PRO 59  68  68  PRO PRO A . n 
A 1 60  LYS 60  69  69  LYS LYS A . n 
A 1 61  SER 61  70  70  SER SER A . n 
A 1 62  ASP 62  71  71  ASP ASP A . n 
A 1 63  ARG 63  72  72  ARG ARG A . n 
A 1 64  TYR 64  73  73  TYR TYR A . n 
A 1 65  LYS 65  74  74  LYS LYS A . n 
A 1 66  TYR 66  75  75  TYR TYR A . n 
A 1 67  LYS 67  76  76  LYS LYS A . n 
A 1 68  ARG 68  77  77  ARG ARG A . n 
A 1 69  VAL 69  78  78  VAL VAL A . n 
A 1 70  ASN 70  79  79  ASN ASN A . n 
A 1 71  GLY 71  80  80  GLY GLY A . n 
A 1 72  ALA 72  81  81  ALA ALA A . n 
A 1 73  ILE 73  82  82  ILE ILE A . n 
A 1 74  VAL 74  83  83  VAL VAL A . n 
A 1 75  CYS 75  84  84  CYS CYS A . n 
A 1 76  GLU 76  85  85  GLU GLU A . n 
A 1 77  LYS 77  86  86  LYS LYS A . n 
A 1 78  GLY 78  88  88  GLY GLY A . n 
A 1 79  THR 79  89  89  THR THR A . n 
A 1 80  SER 80  90  90  SER SER A . n 
A 1 81  CYS 81  91  91  CYS CYS A . n 
A 1 82  GLU 82  92  92  GLU GLU A . n 
A 1 83  ASN 83  93  93  ASN ASN A . n 
A 1 84  ARG 84  94  94  ARG ARG A . n 
A 1 85  ILE 85  95  95  ILE ILE A . n 
A 1 86  CYS 86  96  96  CYS CYS A . n 
A 1 87  GLU 87  97  97  GLU GLU A . n 
A 1 88  CYS 88  98  98  CYS CYS A . n 
A 1 89  ASP 89  99  99  ASP ASP A . n 
A 1 90  LYS 90  100 100 LYS LYS A . n 
A 1 91  ALA 91  101 101 ALA ALA A . n 
A 1 92  ALA 92  102 102 ALA ALA A . n 
A 1 93  ALA 93  103 103 ALA ALA A . n 
A 1 94  ILE 94  104 104 ILE ILE A . n 
A 1 95  CYS 95  105 105 CYS CYS A . n 
A 1 96  PHE 96  106 106 PHE PHE A . n 
A 1 97  ARG 97  107 107 ARG ARG A . n 
A 1 98  GLN 98  108 108 GLN GLN A . n 
A 1 99  ASN 99  109 109 ASN ASN A . n 
A 1 100 LEU 100 110 110 LEU LEU A . n 
A 1 101 ASN 101 111 111 ASN ASN A . n 
A 1 102 THR 102 112 112 THR THR A . n 
A 1 103 TYR 103 113 113 TYR TYR A . n 
A 1 104 SER 104 114 114 SER SER A . n 
A 1 105 LYS 105 115 115 LYS LYS A . n 
A 1 106 LYS 106 116 116 LYS LYS A . n 
A 1 107 TYR 107 117 117 TYR TYR A . n 
A 1 108 MET 108 118 118 MET MET A . n 
A 1 109 LEU 109 119 119 LEU LEU A . n 
A 1 110 TYR 110 120 120 TYR TYR A . n 
A 1 111 PRO 111 121 121 PRO PRO A . n 
A 1 112 ASP 112 122 122 ASP ASP A . n 
A 1 113 PHE 113 124 124 PHE PHE A . n 
A 1 114 LEU 114 125 125 LEU LEU A . n 
A 1 115 CYS 115 126 126 CYS CYS A . n 
A 1 116 LYS 116 127 127 LYS LYS A . n 
A 1 117 GLY 117 128 128 GLY GLY A . n 
A 1 118 GLU 118 129 129 GLU GLU A . n 
A 1 119 LEU 119 130 130 LEU LEU A . n 
A 1 120 LYS 120 131 131 LYS LYS A . n 
A 1 121 CYS 121 133 133 CYS CYS A . n 
# 
loop_
_pdbx_nonpoly_scheme.asym_id 
_pdbx_nonpoly_scheme.entity_id 
_pdbx_nonpoly_scheme.mon_id 
_pdbx_nonpoly_scheme.ndb_seq_num 
_pdbx_nonpoly_scheme.pdb_seq_num 
_pdbx_nonpoly_scheme.auth_seq_num 
_pdbx_nonpoly_scheme.pdb_mon_id 
_pdbx_nonpoly_scheme.auth_mon_id 
_pdbx_nonpoly_scheme.pdb_strand_id 
_pdbx_nonpoly_scheme.pdb_ins_code 
B 2 COU 1   1001 1    COU COU A . 
C 3 CCN 1   2067 2067 CCN CCN A . 
D 4 HOH 1   2068 1    HOH HOH A . 
D 4 HOH 2   2069 2    HOH HOH A . 
D 4 HOH 3   2070 3    HOH HOH A . 
D 4 HOH 4   2071 4    HOH HOH A . 
D 4 HOH 5   2072 5    HOH HOH A . 
D 4 HOH 6   2073 6    HOH HOH A . 
D 4 HOH 7   2074 7    HOH HOH A . 
D 4 HOH 8   2075 8    HOH HOH A . 
D 4 HOH 9   2076 9    HOH HOH A . 
D 4 HOH 10  2077 10   HOH HOH A . 
D 4 HOH 11  2078 11   HOH HOH A . 
D 4 HOH 12  2079 12   HOH HOH A . 
D 4 HOH 13  2080 13   HOH HOH A . 
D 4 HOH 14  2081 14   HOH HOH A . 
D 4 HOH 15  2082 15   HOH HOH A . 
D 4 HOH 16  2083 16   HOH HOH A . 
D 4 HOH 17  2084 17   HOH HOH A . 
D 4 HOH 18  2085 18   HOH HOH A . 
D 4 HOH 19  2086 19   HOH HOH A . 
D 4 HOH 20  2087 20   HOH HOH A . 
D 4 HOH 21  2088 21   HOH HOH A . 
D 4 HOH 22  2089 22   HOH HOH A . 
D 4 HOH 23  2090 23   HOH HOH A . 
D 4 HOH 24  2091 24   HOH HOH A . 
D 4 HOH 25  2092 25   HOH HOH A . 
D 4 HOH 26  2093 26   HOH HOH A . 
D 4 HOH 27  2094 27   HOH HOH A . 
D 4 HOH 28  2095 28   HOH HOH A . 
D 4 HOH 29  2096 29   HOH HOH A . 
D 4 HOH 30  2097 30   HOH HOH A . 
D 4 HOH 31  2098 31   HOH HOH A . 
D 4 HOH 32  2099 32   HOH HOH A . 
D 4 HOH 33  2100 33   HOH HOH A . 
D 4 HOH 34  2101 34   HOH HOH A . 
D 4 HOH 35  2102 35   HOH HOH A . 
D 4 HOH 36  2103 36   HOH HOH A . 
D 4 HOH 37  2104 37   HOH HOH A . 
D 4 HOH 38  2105 38   HOH HOH A . 
D 4 HOH 39  2106 39   HOH HOH A . 
D 4 HOH 40  2107 40   HOH HOH A . 
D 4 HOH 41  2108 41   HOH HOH A . 
D 4 HOH 42  2109 42   HOH HOH A . 
D 4 HOH 43  2110 43   HOH HOH A . 
D 4 HOH 44  2111 44   HOH HOH A . 
D 4 HOH 45  2112 45   HOH HOH A . 
D 4 HOH 46  2113 46   HOH HOH A . 
D 4 HOH 47  2114 47   HOH HOH A . 
D 4 HOH 48  2115 48   HOH HOH A . 
D 4 HOH 49  2116 49   HOH HOH A . 
D 4 HOH 50  2117 50   HOH HOH A . 
D 4 HOH 51  2118 51   HOH HOH A . 
D 4 HOH 52  2119 52   HOH HOH A . 
D 4 HOH 53  2120 53   HOH HOH A . 
D 4 HOH 54  2121 54   HOH HOH A . 
D 4 HOH 55  2122 55   HOH HOH A . 
D 4 HOH 56  2123 56   HOH HOH A . 
D 4 HOH 57  2124 57   HOH HOH A . 
D 4 HOH 58  2125 58   HOH HOH A . 
D 4 HOH 59  2126 59   HOH HOH A . 
D 4 HOH 60  2127 60   HOH HOH A . 
D 4 HOH 61  2128 61   HOH HOH A . 
D 4 HOH 62  2129 62   HOH HOH A . 
D 4 HOH 63  2130 63   HOH HOH A . 
D 4 HOH 64  2131 64   HOH HOH A . 
D 4 HOH 65  2132 65   HOH HOH A . 
D 4 HOH 66  2133 66   HOH HOH A . 
D 4 HOH 67  2134 67   HOH HOH A . 
D 4 HOH 68  2135 68   HOH HOH A . 
D 4 HOH 69  2136 69   HOH HOH A . 
D 4 HOH 70  2137 70   HOH HOH A . 
D 4 HOH 71  2138 71   HOH HOH A . 
D 4 HOH 72  2139 72   HOH HOH A . 
D 4 HOH 73  2140 73   HOH HOH A . 
D 4 HOH 74  2141 74   HOH HOH A . 
D 4 HOH 75  2142 75   HOH HOH A . 
D 4 HOH 76  2143 76   HOH HOH A . 
D 4 HOH 77  2144 77   HOH HOH A . 
D 4 HOH 78  2145 78   HOH HOH A . 
D 4 HOH 79  2146 79   HOH HOH A . 
D 4 HOH 80  2147 80   HOH HOH A . 
D 4 HOH 81  2148 81   HOH HOH A . 
D 4 HOH 82  2149 82   HOH HOH A . 
D 4 HOH 83  2150 83   HOH HOH A . 
D 4 HOH 84  2151 84   HOH HOH A . 
D 4 HOH 85  2152 85   HOH HOH A . 
D 4 HOH 86  2153 86   HOH HOH A . 
D 4 HOH 87  2154 87   HOH HOH A . 
D 4 HOH 88  2155 88   HOH HOH A . 
D 4 HOH 89  2156 89   HOH HOH A . 
D 4 HOH 90  2157 90   HOH HOH A . 
D 4 HOH 91  2158 91   HOH HOH A . 
D 4 HOH 92  2159 92   HOH HOH A . 
D 4 HOH 93  2160 93   HOH HOH A . 
D 4 HOH 94  2161 94   HOH HOH A . 
D 4 HOH 95  2162 95   HOH HOH A . 
D 4 HOH 96  2163 96   HOH HOH A . 
D 4 HOH 97  2164 97   HOH HOH A . 
D 4 HOH 98  2165 98   HOH HOH A . 
D 4 HOH 99  2166 99   HOH HOH A . 
D 4 HOH 100 2167 100  HOH HOH A . 
D 4 HOH 101 2168 101  HOH HOH A . 
D 4 HOH 102 2169 102  HOH HOH A . 
D 4 HOH 103 2170 103  HOH HOH A . 
# 
loop_
_software.name 
_software.classification 
_software.version 
_software.citation_id 
_software.pdbx_ordinal 
CNS       refinement        0.9    ? 1 
MAR345    'data collection' 345DTB ? 2 
DENZO     'data reduction'  .      ? 3 
SCALEPACK 'data scaling'    .      ? 4 
AMoRE     phasing           .      ? 5 
# 
_cell.entry_id           2PMJ 
_cell.length_a           53.350 
_cell.length_b           53.350 
_cell.length_c           48.430 
_cell.angle_alpha        90.00 
_cell.angle_beta         90.00 
_cell.angle_gamma        90.00 
_cell.Z_PDB              4 
_cell.pdbx_unique_axis   ? 
_cell.length_a_esd       ? 
_cell.length_b_esd       ? 
_cell.length_c_esd       ? 
_cell.angle_alpha_esd    ? 
_cell.angle_beta_esd     ? 
_cell.angle_gamma_esd    ? 
# 
_symmetry.entry_id                         2PMJ 
_symmetry.space_group_name_H-M             'P 43' 
_symmetry.pdbx_full_space_group_name_H-M   ? 
_symmetry.cell_setting                     ? 
_symmetry.Int_Tables_number                78 
_symmetry.space_group_name_Hall            ? 
# 
_exptl.entry_id          2PMJ 
_exptl.method            'X-RAY DIFFRACTION' 
_exptl.crystals_number   1 
# 
_exptl_crystal.id                    1 
_exptl_crystal.density_meas          ? 
_exptl_crystal.density_Matthews      2.53 
_exptl_crystal.density_percent_sol   51.33 
_exptl_crystal.description           ? 
_exptl_crystal.F_000                 ? 
_exptl_crystal.preparation           ? 
# 
_exptl_crystal_grow.crystal_id      1 
_exptl_crystal_grow.method          'VAPOR DIFFUSION, HANGING DROP' 
_exptl_crystal_grow.temp            298 
_exptl_crystal_grow.temp_details    ? 
_exptl_crystal_grow.pH              6.8 
_exptl_crystal_grow.pdbx_details    '0.2M Ammonium sulphate, 30% PEG 4000, pH 6.8, VAPOR DIFFUSION, HANGING DROP, temperature 298K' 
_exptl_crystal_grow.pdbx_pH_range   . 
# 
_diffrn.id                     1 
_diffrn.ambient_temp           291 
_diffrn.ambient_temp_details   ? 
_diffrn.crystal_id             1 
# 
_diffrn_detector.diffrn_id              1 
_diffrn_detector.detector               'IMAGE PLATE' 
_diffrn_detector.type                   'MAR scanner 345 mm plate' 
_diffrn_detector.pdbx_collection_date   2007-04-12 
_diffrn_detector.details                Mirror 
# 
_diffrn_radiation.diffrn_id                        1 
_diffrn_radiation.wavelength_id                    1 
_diffrn_radiation.pdbx_monochromatic_or_laue_m_l   M 
_diffrn_radiation.monochromator                    Graphite 
_diffrn_radiation.pdbx_diffrn_protocol             'SINGLE WAVELENGTH' 
_diffrn_radiation.pdbx_scattering_type             x-ray 
# 
_diffrn_radiation_wavelength.id           1 
_diffrn_radiation_wavelength.wavelength   1.54132 
_diffrn_radiation_wavelength.wt           1.0 
# 
_diffrn_source.diffrn_id                   1 
_diffrn_source.source                      'ROTATING ANODE' 
_diffrn_source.type                        'RIGAKU RU300' 
_diffrn_source.pdbx_synchrotron_site       ? 
_diffrn_source.pdbx_synchrotron_beamline   ? 
_diffrn_source.pdbx_wavelength             ? 
_diffrn_source.pdbx_wavelength_list        1.54132 
# 
_reflns.entry_id                     2PMJ 
_reflns.observed_criterion_sigma_I   0 
_reflns.observed_criterion_sigma_F   0 
_reflns.d_resolution_low             23.86 
_reflns.d_resolution_high            2.4 
_reflns.number_obs                   5391 
_reflns.number_all                   5405 
_reflns.percent_possible_obs         99.9 
_reflns.pdbx_Rmerge_I_obs            ? 
_reflns.pdbx_Rsym_value              ? 
_reflns.pdbx_netI_over_sigmaI        ? 
_reflns.B_iso_Wilson_estimate        41.0 
_reflns.pdbx_redundancy              ? 
_reflns.R_free_details               ? 
_reflns.limit_h_max                  ? 
_reflns.limit_h_min                  ? 
_reflns.limit_k_max                  ? 
_reflns.limit_k_min                  ? 
_reflns.limit_l_max                  ? 
_reflns.limit_l_min                  ? 
_reflns.observed_criterion_F_max     ? 
_reflns.observed_criterion_F_min     ? 
_reflns.pdbx_chi_squared             ? 
_reflns.pdbx_scaling_rejects         ? 
_reflns.pdbx_diffrn_id               1 
_reflns.pdbx_ordinal                 1 
# 
_reflns_shell.d_res_high             2.4 
_reflns_shell.d_res_low              2.49 
_reflns_shell.percent_possible_all   99.6 
_reflns_shell.Rmerge_I_obs           ? 
_reflns_shell.pdbx_Rsym_value        ? 
_reflns_shell.meanI_over_sigI_obs    ? 
_reflns_shell.pdbx_redundancy        ? 
_reflns_shell.percent_possible_obs   ? 
_reflns_shell.number_unique_all      ? 
_reflns_shell.number_measured_all    ? 
_reflns_shell.number_measured_obs    ? 
_reflns_shell.number_unique_obs      ? 
_reflns_shell.pdbx_chi_squared       ? 
_reflns_shell.pdbx_diffrn_id         ? 
_reflns_shell.pdbx_ordinal           1 
# 
_refine.entry_id                                 2PMJ 
_refine.ls_number_reflns_obs                     5391 
_refine.ls_number_reflns_all                     5405 
_refine.pdbx_ls_sigma_I                          0 
_refine.pdbx_ls_sigma_F                          0.0 
_refine.pdbx_data_cutoff_high_absF               72102.41 
_refine.pdbx_data_cutoff_low_absF                0.000000 
_refine.pdbx_data_cutoff_high_rms_absF           ? 
_refine.ls_d_res_low                             23.86 
_refine.ls_d_res_high                            2.40 
_refine.ls_percent_reflns_obs                    99.6 
_refine.ls_R_factor_obs                          0.177 
_refine.ls_R_factor_all                          0.18 
_refine.ls_R_factor_R_work                       0.177 
_refine.ls_R_factor_R_free                       0.2 
_refine.ls_R_factor_R_free_error                 0.012 
_refine.ls_R_factor_R_free_error_details         ? 
_refine.ls_percent_reflns_R_free                 5.5 
_refine.ls_number_reflns_R_free                  299 
_refine.ls_number_parameters                     ? 
_refine.ls_number_restraints                     ? 
_refine.occupancy_min                            ? 
_refine.occupancy_max                            ? 
_refine.correlation_coeff_Fo_to_Fc               ? 
_refine.correlation_coeff_Fo_to_Fc_free          ? 
_refine.B_iso_mean                               33.7 
_refine.aniso_B[1][1]                            1.24 
_refine.aniso_B[2][2]                            1.24 
_refine.aniso_B[3][3]                            -2.49 
_refine.aniso_B[1][2]                            0.00 
_refine.aniso_B[1][3]                            0.00 
_refine.aniso_B[2][3]                            0.00 
_refine.solvent_model_details                    'FLAT MODEL' 
_refine.solvent_model_param_ksol                 0.299938 
_refine.solvent_model_param_bsol                 38.9518 
_refine.pdbx_solvent_vdw_probe_radii             ? 
_refine.pdbx_solvent_ion_probe_radii             ? 
_refine.pdbx_solvent_shrinkage_radii             ? 
_refine.pdbx_ls_cross_valid_method               THROUGHOUT 
_refine.details                                  ? 
_refine.pdbx_starting_model                      1SV3 
_refine.pdbx_method_to_determine_struct          'MOLECULAR REPLACEMENT' 
_refine.pdbx_isotropic_thermal_model             RESTRAINED 
_refine.pdbx_stereochemistry_target_values       'Engh & Huber' 
_refine.pdbx_stereochem_target_val_spec_case     ? 
_refine.pdbx_R_Free_selection_details            RANDOM 
_refine.pdbx_overall_ESU_R                       ? 
_refine.pdbx_overall_ESU_R_Free                  ? 
_refine.overall_SU_ML                            ? 
_refine.overall_SU_B                             ? 
_refine.ls_redundancy_reflns_obs                 ? 
_refine.B_iso_min                                ? 
_refine.B_iso_max                                ? 
_refine.overall_SU_R_Cruickshank_DPI             ? 
_refine.overall_SU_R_free                        ? 
_refine.ls_wR_factor_R_free                      ? 
_refine.ls_wR_factor_R_work                      ? 
_refine.overall_FOM_free_R_set                   ? 
_refine.overall_FOM_work_R_set                   ? 
_refine.pdbx_refine_id                           'X-RAY DIFFRACTION' 
_refine.pdbx_diffrn_id                           1 
_refine.pdbx_TLS_residual_ADP_flag               ? 
_refine.pdbx_overall_phase_error                 ? 
_refine.pdbx_overall_SU_R_free_Cruickshank_DPI   ? 
_refine.pdbx_overall_SU_R_Blow_DPI               ? 
_refine.pdbx_overall_SU_R_free_Blow_DPI          ? 
# 
_refine_analyze.entry_id                        2PMJ 
_refine_analyze.Luzzati_coordinate_error_obs    0.23 
_refine_analyze.Luzzati_sigma_a_obs             0.22 
_refine_analyze.Luzzati_d_res_low_obs           5.00 
_refine_analyze.Luzzati_coordinate_error_free   0.25 
_refine_analyze.Luzzati_sigma_a_free            0.14 
_refine_analyze.Luzzati_d_res_low_free          ? 
_refine_analyze.number_disordered_residues      ? 
_refine_analyze.occupancy_sum_hydrogen          ? 
_refine_analyze.occupancy_sum_non_hydrogen      ? 
_refine_analyze.pdbx_Luzzati_d_res_high_obs     ? 
_refine_analyze.pdbx_refine_id                  'X-RAY DIFFRACTION' 
# 
_refine_hist.pdbx_refine_id                   'X-RAY DIFFRACTION' 
_refine_hist.cycle_id                         LAST 
_refine_hist.pdbx_number_atoms_protein        944 
_refine_hist.pdbx_number_atoms_nucleic_acid   0 
_refine_hist.pdbx_number_atoms_ligand         11 
_refine_hist.number_atoms_solvent             106 
_refine_hist.number_atoms_total               1061 
_refine_hist.d_res_high                       2.40 
_refine_hist.d_res_low                        23.86 
# 
loop_
_refine_ls_restr.type 
_refine_ls_restr.dev_ideal 
_refine_ls_restr.dev_ideal_target 
_refine_ls_restr.weight 
_refine_ls_restr.number 
_refine_ls_restr.pdbx_refine_id 
_refine_ls_restr.pdbx_restraint_function 
c_bond_d                0.007 ?    ? ? 'X-RAY DIFFRACTION' ? 
c_bond_d_na             ?     ?    ? ? 'X-RAY DIFFRACTION' ? 
c_bond_d_prot           ?     ?    ? ? 'X-RAY DIFFRACTION' ? 
c_angle_d               ?     ?    ? ? 'X-RAY DIFFRACTION' ? 
c_angle_d_na            ?     ?    ? ? 'X-RAY DIFFRACTION' ? 
c_angle_d_prot          ?     ?    ? ? 'X-RAY DIFFRACTION' ? 
c_angle_deg             1.4   ?    ? ? 'X-RAY DIFFRACTION' ? 
c_angle_deg_na          ?     ?    ? ? 'X-RAY DIFFRACTION' ? 
c_angle_deg_prot        ?     ?    ? ? 'X-RAY DIFFRACTION' ? 
c_dihedral_angle_d      23.3  ?    ? ? 'X-RAY DIFFRACTION' ? 
c_dihedral_angle_d_na   ?     ?    ? ? 'X-RAY DIFFRACTION' ? 
c_dihedral_angle_d_prot ?     ?    ? ? 'X-RAY DIFFRACTION' ? 
c_improper_angle_d      0.80  ?    ? ? 'X-RAY DIFFRACTION' ? 
c_improper_angle_d_na   ?     ?    ? ? 'X-RAY DIFFRACTION' ? 
c_improper_angle_d_prot ?     ?    ? ? 'X-RAY DIFFRACTION' ? 
c_mcbond_it             1.16  1.50 ? ? 'X-RAY DIFFRACTION' ? 
c_mcangle_it            2.04  2.00 ? ? 'X-RAY DIFFRACTION' ? 
c_scbond_it             1.45  2.00 ? ? 'X-RAY DIFFRACTION' ? 
c_scangle_it            2.26  2.50 ? ? 'X-RAY DIFFRACTION' ? 
# 
_refine_ls_shell.pdbx_total_number_of_bins_used   6 
_refine_ls_shell.d_res_high                       2.40 
_refine_ls_shell.d_res_low                        2.55 
_refine_ls_shell.number_reflns_R_work             839 
_refine_ls_shell.R_factor_R_work                  0.221 
_refine_ls_shell.percent_reflns_obs               98.9 
_refine_ls_shell.R_factor_R_free                  0.22 
_refine_ls_shell.R_factor_R_free_error            0.034 
_refine_ls_shell.percent_reflns_R_free            4.8 
_refine_ls_shell.number_reflns_R_free             42 
_refine_ls_shell.number_reflns_all                ? 
_refine_ls_shell.R_factor_all                     ? 
_refine_ls_shell.number_reflns_obs                ? 
_refine_ls_shell.redundancy_reflns_obs            ? 
_refine_ls_shell.pdbx_refine_id                   'X-RAY DIFFRACTION' 
# 
loop_
_pdbx_xplor_file.serial_no 
_pdbx_xplor_file.param_file 
_pdbx_xplor_file.topol_file 
_pdbx_xplor_file.pdbx_refine_id 
1 protein_rep.param protein.top 'X-RAY DIFFRACTION' 
2 ion.param         water.top   'X-RAY DIFFRACTION' 
3 water_rep.param   cou.top     'X-RAY DIFFRACTION' 
4 cou.par           ion.top     'X-RAY DIFFRACTION' 
# 
_struct.entry_id                  2PMJ 
_struct.title                     
'Crystal structure of the complex formed between phospholipase A2 and 1, 2 benzopyrone at 2.4 A resolution' 
_struct.pdbx_model_details        ? 
_struct.pdbx_CASP_flag            ? 
_struct.pdbx_model_type_details   ? 
# 
_struct_keywords.entry_id        2PMJ 
_struct_keywords.pdbx_keywords   HYDROLASE 
_struct_keywords.text            'complex, Hydrolase' 
# 
loop_
_struct_asym.id 
_struct_asym.pdbx_blank_PDB_chainid_flag 
_struct_asym.pdbx_modified 
_struct_asym.entity_id 
_struct_asym.details 
A N N 1 ? 
B N N 2 ? 
C N N 3 ? 
D N N 4 ? 
# 
_struct_ref.id                         1 
_struct_ref.db_name                    UNP 
_struct_ref.db_code                    PA28_DABRP 
_struct_ref.pdbx_db_accession          P59071 
_struct_ref.entity_id                  1 
_struct_ref.pdbx_seq_one_letter_code   
;SLLEFGKMILEETGKLAIPSYSSYGCYCGWGGKGTPKDATDRCCFVHDCCYGNLPDCNPKSDRYKYKRVNGAIVCEKGTS
CENRICECDKAAAICFRQNLNTYSKKYMLYPDFLCKGELKC
;
_struct_ref.pdbx_align_begin           1 
_struct_ref.pdbx_db_isoform            ? 
# 
_struct_ref_seq.align_id                      1 
_struct_ref_seq.ref_id                        1 
_struct_ref_seq.pdbx_PDB_id_code              2PMJ 
_struct_ref_seq.pdbx_strand_id                A 
_struct_ref_seq.seq_align_beg                 1 
_struct_ref_seq.pdbx_seq_align_beg_ins_code   ? 
_struct_ref_seq.seq_align_end                 121 
_struct_ref_seq.pdbx_seq_align_end_ins_code   ? 
_struct_ref_seq.pdbx_db_accession             P59071 
_struct_ref_seq.db_align_beg                  1 
_struct_ref_seq.pdbx_db_align_beg_ins_code    ? 
_struct_ref_seq.db_align_end                  121 
_struct_ref_seq.pdbx_db_align_end_ins_code    ? 
_struct_ref_seq.pdbx_auth_seq_align_beg       1 
_struct_ref_seq.pdbx_auth_seq_align_end       133 
# 
_pdbx_struct_assembly.id                   1 
_pdbx_struct_assembly.details              author_defined_assembly 
_pdbx_struct_assembly.method_details       ? 
_pdbx_struct_assembly.oligomeric_details   monomeric 
_pdbx_struct_assembly.oligomeric_count     1 
# 
_pdbx_struct_assembly_gen.assembly_id       1 
_pdbx_struct_assembly_gen.oper_expression   1 
_pdbx_struct_assembly_gen.asym_id_list      A,B,C,D 
# 
_pdbx_struct_oper_list.id                   1 
_pdbx_struct_oper_list.type                 'identity operation' 
_pdbx_struct_oper_list.name                 1_555 
_pdbx_struct_oper_list.symmetry_operation   x,y,z 
_pdbx_struct_oper_list.matrix[1][1]         1.0000000000 
_pdbx_struct_oper_list.matrix[1][2]         0.0000000000 
_pdbx_struct_oper_list.matrix[1][3]         0.0000000000 
_pdbx_struct_oper_list.vector[1]            0.0000000000 
_pdbx_struct_oper_list.matrix[2][1]         0.0000000000 
_pdbx_struct_oper_list.matrix[2][2]         1.0000000000 
_pdbx_struct_oper_list.matrix[2][3]         0.0000000000 
_pdbx_struct_oper_list.vector[2]            0.0000000000 
_pdbx_struct_oper_list.matrix[3][1]         0.0000000000 
_pdbx_struct_oper_list.matrix[3][2]         0.0000000000 
_pdbx_struct_oper_list.matrix[3][3]         1.0000000000 
_pdbx_struct_oper_list.vector[3]            0.0000000000 
# 
loop_
_struct_conf.conf_type_id 
_struct_conf.id 
_struct_conf.pdbx_PDB_helix_id 
_struct_conf.beg_label_comp_id 
_struct_conf.beg_label_asym_id 
_struct_conf.beg_label_seq_id 
_struct_conf.pdbx_beg_PDB_ins_code 
_struct_conf.end_label_comp_id 
_struct_conf.end_label_asym_id 
_struct_conf.end_label_seq_id 
_struct_conf.pdbx_end_PDB_ins_code 
_struct_conf.beg_auth_comp_id 
_struct_conf.beg_auth_asym_id 
_struct_conf.beg_auth_seq_id 
_struct_conf.end_auth_comp_id 
_struct_conf.end_auth_asym_id 
_struct_conf.end_auth_seq_id 
_struct_conf.pdbx_PDB_helix_class 
_struct_conf.details 
_struct_conf.pdbx_PDB_helix_length 
HELX_P HELX_P1 1 SER A 1   ? GLY A 14  ? SER A 1   GLY A 14  1 ? 14 
HELX_P HELX_P2 2 LEU A 16  ? TYR A 21  ? LEU A 17  TYR A 22  1 ? 6  
HELX_P HELX_P3 3 ASP A 38  ? ASN A 53  ? ASP A 39  ASN A 54  1 ? 16 
HELX_P HELX_P4 4 THR A 79  ? ASN A 99  ? THR A 89  ASN A 109 1 ? 21 
HELX_P HELX_P5 5 LEU A 100 ? TYR A 103 ? LEU A 110 TYR A 113 5 ? 4  
HELX_P HELX_P6 6 SER A 104 ? MET A 108 ? SER A 114 MET A 118 5 ? 5  
HELX_P HELX_P7 7 PRO A 111 ? CYS A 115 ? PRO A 121 CYS A 126 5 ? 5  
# 
_struct_conf_type.id          HELX_P 
_struct_conf_type.criteria    ? 
_struct_conf_type.reference   ? 
# 
loop_
_struct_conn.id 
_struct_conn.conn_type_id 
_struct_conn.pdbx_leaving_atom_flag 
_struct_conn.pdbx_PDB_id 
_struct_conn.ptnr1_label_asym_id 
_struct_conn.ptnr1_label_comp_id 
_struct_conn.ptnr1_label_seq_id 
_struct_conn.ptnr1_label_atom_id 
_struct_conn.pdbx_ptnr1_label_alt_id 
_struct_conn.pdbx_ptnr1_PDB_ins_code 
_struct_conn.pdbx_ptnr1_standard_comp_id 
_struct_conn.ptnr1_symmetry 
_struct_conn.ptnr2_label_asym_id 
_struct_conn.ptnr2_label_comp_id 
_struct_conn.ptnr2_label_seq_id 
_struct_conn.ptnr2_label_atom_id 
_struct_conn.pdbx_ptnr2_label_alt_id 
_struct_conn.pdbx_ptnr2_PDB_ins_code 
_struct_conn.ptnr1_auth_asym_id 
_struct_conn.ptnr1_auth_comp_id 
_struct_conn.ptnr1_auth_seq_id 
_struct_conn.ptnr2_auth_asym_id 
_struct_conn.ptnr2_auth_comp_id 
_struct_conn.ptnr2_auth_seq_id 
_struct_conn.ptnr2_symmetry 
_struct_conn.pdbx_ptnr3_label_atom_id 
_struct_conn.pdbx_ptnr3_label_seq_id 
_struct_conn.pdbx_ptnr3_label_comp_id 
_struct_conn.pdbx_ptnr3_label_asym_id 
_struct_conn.pdbx_ptnr3_label_alt_id 
_struct_conn.pdbx_ptnr3_PDB_ins_code 
_struct_conn.details 
_struct_conn.pdbx_dist_value 
_struct_conn.pdbx_value_order 
_struct_conn.pdbx_role 
disulf1 disulf ? ? A CYS 26 SG ? ? ? 1_555 A CYS 115 SG ? ? A CYS 27 A CYS 126 1_555 ? ? ? ? ? ? ? 2.032 ? ? 
disulf2 disulf ? ? A CYS 28 SG ? ? ? 1_555 A CYS 44  SG ? ? A CYS 29 A CYS 45  1_555 ? ? ? ? ? ? ? 2.028 ? ? 
disulf3 disulf ? ? A CYS 43 SG ? ? ? 1_555 A CYS 95  SG ? ? A CYS 44 A CYS 105 1_555 ? ? ? ? ? ? ? 2.029 ? ? 
disulf4 disulf ? ? A CYS 49 SG ? ? ? 1_555 A CYS 121 SG ? ? A CYS 50 A CYS 133 1_555 ? ? ? ? ? ? ? 2.028 ? ? 
disulf5 disulf ? ? A CYS 50 SG ? ? ? 1_555 A CYS 88  SG ? ? A CYS 51 A CYS 98  1_555 ? ? ? ? ? ? ? 2.024 ? ? 
disulf6 disulf ? ? A CYS 57 SG ? ? ? 1_555 A CYS 81  SG ? ? A CYS 61 A CYS 91  1_555 ? ? ? ? ? ? ? 2.031 ? ? 
disulf7 disulf ? ? A CYS 75 SG ? ? ? 1_555 A CYS 86  SG ? ? A CYS 84 A CYS 96  1_555 ? ? ? ? ? ? ? 2.032 ? ? 
# 
_struct_conn_type.id          disulf 
_struct_conn_type.criteria    ? 
_struct_conn_type.reference   ? 
# 
loop_
_pdbx_modification_feature.ordinal 
_pdbx_modification_feature.label_comp_id 
_pdbx_modification_feature.label_asym_id 
_pdbx_modification_feature.label_seq_id 
_pdbx_modification_feature.label_alt_id 
_pdbx_modification_feature.modified_residue_label_comp_id 
_pdbx_modification_feature.modified_residue_label_asym_id 
_pdbx_modification_feature.modified_residue_label_seq_id 
_pdbx_modification_feature.modified_residue_label_alt_id 
_pdbx_modification_feature.auth_comp_id 
_pdbx_modification_feature.auth_asym_id 
_pdbx_modification_feature.auth_seq_id 
_pdbx_modification_feature.PDB_ins_code 
_pdbx_modification_feature.symmetry 
_pdbx_modification_feature.modified_residue_auth_comp_id 
_pdbx_modification_feature.modified_residue_auth_asym_id 
_pdbx_modification_feature.modified_residue_auth_seq_id 
_pdbx_modification_feature.modified_residue_PDB_ins_code 
_pdbx_modification_feature.modified_residue_symmetry 
_pdbx_modification_feature.comp_id_linking_atom 
_pdbx_modification_feature.modified_residue_id_linking_atom 
_pdbx_modification_feature.modified_residue_id 
_pdbx_modification_feature.ref_pcm_id 
_pdbx_modification_feature.ref_comp_id 
_pdbx_modification_feature.type 
_pdbx_modification_feature.category 
1 CYS A 26 ? CYS A 115 ? CYS A 27 ? 1_555 CYS A 126 ? 1_555 SG SG . . . None 'Disulfide bridge' 
2 CYS A 28 ? CYS A 44  ? CYS A 29 ? 1_555 CYS A 45  ? 1_555 SG SG . . . None 'Disulfide bridge' 
3 CYS A 43 ? CYS A 95  ? CYS A 44 ? 1_555 CYS A 105 ? 1_555 SG SG . . . None 'Disulfide bridge' 
4 CYS A 49 ? CYS A 121 ? CYS A 50 ? 1_555 CYS A 133 ? 1_555 SG SG . . . None 'Disulfide bridge' 
5 CYS A 50 ? CYS A 88  ? CYS A 51 ? 1_555 CYS A 98  ? 1_555 SG SG . . . None 'Disulfide bridge' 
6 CYS A 57 ? CYS A 81  ? CYS A 61 ? 1_555 CYS A 91  ? 1_555 SG SG . . . None 'Disulfide bridge' 
7 CYS A 75 ? CYS A 86  ? CYS A 84 ? 1_555 CYS A 96  ? 1_555 SG SG . . . None 'Disulfide bridge' 
# 
_struct_mon_prot_cis.pdbx_id                1 
_struct_mon_prot_cis.label_comp_id          ILE 
_struct_mon_prot_cis.label_seq_id           18 
_struct_mon_prot_cis.label_asym_id          A 
_struct_mon_prot_cis.label_alt_id           . 
_struct_mon_prot_cis.pdbx_PDB_ins_code      ? 
_struct_mon_prot_cis.auth_comp_id           ILE 
_struct_mon_prot_cis.auth_seq_id            19 
_struct_mon_prot_cis.auth_asym_id           A 
_struct_mon_prot_cis.pdbx_label_comp_id_2   PRO 
_struct_mon_prot_cis.pdbx_label_seq_id_2    19 
_struct_mon_prot_cis.pdbx_label_asym_id_2   A 
_struct_mon_prot_cis.pdbx_PDB_ins_code_2    ? 
_struct_mon_prot_cis.pdbx_auth_comp_id_2    PRO 
_struct_mon_prot_cis.pdbx_auth_seq_id_2     20 
_struct_mon_prot_cis.pdbx_auth_asym_id_2    A 
_struct_mon_prot_cis.pdbx_PDB_model_num     1 
_struct_mon_prot_cis.pdbx_omega_angle       0.63 
# 
_struct_sheet.id               A 
_struct_sheet.type             ? 
_struct_sheet.number_strands   2 
_struct_sheet.details          ? 
# 
_struct_sheet_order.sheet_id     A 
_struct_sheet_order.range_id_1   1 
_struct_sheet_order.range_id_2   2 
_struct_sheet_order.offset       ? 
_struct_sheet_order.sense        anti-parallel 
# 
loop_
_struct_sheet_range.sheet_id 
_struct_sheet_range.id 
_struct_sheet_range.beg_label_comp_id 
_struct_sheet_range.beg_label_asym_id 
_struct_sheet_range.beg_label_seq_id 
_struct_sheet_range.pdbx_beg_PDB_ins_code 
_struct_sheet_range.end_label_comp_id 
_struct_sheet_range.end_label_asym_id 
_struct_sheet_range.end_label_seq_id 
_struct_sheet_range.pdbx_end_PDB_ins_code 
_struct_sheet_range.beg_auth_comp_id 
_struct_sheet_range.beg_auth_asym_id 
_struct_sheet_range.beg_auth_seq_id 
_struct_sheet_range.end_auth_comp_id 
_struct_sheet_range.end_auth_asym_id 
_struct_sheet_range.end_auth_seq_id 
A 1 TYR A 66 ? VAL A 69 ? TYR A 75 VAL A 78 
A 2 ALA A 72 ? CYS A 75 ? ALA A 81 CYS A 84 
# 
_pdbx_struct_sheet_hbond.sheet_id                A 
_pdbx_struct_sheet_hbond.range_id_1              1 
_pdbx_struct_sheet_hbond.range_id_2              2 
_pdbx_struct_sheet_hbond.range_1_label_atom_id   N 
_pdbx_struct_sheet_hbond.range_1_label_comp_id   LYS 
_pdbx_struct_sheet_hbond.range_1_label_asym_id   A 
_pdbx_struct_sheet_hbond.range_1_label_seq_id    67 
_pdbx_struct_sheet_hbond.range_1_PDB_ins_code    ? 
_pdbx_struct_sheet_hbond.range_1_auth_atom_id    N 
_pdbx_struct_sheet_hbond.range_1_auth_comp_id    LYS 
_pdbx_struct_sheet_hbond.range_1_auth_asym_id    A 
_pdbx_struct_sheet_hbond.range_1_auth_seq_id     76 
_pdbx_struct_sheet_hbond.range_2_label_atom_id   O 
_pdbx_struct_sheet_hbond.range_2_label_comp_id   VAL 
_pdbx_struct_sheet_hbond.range_2_label_asym_id   A 
_pdbx_struct_sheet_hbond.range_2_label_seq_id    74 
_pdbx_struct_sheet_hbond.range_2_PDB_ins_code    ? 
_pdbx_struct_sheet_hbond.range_2_auth_atom_id    O 
_pdbx_struct_sheet_hbond.range_2_auth_comp_id    VAL 
_pdbx_struct_sheet_hbond.range_2_auth_asym_id    A 
_pdbx_struct_sheet_hbond.range_2_auth_seq_id     83 
# 
loop_
_struct_site.id 
_struct_site.pdbx_evidence_code 
_struct_site.pdbx_auth_asym_id 
_struct_site.pdbx_auth_comp_id 
_struct_site.pdbx_auth_seq_id 
_struct_site.pdbx_auth_ins_code 
_struct_site.pdbx_num_residues 
_struct_site.details 
AC1 Software A COU 1001 ? 5 'BINDING SITE FOR RESIDUE COU A 1001' 
AC2 Software A CCN 2067 ? 2 'BINDING SITE FOR RESIDUE CCN A 2067' 
# 
loop_
_struct_site_gen.id 
_struct_site_gen.site_id 
_struct_site_gen.pdbx_num_res 
_struct_site_gen.label_comp_id 
_struct_site_gen.label_asym_id 
_struct_site_gen.label_seq_id 
_struct_site_gen.pdbx_auth_ins_code 
_struct_site_gen.auth_comp_id 
_struct_site_gen.auth_asym_id 
_struct_site_gen.auth_seq_id 
_struct_site_gen.label_atom_id 
_struct_site_gen.label_alt_id 
_struct_site_gen.symmetry 
_struct_site_gen.details 
1 AC1 5 LEU A 2   ? LEU A 2    . ? 1_555 ? 
2 AC1 5 ILE A 18  ? ILE A 19   . ? 1_555 ? 
3 AC1 5 GLY A 29  ? GLY A 30   . ? 1_555 ? 
4 AC1 5 ASN A 101 ? ASN A 111  . ? 2_454 ? 
5 AC1 5 HOH D .   ? HOH A 2166 . ? 1_555 ? 
6 AC2 2 LYS A 120 ? LYS A 131  . ? 4_445 ? 
7 AC2 2 HOH D .   ? HOH A 2129 . ? 1_555 ? 
# 
_pdbx_entry_details.entry_id                   2PMJ 
_pdbx_entry_details.compound_details           ? 
_pdbx_entry_details.source_details             ? 
_pdbx_entry_details.nonpolymer_details         ? 
_pdbx_entry_details.sequence_details           ? 
_pdbx_entry_details.has_ligand_of_interest     ? 
_pdbx_entry_details.has_protein_modification   Y 
# 
_pdbx_validate_rmsd_angle.id                         1 
_pdbx_validate_rmsd_angle.PDB_model_num              1 
_pdbx_validate_rmsd_angle.auth_atom_id_1             N 
_pdbx_validate_rmsd_angle.auth_asym_id_1             A 
_pdbx_validate_rmsd_angle.auth_comp_id_1             GLY 
_pdbx_validate_rmsd_angle.auth_seq_id_1              32 
_pdbx_validate_rmsd_angle.PDB_ins_code_1             ? 
_pdbx_validate_rmsd_angle.label_alt_id_1             ? 
_pdbx_validate_rmsd_angle.auth_atom_id_2             CA 
_pdbx_validate_rmsd_angle.auth_asym_id_2             A 
_pdbx_validate_rmsd_angle.auth_comp_id_2             GLY 
_pdbx_validate_rmsd_angle.auth_seq_id_2              32 
_pdbx_validate_rmsd_angle.PDB_ins_code_2             ? 
_pdbx_validate_rmsd_angle.label_alt_id_2             ? 
_pdbx_validate_rmsd_angle.auth_atom_id_3             C 
_pdbx_validate_rmsd_angle.auth_asym_id_3             A 
_pdbx_validate_rmsd_angle.auth_comp_id_3             GLY 
_pdbx_validate_rmsd_angle.auth_seq_id_3              32 
_pdbx_validate_rmsd_angle.PDB_ins_code_3             ? 
_pdbx_validate_rmsd_angle.label_alt_id_3             ? 
_pdbx_validate_rmsd_angle.angle_value                89.82 
_pdbx_validate_rmsd_angle.angle_target_value         113.10 
_pdbx_validate_rmsd_angle.angle_deviation            -23.28 
_pdbx_validate_rmsd_angle.angle_standard_deviation   2.50 
_pdbx_validate_rmsd_angle.linker_flag                N 
# 
loop_
_pdbx_validate_torsion.id 
_pdbx_validate_torsion.PDB_model_num 
_pdbx_validate_torsion.auth_comp_id 
_pdbx_validate_torsion.auth_asym_id 
_pdbx_validate_torsion.auth_seq_id 
_pdbx_validate_torsion.PDB_ins_code 
_pdbx_validate_torsion.label_alt_id 
_pdbx_validate_torsion.phi 
_pdbx_validate_torsion.psi 
1 1 SER A 24  ? ? -145.04 27.90  
2 1 LEU A 130 ? ? -162.03 108.19 
# 
loop_
_chem_comp_atom.comp_id 
_chem_comp_atom.atom_id 
_chem_comp_atom.type_symbol 
_chem_comp_atom.pdbx_aromatic_flag 
_chem_comp_atom.pdbx_stereo_config 
_chem_comp_atom.pdbx_ordinal 
ALA N    N N N 1   
ALA CA   C N S 2   
ALA C    C N N 3   
ALA O    O N N 4   
ALA CB   C N N 5   
ALA OXT  O N N 6   
ALA H    H N N 7   
ALA H2   H N N 8   
ALA HA   H N N 9   
ALA HB1  H N N 10  
ALA HB2  H N N 11  
ALA HB3  H N N 12  
ALA HXT  H N N 13  
ARG N    N N N 14  
ARG CA   C N S 15  
ARG C    C N N 16  
ARG O    O N N 17  
ARG CB   C N N 18  
ARG CG   C N N 19  
ARG CD   C N N 20  
ARG NE   N N N 21  
ARG CZ   C N N 22  
ARG NH1  N N N 23  
ARG NH2  N N N 24  
ARG OXT  O N N 25  
ARG H    H N N 26  
ARG H2   H N N 27  
ARG HA   H N N 28  
ARG HB2  H N N 29  
ARG HB3  H N N 30  
ARG HG2  H N N 31  
ARG HG3  H N N 32  
ARG HD2  H N N 33  
ARG HD3  H N N 34  
ARG HE   H N N 35  
ARG HH11 H N N 36  
ARG HH12 H N N 37  
ARG HH21 H N N 38  
ARG HH22 H N N 39  
ARG HXT  H N N 40  
ASN N    N N N 41  
ASN CA   C N S 42  
ASN C    C N N 43  
ASN O    O N N 44  
ASN CB   C N N 45  
ASN CG   C N N 46  
ASN OD1  O N N 47  
ASN ND2  N N N 48  
ASN OXT  O N N 49  
ASN H    H N N 50  
ASN H2   H N N 51  
ASN HA   H N N 52  
ASN HB2  H N N 53  
ASN HB3  H N N 54  
ASN HD21 H N N 55  
ASN HD22 H N N 56  
ASN HXT  H N N 57  
ASP N    N N N 58  
ASP CA   C N S 59  
ASP C    C N N 60  
ASP O    O N N 61  
ASP CB   C N N 62  
ASP CG   C N N 63  
ASP OD1  O N N 64  
ASP OD2  O N N 65  
ASP OXT  O N N 66  
ASP H    H N N 67  
ASP H2   H N N 68  
ASP HA   H N N 69  
ASP HB2  H N N 70  
ASP HB3  H N N 71  
ASP HD2  H N N 72  
ASP HXT  H N N 73  
CCN N    N N N 74  
CCN C1   C N N 75  
CCN C2   C N N 76  
CCN H21  H N N 77  
CCN H22  H N N 78  
CCN H23  H N N 79  
COU C1   C Y N 80  
COU C2   C Y N 81  
COU C3   C Y N 82  
COU C4   C Y N 83  
COU C5   C Y N 84  
COU C6   C Y N 85  
COU C7   C Y N 86  
COU C8   C Y N 87  
COU C9   C Y N 88  
COU O1   O N N 89  
COU O2   O Y N 90  
COU H2   H N N 91  
COU H3   H N N 92  
COU H5   H N N 93  
COU H6   H N N 94  
COU H7   H N N 95  
COU H8   H N N 96  
CYS N    N N N 97  
CYS CA   C N R 98  
CYS C    C N N 99  
CYS O    O N N 100 
CYS CB   C N N 101 
CYS SG   S N N 102 
CYS OXT  O N N 103 
CYS H    H N N 104 
CYS H2   H N N 105 
CYS HA   H N N 106 
CYS HB2  H N N 107 
CYS HB3  H N N 108 
CYS HG   H N N 109 
CYS HXT  H N N 110 
GLN N    N N N 111 
GLN CA   C N S 112 
GLN C    C N N 113 
GLN O    O N N 114 
GLN CB   C N N 115 
GLN CG   C N N 116 
GLN CD   C N N 117 
GLN OE1  O N N 118 
GLN NE2  N N N 119 
GLN OXT  O N N 120 
GLN H    H N N 121 
GLN H2   H N N 122 
GLN HA   H N N 123 
GLN HB2  H N N 124 
GLN HB3  H N N 125 
GLN HG2  H N N 126 
GLN HG3  H N N 127 
GLN HE21 H N N 128 
GLN HE22 H N N 129 
GLN HXT  H N N 130 
GLU N    N N N 131 
GLU CA   C N S 132 
GLU C    C N N 133 
GLU O    O N N 134 
GLU CB   C N N 135 
GLU CG   C N N 136 
GLU CD   C N N 137 
GLU OE1  O N N 138 
GLU OE2  O N N 139 
GLU OXT  O N N 140 
GLU H    H N N 141 
GLU H2   H N N 142 
GLU HA   H N N 143 
GLU HB2  H N N 144 
GLU HB3  H N N 145 
GLU HG2  H N N 146 
GLU HG3  H N N 147 
GLU HE2  H N N 148 
GLU HXT  H N N 149 
GLY N    N N N 150 
GLY CA   C N N 151 
GLY C    C N N 152 
GLY O    O N N 153 
GLY OXT  O N N 154 
GLY H    H N N 155 
GLY H2   H N N 156 
GLY HA2  H N N 157 
GLY HA3  H N N 158 
GLY HXT  H N N 159 
HIS N    N N N 160 
HIS CA   C N S 161 
HIS C    C N N 162 
HIS O    O N N 163 
HIS CB   C N N 164 
HIS CG   C Y N 165 
HIS ND1  N Y N 166 
HIS CD2  C Y N 167 
HIS CE1  C Y N 168 
HIS NE2  N Y N 169 
HIS OXT  O N N 170 
HIS H    H N N 171 
HIS H2   H N N 172 
HIS HA   H N N 173 
HIS HB2  H N N 174 
HIS HB3  H N N 175 
HIS HD1  H N N 176 
HIS HD2  H N N 177 
HIS HE1  H N N 178 
HIS HE2  H N N 179 
HIS HXT  H N N 180 
HOH O    O N N 181 
HOH H1   H N N 182 
HOH H2   H N N 183 
ILE N    N N N 184 
ILE CA   C N S 185 
ILE C    C N N 186 
ILE O    O N N 187 
ILE CB   C N S 188 
ILE CG1  C N N 189 
ILE CG2  C N N 190 
ILE CD1  C N N 191 
ILE OXT  O N N 192 
ILE H    H N N 193 
ILE H2   H N N 194 
ILE HA   H N N 195 
ILE HB   H N N 196 
ILE HG12 H N N 197 
ILE HG13 H N N 198 
ILE HG21 H N N 199 
ILE HG22 H N N 200 
ILE HG23 H N N 201 
ILE HD11 H N N 202 
ILE HD12 H N N 203 
ILE HD13 H N N 204 
ILE HXT  H N N 205 
LEU N    N N N 206 
LEU CA   C N S 207 
LEU C    C N N 208 
LEU O    O N N 209 
LEU CB   C N N 210 
LEU CG   C N N 211 
LEU CD1  C N N 212 
LEU CD2  C N N 213 
LEU OXT  O N N 214 
LEU H    H N N 215 
LEU H2   H N N 216 
LEU HA   H N N 217 
LEU HB2  H N N 218 
LEU HB3  H N N 219 
LEU HG   H N N 220 
LEU HD11 H N N 221 
LEU HD12 H N N 222 
LEU HD13 H N N 223 
LEU HD21 H N N 224 
LEU HD22 H N N 225 
LEU HD23 H N N 226 
LEU HXT  H N N 227 
LYS N    N N N 228 
LYS CA   C N S 229 
LYS C    C N N 230 
LYS O    O N N 231 
LYS CB   C N N 232 
LYS CG   C N N 233 
LYS CD   C N N 234 
LYS CE   C N N 235 
LYS NZ   N N N 236 
LYS OXT  O N N 237 
LYS H    H N N 238 
LYS H2   H N N 239 
LYS HA   H N N 240 
LYS HB2  H N N 241 
LYS HB3  H N N 242 
LYS HG2  H N N 243 
LYS HG3  H N N 244 
LYS HD2  H N N 245 
LYS HD3  H N N 246 
LYS HE2  H N N 247 
LYS HE3  H N N 248 
LYS HZ1  H N N 249 
LYS HZ2  H N N 250 
LYS HZ3  H N N 251 
LYS HXT  H N N 252 
MET N    N N N 253 
MET CA   C N S 254 
MET C    C N N 255 
MET O    O N N 256 
MET CB   C N N 257 
MET CG   C N N 258 
MET SD   S N N 259 
MET CE   C N N 260 
MET OXT  O N N 261 
MET H    H N N 262 
MET H2   H N N 263 
MET HA   H N N 264 
MET HB2  H N N 265 
MET HB3  H N N 266 
MET HG2  H N N 267 
MET HG3  H N N 268 
MET HE1  H N N 269 
MET HE2  H N N 270 
MET HE3  H N N 271 
MET HXT  H N N 272 
PHE N    N N N 273 
PHE CA   C N S 274 
PHE C    C N N 275 
PHE O    O N N 276 
PHE CB   C N N 277 
PHE CG   C Y N 278 
PHE CD1  C Y N 279 
PHE CD2  C Y N 280 
PHE CE1  C Y N 281 
PHE CE2  C Y N 282 
PHE CZ   C Y N 283 
PHE OXT  O N N 284 
PHE H    H N N 285 
PHE H2   H N N 286 
PHE HA   H N N 287 
PHE HB2  H N N 288 
PHE HB3  H N N 289 
PHE HD1  H N N 290 
PHE HD2  H N N 291 
PHE HE1  H N N 292 
PHE HE2  H N N 293 
PHE HZ   H N N 294 
PHE HXT  H N N 295 
PRO N    N N N 296 
PRO CA   C N S 297 
PRO C    C N N 298 
PRO O    O N N 299 
PRO CB   C N N 300 
PRO CG   C N N 301 
PRO CD   C N N 302 
PRO OXT  O N N 303 
PRO H    H N N 304 
PRO HA   H N N 305 
PRO HB2  H N N 306 
PRO HB3  H N N 307 
PRO HG2  H N N 308 
PRO HG3  H N N 309 
PRO HD2  H N N 310 
PRO HD3  H N N 311 
PRO HXT  H N N 312 
SER N    N N N 313 
SER CA   C N S 314 
SER C    C N N 315 
SER O    O N N 316 
SER CB   C N N 317 
SER OG   O N N 318 
SER OXT  O N N 319 
SER H    H N N 320 
SER H2   H N N 321 
SER HA   H N N 322 
SER HB2  H N N 323 
SER HB3  H N N 324 
SER HG   H N N 325 
SER HXT  H N N 326 
THR N    N N N 327 
THR CA   C N S 328 
THR C    C N N 329 
THR O    O N N 330 
THR CB   C N R 331 
THR OG1  O N N 332 
THR CG2  C N N 333 
THR OXT  O N N 334 
THR H    H N N 335 
THR H2   H N N 336 
THR HA   H N N 337 
THR HB   H N N 338 
THR HG1  H N N 339 
THR HG21 H N N 340 
THR HG22 H N N 341 
THR HG23 H N N 342 
THR HXT  H N N 343 
TRP N    N N N 344 
TRP CA   C N S 345 
TRP C    C N N 346 
TRP O    O N N 347 
TRP CB   C N N 348 
TRP CG   C Y N 349 
TRP CD1  C Y N 350 
TRP CD2  C Y N 351 
TRP NE1  N Y N 352 
TRP CE2  C Y N 353 
TRP CE3  C Y N 354 
TRP CZ2  C Y N 355 
TRP CZ3  C Y N 356 
TRP CH2  C Y N 357 
TRP OXT  O N N 358 
TRP H    H N N 359 
TRP H2   H N N 360 
TRP HA   H N N 361 
TRP HB2  H N N 362 
TRP HB3  H N N 363 
TRP HD1  H N N 364 
TRP HE1  H N N 365 
TRP HE3  H N N 366 
TRP HZ2  H N N 367 
TRP HZ3  H N N 368 
TRP HH2  H N N 369 
TRP HXT  H N N 370 
TYR N    N N N 371 
TYR CA   C N S 372 
TYR C    C N N 373 
TYR O    O N N 374 
TYR CB   C N N 375 
TYR CG   C Y N 376 
TYR CD1  C Y N 377 
TYR CD2  C Y N 378 
TYR CE1  C Y N 379 
TYR CE2  C Y N 380 
TYR CZ   C Y N 381 
TYR OH   O N N 382 
TYR OXT  O N N 383 
TYR H    H N N 384 
TYR H2   H N N 385 
TYR HA   H N N 386 
TYR HB2  H N N 387 
TYR HB3  H N N 388 
TYR HD1  H N N 389 
TYR HD2  H N N 390 
TYR HE1  H N N 391 
TYR HE2  H N N 392 
TYR HH   H N N 393 
TYR HXT  H N N 394 
VAL N    N N N 395 
VAL CA   C N S 396 
VAL C    C N N 397 
VAL O    O N N 398 
VAL CB   C N N 399 
VAL CG1  C N N 400 
VAL CG2  C N N 401 
VAL OXT  O N N 402 
VAL H    H N N 403 
VAL H2   H N N 404 
VAL HA   H N N 405 
VAL HB   H N N 406 
VAL HG11 H N N 407 
VAL HG12 H N N 408 
VAL HG13 H N N 409 
VAL HG21 H N N 410 
VAL HG22 H N N 411 
VAL HG23 H N N 412 
VAL HXT  H N N 413 
# 
loop_
_chem_comp_bond.comp_id 
_chem_comp_bond.atom_id_1 
_chem_comp_bond.atom_id_2 
_chem_comp_bond.value_order 
_chem_comp_bond.pdbx_aromatic_flag 
_chem_comp_bond.pdbx_stereo_config 
_chem_comp_bond.pdbx_ordinal 
ALA N   CA   sing N N 1   
ALA N   H    sing N N 2   
ALA N   H2   sing N N 3   
ALA CA  C    sing N N 4   
ALA CA  CB   sing N N 5   
ALA CA  HA   sing N N 6   
ALA C   O    doub N N 7   
ALA C   OXT  sing N N 8   
ALA CB  HB1  sing N N 9   
ALA CB  HB2  sing N N 10  
ALA CB  HB3  sing N N 11  
ALA OXT HXT  sing N N 12  
ARG N   CA   sing N N 13  
ARG N   H    sing N N 14  
ARG N   H2   sing N N 15  
ARG CA  C    sing N N 16  
ARG CA  CB   sing N N 17  
ARG CA  HA   sing N N 18  
ARG C   O    doub N N 19  
ARG C   OXT  sing N N 20  
ARG CB  CG   sing N N 21  
ARG CB  HB2  sing N N 22  
ARG CB  HB3  sing N N 23  
ARG CG  CD   sing N N 24  
ARG CG  HG2  sing N N 25  
ARG CG  HG3  sing N N 26  
ARG CD  NE   sing N N 27  
ARG CD  HD2  sing N N 28  
ARG CD  HD3  sing N N 29  
ARG NE  CZ   sing N N 30  
ARG NE  HE   sing N N 31  
ARG CZ  NH1  sing N N 32  
ARG CZ  NH2  doub N N 33  
ARG NH1 HH11 sing N N 34  
ARG NH1 HH12 sing N N 35  
ARG NH2 HH21 sing N N 36  
ARG NH2 HH22 sing N N 37  
ARG OXT HXT  sing N N 38  
ASN N   CA   sing N N 39  
ASN N   H    sing N N 40  
ASN N   H2   sing N N 41  
ASN CA  C    sing N N 42  
ASN CA  CB   sing N N 43  
ASN CA  HA   sing N N 44  
ASN C   O    doub N N 45  
ASN C   OXT  sing N N 46  
ASN CB  CG   sing N N 47  
ASN CB  HB2  sing N N 48  
ASN CB  HB3  sing N N 49  
ASN CG  OD1  doub N N 50  
ASN CG  ND2  sing N N 51  
ASN ND2 HD21 sing N N 52  
ASN ND2 HD22 sing N N 53  
ASN OXT HXT  sing N N 54  
ASP N   CA   sing N N 55  
ASP N   H    sing N N 56  
ASP N   H2   sing N N 57  
ASP CA  C    sing N N 58  
ASP CA  CB   sing N N 59  
ASP CA  HA   sing N N 60  
ASP C   O    doub N N 61  
ASP C   OXT  sing N N 62  
ASP CB  CG   sing N N 63  
ASP CB  HB2  sing N N 64  
ASP CB  HB3  sing N N 65  
ASP CG  OD1  doub N N 66  
ASP CG  OD2  sing N N 67  
ASP OD2 HD2  sing N N 68  
ASP OXT HXT  sing N N 69  
CCN N   C1   trip N N 70  
CCN C1  C2   sing N N 71  
CCN C2  H21  sing N N 72  
CCN C2  H22  sing N N 73  
CCN C2  H23  sing N N 74  
COU C1  C2   sing Y N 75  
COU C1  O1   doub N N 76  
COU C1  O2   sing Y N 77  
COU C2  C3   doub Y N 78  
COU C2  H2   sing N N 79  
COU C3  C4   sing Y N 80  
COU C3  H3   sing N N 81  
COU C4  C5   doub Y N 82  
COU C4  C9   sing Y N 83  
COU C5  C6   sing Y N 84  
COU C5  H5   sing N N 85  
COU C6  C7   doub Y N 86  
COU C6  H6   sing N N 87  
COU C7  C8   sing Y N 88  
COU C7  H7   sing N N 89  
COU C8  C9   doub Y N 90  
COU C8  H8   sing N N 91  
COU C9  O2   sing Y N 92  
CYS N   CA   sing N N 93  
CYS N   H    sing N N 94  
CYS N   H2   sing N N 95  
CYS CA  C    sing N N 96  
CYS CA  CB   sing N N 97  
CYS CA  HA   sing N N 98  
CYS C   O    doub N N 99  
CYS C   OXT  sing N N 100 
CYS CB  SG   sing N N 101 
CYS CB  HB2  sing N N 102 
CYS CB  HB3  sing N N 103 
CYS SG  HG   sing N N 104 
CYS OXT HXT  sing N N 105 
GLN N   CA   sing N N 106 
GLN N   H    sing N N 107 
GLN N   H2   sing N N 108 
GLN CA  C    sing N N 109 
GLN CA  CB   sing N N 110 
GLN CA  HA   sing N N 111 
GLN C   O    doub N N 112 
GLN C   OXT  sing N N 113 
GLN CB  CG   sing N N 114 
GLN CB  HB2  sing N N 115 
GLN CB  HB3  sing N N 116 
GLN CG  CD   sing N N 117 
GLN CG  HG2  sing N N 118 
GLN CG  HG3  sing N N 119 
GLN CD  OE1  doub N N 120 
GLN CD  NE2  sing N N 121 
GLN NE2 HE21 sing N N 122 
GLN NE2 HE22 sing N N 123 
GLN OXT HXT  sing N N 124 
GLU N   CA   sing N N 125 
GLU N   H    sing N N 126 
GLU N   H2   sing N N 127 
GLU CA  C    sing N N 128 
GLU CA  CB   sing N N 129 
GLU CA  HA   sing N N 130 
GLU C   O    doub N N 131 
GLU C   OXT  sing N N 132 
GLU CB  CG   sing N N 133 
GLU CB  HB2  sing N N 134 
GLU CB  HB3  sing N N 135 
GLU CG  CD   sing N N 136 
GLU CG  HG2  sing N N 137 
GLU CG  HG3  sing N N 138 
GLU CD  OE1  doub N N 139 
GLU CD  OE2  sing N N 140 
GLU OE2 HE2  sing N N 141 
GLU OXT HXT  sing N N 142 
GLY N   CA   sing N N 143 
GLY N   H    sing N N 144 
GLY N   H2   sing N N 145 
GLY CA  C    sing N N 146 
GLY CA  HA2  sing N N 147 
GLY CA  HA3  sing N N 148 
GLY C   O    doub N N 149 
GLY C   OXT  sing N N 150 
GLY OXT HXT  sing N N 151 
HIS N   CA   sing N N 152 
HIS N   H    sing N N 153 
HIS N   H2   sing N N 154 
HIS CA  C    sing N N 155 
HIS CA  CB   sing N N 156 
HIS CA  HA   sing N N 157 
HIS C   O    doub N N 158 
HIS C   OXT  sing N N 159 
HIS CB  CG   sing N N 160 
HIS CB  HB2  sing N N 161 
HIS CB  HB3  sing N N 162 
HIS CG  ND1  sing Y N 163 
HIS CG  CD2  doub Y N 164 
HIS ND1 CE1  doub Y N 165 
HIS ND1 HD1  sing N N 166 
HIS CD2 NE2  sing Y N 167 
HIS CD2 HD2  sing N N 168 
HIS CE1 NE2  sing Y N 169 
HIS CE1 HE1  sing N N 170 
HIS NE2 HE2  sing N N 171 
HIS OXT HXT  sing N N 172 
HOH O   H1   sing N N 173 
HOH O   H2   sing N N 174 
ILE N   CA   sing N N 175 
ILE N   H    sing N N 176 
ILE N   H2   sing N N 177 
ILE CA  C    sing N N 178 
ILE CA  CB   sing N N 179 
ILE CA  HA   sing N N 180 
ILE C   O    doub N N 181 
ILE C   OXT  sing N N 182 
ILE CB  CG1  sing N N 183 
ILE CB  CG2  sing N N 184 
ILE CB  HB   sing N N 185 
ILE CG1 CD1  sing N N 186 
ILE CG1 HG12 sing N N 187 
ILE CG1 HG13 sing N N 188 
ILE CG2 HG21 sing N N 189 
ILE CG2 HG22 sing N N 190 
ILE CG2 HG23 sing N N 191 
ILE CD1 HD11 sing N N 192 
ILE CD1 HD12 sing N N 193 
ILE CD1 HD13 sing N N 194 
ILE OXT HXT  sing N N 195 
LEU N   CA   sing N N 196 
LEU N   H    sing N N 197 
LEU N   H2   sing N N 198 
LEU CA  C    sing N N 199 
LEU CA  CB   sing N N 200 
LEU CA  HA   sing N N 201 
LEU C   O    doub N N 202 
LEU C   OXT  sing N N 203 
LEU CB  CG   sing N N 204 
LEU CB  HB2  sing N N 205 
LEU CB  HB3  sing N N 206 
LEU CG  CD1  sing N N 207 
LEU CG  CD2  sing N N 208 
LEU CG  HG   sing N N 209 
LEU CD1 HD11 sing N N 210 
LEU CD1 HD12 sing N N 211 
LEU CD1 HD13 sing N N 212 
LEU CD2 HD21 sing N N 213 
LEU CD2 HD22 sing N N 214 
LEU CD2 HD23 sing N N 215 
LEU OXT HXT  sing N N 216 
LYS N   CA   sing N N 217 
LYS N   H    sing N N 218 
LYS N   H2   sing N N 219 
LYS CA  C    sing N N 220 
LYS CA  CB   sing N N 221 
LYS CA  HA   sing N N 222 
LYS C   O    doub N N 223 
LYS C   OXT  sing N N 224 
LYS CB  CG   sing N N 225 
LYS CB  HB2  sing N N 226 
LYS CB  HB3  sing N N 227 
LYS CG  CD   sing N N 228 
LYS CG  HG2  sing N N 229 
LYS CG  HG3  sing N N 230 
LYS CD  CE   sing N N 231 
LYS CD  HD2  sing N N 232 
LYS CD  HD3  sing N N 233 
LYS CE  NZ   sing N N 234 
LYS CE  HE2  sing N N 235 
LYS CE  HE3  sing N N 236 
LYS NZ  HZ1  sing N N 237 
LYS NZ  HZ2  sing N N 238 
LYS NZ  HZ3  sing N N 239 
LYS OXT HXT  sing N N 240 
MET N   CA   sing N N 241 
MET N   H    sing N N 242 
MET N   H2   sing N N 243 
MET CA  C    sing N N 244 
MET CA  CB   sing N N 245 
MET CA  HA   sing N N 246 
MET C   O    doub N N 247 
MET C   OXT  sing N N 248 
MET CB  CG   sing N N 249 
MET CB  HB2  sing N N 250 
MET CB  HB3  sing N N 251 
MET CG  SD   sing N N 252 
MET CG  HG2  sing N N 253 
MET CG  HG3  sing N N 254 
MET SD  CE   sing N N 255 
MET CE  HE1  sing N N 256 
MET CE  HE2  sing N N 257 
MET CE  HE3  sing N N 258 
MET OXT HXT  sing N N 259 
PHE N   CA   sing N N 260 
PHE N   H    sing N N 261 
PHE N   H2   sing N N 262 
PHE CA  C    sing N N 263 
PHE CA  CB   sing N N 264 
PHE CA  HA   sing N N 265 
PHE C   O    doub N N 266 
PHE C   OXT  sing N N 267 
PHE CB  CG   sing N N 268 
PHE CB  HB2  sing N N 269 
PHE CB  HB3  sing N N 270 
PHE CG  CD1  doub Y N 271 
PHE CG  CD2  sing Y N 272 
PHE CD1 CE1  sing Y N 273 
PHE CD1 HD1  sing N N 274 
PHE CD2 CE2  doub Y N 275 
PHE CD2 HD2  sing N N 276 
PHE CE1 CZ   doub Y N 277 
PHE CE1 HE1  sing N N 278 
PHE CE2 CZ   sing Y N 279 
PHE CE2 HE2  sing N N 280 
PHE CZ  HZ   sing N N 281 
PHE OXT HXT  sing N N 282 
PRO N   CA   sing N N 283 
PRO N   CD   sing N N 284 
PRO N   H    sing N N 285 
PRO CA  C    sing N N 286 
PRO CA  CB   sing N N 287 
PRO CA  HA   sing N N 288 
PRO C   O    doub N N 289 
PRO C   OXT  sing N N 290 
PRO CB  CG   sing N N 291 
PRO CB  HB2  sing N N 292 
PRO CB  HB3  sing N N 293 
PRO CG  CD   sing N N 294 
PRO CG  HG2  sing N N 295 
PRO CG  HG3  sing N N 296 
PRO CD  HD2  sing N N 297 
PRO CD  HD3  sing N N 298 
PRO OXT HXT  sing N N 299 
SER N   CA   sing N N 300 
SER N   H    sing N N 301 
SER N   H2   sing N N 302 
SER CA  C    sing N N 303 
SER CA  CB   sing N N 304 
SER CA  HA   sing N N 305 
SER C   O    doub N N 306 
SER C   OXT  sing N N 307 
SER CB  OG   sing N N 308 
SER CB  HB2  sing N N 309 
SER CB  HB3  sing N N 310 
SER OG  HG   sing N N 311 
SER OXT HXT  sing N N 312 
THR N   CA   sing N N 313 
THR N   H    sing N N 314 
THR N   H2   sing N N 315 
THR CA  C    sing N N 316 
THR CA  CB   sing N N 317 
THR CA  HA   sing N N 318 
THR C   O    doub N N 319 
THR C   OXT  sing N N 320 
THR CB  OG1  sing N N 321 
THR CB  CG2  sing N N 322 
THR CB  HB   sing N N 323 
THR OG1 HG1  sing N N 324 
THR CG2 HG21 sing N N 325 
THR CG2 HG22 sing N N 326 
THR CG2 HG23 sing N N 327 
THR OXT HXT  sing N N 328 
TRP N   CA   sing N N 329 
TRP N   H    sing N N 330 
TRP N   H2   sing N N 331 
TRP CA  C    sing N N 332 
TRP CA  CB   sing N N 333 
TRP CA  HA   sing N N 334 
TRP C   O    doub N N 335 
TRP C   OXT  sing N N 336 
TRP CB  CG   sing N N 337 
TRP CB  HB2  sing N N 338 
TRP CB  HB3  sing N N 339 
TRP CG  CD1  doub Y N 340 
TRP CG  CD2  sing Y N 341 
TRP CD1 NE1  sing Y N 342 
TRP CD1 HD1  sing N N 343 
TRP CD2 CE2  doub Y N 344 
TRP CD2 CE3  sing Y N 345 
TRP NE1 CE2  sing Y N 346 
TRP NE1 HE1  sing N N 347 
TRP CE2 CZ2  sing Y N 348 
TRP CE3 CZ3  doub Y N 349 
TRP CE3 HE3  sing N N 350 
TRP CZ2 CH2  doub Y N 351 
TRP CZ2 HZ2  sing N N 352 
TRP CZ3 CH2  sing Y N 353 
TRP CZ3 HZ3  sing N N 354 
TRP CH2 HH2  sing N N 355 
TRP OXT HXT  sing N N 356 
TYR N   CA   sing N N 357 
TYR N   H    sing N N 358 
TYR N   H2   sing N N 359 
TYR CA  C    sing N N 360 
TYR CA  CB   sing N N 361 
TYR CA  HA   sing N N 362 
TYR C   O    doub N N 363 
TYR C   OXT  sing N N 364 
TYR CB  CG   sing N N 365 
TYR CB  HB2  sing N N 366 
TYR CB  HB3  sing N N 367 
TYR CG  CD1  doub Y N 368 
TYR CG  CD2  sing Y N 369 
TYR CD1 CE1  sing Y N 370 
TYR CD1 HD1  sing N N 371 
TYR CD2 CE2  doub Y N 372 
TYR CD2 HD2  sing N N 373 
TYR CE1 CZ   doub Y N 374 
TYR CE1 HE1  sing N N 375 
TYR CE2 CZ   sing Y N 376 
TYR CE2 HE2  sing N N 377 
TYR CZ  OH   sing N N 378 
TYR OH  HH   sing N N 379 
TYR OXT HXT  sing N N 380 
VAL N   CA   sing N N 381 
VAL N   H    sing N N 382 
VAL N   H2   sing N N 383 
VAL CA  C    sing N N 384 
VAL CA  CB   sing N N 385 
VAL CA  HA   sing N N 386 
VAL C   O    doub N N 387 
VAL C   OXT  sing N N 388 
VAL CB  CG1  sing N N 389 
VAL CB  CG2  sing N N 390 
VAL CB  HB   sing N N 391 
VAL CG1 HG11 sing N N 392 
VAL CG1 HG12 sing N N 393 
VAL CG1 HG13 sing N N 394 
VAL CG2 HG21 sing N N 395 
VAL CG2 HG22 sing N N 396 
VAL CG2 HG23 sing N N 397 
VAL OXT HXT  sing N N 398 
# 
_pdbx_initial_refinement_model.id               1 
_pdbx_initial_refinement_model.entity_id_list   ? 
_pdbx_initial_refinement_model.type             'experimental model' 
_pdbx_initial_refinement_model.source_name      PDB 
_pdbx_initial_refinement_model.accession_code   1SV3 
_pdbx_initial_refinement_model.details          ? 
# 
_atom_sites.entry_id                    2PMJ 
_atom_sites.fract_transf_matrix[1][1]   0.01285804 
_atom_sites.fract_transf_matrix[1][2]   0.01096834 
_atom_sites.fract_transf_matrix[1][3]   -0.00810579 
_atom_sites.fract_transf_matrix[2][1]   -0.01088038 
_atom_sites.fract_transf_matrix[2][2]   0.01496658 
_atom_sites.fract_transf_matrix[2][3]   0.00299272 
_atom_sites.fract_transf_matrix[3][1]   0.00905883 
_atom_sites.fract_transf_matrix[3][2]   0.00292165 
_atom_sites.fract_transf_matrix[3][3]   0.01832325 
_atom_sites.fract_transf_vector[1]      -0.470605 
_atom_sites.fract_transf_vector[2]      0.164034 
_atom_sites.fract_transf_vector[3]      -0.014801 
# 
loop_
_atom_type.symbol 
C 
N 
O 
S 
# 
loop_
_atom_site.group_PDB 
_atom_site.id 
_atom_site.type_symbol 
_atom_site.label_atom_id 
_atom_site.label_alt_id 
_atom_site.label_comp_id 
_atom_site.label_asym_id 
_atom_site.label_entity_id 
_atom_site.label_seq_id 
_atom_site.pdbx_PDB_ins_code 
_atom_site.Cartn_x 
_atom_site.Cartn_y 
_atom_site.Cartn_z 
_atom_site.occupancy 
_atom_site.B_iso_or_equiv 
_atom_site.pdbx_formal_charge 
_atom_site.auth_seq_id 
_atom_site.auth_comp_id 
_atom_site.auth_asym_id 
_atom_site.auth_atom_id 
_atom_site.pdbx_PDB_model_num 
ATOM   1    N N   . SER A 1 1   ? 2.011   9.402   -6.466  1.00 28.88  ? 1    SER A N   1 
ATOM   2    C CA  . SER A 1 1   ? 1.867   8.438   -7.592  1.00 29.27  ? 1    SER A CA  1 
ATOM   3    C C   . SER A 1 1   ? 2.579   7.130   -7.270  1.00 29.86  ? 1    SER A C   1 
ATOM   4    O O   . SER A 1 1   ? 3.354   7.049   -6.316  1.00 28.86  ? 1    SER A O   1 
ATOM   5    C CB  . SER A 1 1   ? 2.446   9.024   -8.880  1.00 28.88  ? 1    SER A CB  1 
ATOM   6    O OG  . SER A 1 1   ? 3.853   9.142   -8.794  1.00 30.96  ? 1    SER A OG  1 
ATOM   7    N N   . LEU A 1 2   ? 2.308   6.110   -8.078  1.00 30.28  ? 2    LEU A N   1 
ATOM   8    C CA  . LEU A 1 2   ? 2.900   4.799   -7.892  1.00 31.75  ? 2    LEU A CA  1 
ATOM   9    C C   . LEU A 1 2   ? 4.416   4.860   -7.909  1.00 32.39  ? 2    LEU A C   1 
ATOM   10   O O   . LEU A 1 2   ? 5.098   3.914   -7.521  1.00 32.51  ? 2    LEU A O   1 
ATOM   11   C CB  . LEU A 1 2   ? 2.372   3.856   -8.967  1.00 33.50  ? 2    LEU A CB  1 
ATOM   12   C CG  . LEU A 1 2   ? 1.002   3.363   -8.505  1.00 35.11  ? 2    LEU A CG  1 
ATOM   13   C CD1 . LEU A 1 2   ? 0.106   2.990   -9.664  1.00 36.02  ? 2    LEU A CD1 1 
ATOM   14   C CD2 . LEU A 1 2   ? 1.228   2.187   -7.573  1.00 37.73  ? 2    LEU A CD2 1 
ATOM   15   N N   . LEU A 1 3   ? 4.932   6.000   -8.340  1.00 33.25  ? 3    LEU A N   1 
ATOM   16   C CA  . LEU A 1 3   ? 6.363   6.234   -8.413  1.00 33.39  ? 3    LEU A CA  1 
ATOM   17   C C   . LEU A 1 3   ? 6.929   6.531   -7.025  1.00 32.89  ? 3    LEU A C   1 
ATOM   18   O O   . LEU A 1 3   ? 7.989   6.024   -6.666  1.00 33.23  ? 3    LEU A O   1 
ATOM   19   C CB  . LEU A 1 3   ? 6.630   7.414   -9.338  1.00 34.94  ? 3    LEU A CB  1 
ATOM   20   C CG  . LEU A 1 3   ? 7.796   7.268   -10.306 1.00 36.90  ? 3    LEU A CG  1 
ATOM   21   C CD1 . LEU A 1 3   ? 7.279   7.404   -11.730 1.00 37.47  ? 3    LEU A CD1 1 
ATOM   22   C CD2 . LEU A 1 3   ? 8.848   8.327   -10.007 1.00 38.09  ? 3    LEU A CD2 1 
ATOM   23   N N   . GLU A 1 4   ? 6.227   7.361   -6.254  1.00 32.09  ? 4    GLU A N   1 
ATOM   24   C CA  . GLU A 1 4   ? 6.669   7.708   -4.906  1.00 31.01  ? 4    GLU A CA  1 
ATOM   25   C C   . GLU A 1 4   ? 6.377   6.560   -3.951  1.00 30.37  ? 4    GLU A C   1 
ATOM   26   O O   . GLU A 1 4   ? 7.165   6.262   -3.052  1.00 30.68  ? 4    GLU A O   1 
ATOM   27   C CB  . GLU A 1 4   ? 5.957   8.966   -4.393  1.00 31.22  ? 4    GLU A CB  1 
ATOM   28   C CG  . GLU A 1 4   ? 6.352   10.269  -5.071  1.00 32.49  ? 4    GLU A CG  1 
ATOM   29   C CD  . GLU A 1 4   ? 5.736   10.424  -6.444  1.00 33.16  ? 4    GLU A CD  1 
ATOM   30   O OE1 . GLU A 1 4   ? 4.505   10.276  -6.549  1.00 34.05  ? 4    GLU A OE1 1 
ATOM   31   O OE2 . GLU A 1 4   ? 6.471   10.699  -7.417  1.00 34.66  ? 4    GLU A OE2 1 
ATOM   32   N N   . PHE A 1 5   ? 5.233   5.917   -4.150  1.00 28.63  ? 5    PHE A N   1 
ATOM   33   C CA  . PHE A 1 5   ? 4.839   4.814   -3.298  1.00 26.86  ? 5    PHE A CA  1 
ATOM   34   C C   . PHE A 1 5   ? 5.839   3.662   -3.384  1.00 26.86  ? 5    PHE A C   1 
ATOM   35   O O   . PHE A 1 5   ? 6.231   3.101   -2.363  1.00 26.24  ? 5    PHE A O   1 
ATOM   36   C CB  . PHE A 1 5   ? 3.432   4.338   -3.673  1.00 24.36  ? 5    PHE A CB  1 
ATOM   37   C CG  . PHE A 1 5   ? 2.851   3.338   -2.701  1.00 23.69  ? 5    PHE A CG  1 
ATOM   38   C CD1 . PHE A 1 5   ? 3.101   3.449   -1.335  1.00 21.56  ? 5    PHE A CD1 1 
ATOM   39   C CD2 . PHE A 1 5   ? 2.048   2.296   -3.146  1.00 21.63  ? 5    PHE A CD2 1 
ATOM   40   C CE1 . PHE A 1 5   ? 2.560   2.536   -0.430  1.00 21.69  ? 5    PHE A CE1 1 
ATOM   41   C CE2 . PHE A 1 5   ? 1.501   1.378   -2.248  1.00 22.25  ? 5    PHE A CE2 1 
ATOM   42   C CZ  . PHE A 1 5   ? 1.759   1.499   -0.886  1.00 21.60  ? 5    PHE A CZ  1 
ATOM   43   N N   . GLY A 1 6   ? 6.252   3.318   -4.602  1.00 27.42  ? 6    GLY A N   1 
ATOM   44   C CA  . GLY A 1 6   ? 7.203   2.236   -4.783  1.00 27.50  ? 6    GLY A CA  1 
ATOM   45   C C   . GLY A 1 6   ? 8.555   2.547   -4.172  1.00 28.39  ? 6    GLY A C   1 
ATOM   46   O O   . GLY A 1 6   ? 9.282   1.651   -3.747  1.00 28.41  ? 6    GLY A O   1 
ATOM   47   N N   . LYS A 1 7   ? 8.891   3.829   -4.128  1.00 29.80  ? 7    LYS A N   1 
ATOM   48   C CA  . LYS A 1 7   ? 10.155  4.279   -3.566  1.00 30.68  ? 7    LYS A CA  1 
ATOM   49   C C   . LYS A 1 7   ? 10.118  4.185   -2.042  1.00 30.58  ? 7    LYS A C   1 
ATOM   50   O O   . LYS A 1 7   ? 11.131  3.873   -1.412  1.00 30.01  ? 7    LYS A O   1 
ATOM   51   C CB  . LYS A 1 7   ? 10.430  5.716   -4.010  1.00 32.44  ? 7    LYS A CB  1 
ATOM   52   C CG  . LYS A 1 7   ? 11.741  6.304   -3.508  1.00 35.03  ? 7    LYS A CG  1 
ATOM   53   C CD  . LYS A 1 7   ? 12.081  7.563   -4.289  1.00 37.55  ? 7    LYS A CD  1 
ATOM   54   C CE  . LYS A 1 7   ? 13.265  8.308   -3.692  1.00 38.93  ? 7    LYS A CE  1 
ATOM   55   N NZ  . LYS A 1 7   ? 12.920  8.931   -2.382  1.00 39.99  ? 7    LYS A NZ  1 
ATOM   56   N N   . MET A 1 8   ? 8.953   4.465   -1.456  1.00 29.56  ? 8    MET A N   1 
ATOM   57   C CA  . MET A 1 8   ? 8.782   4.375   -0.005  1.00 28.32  ? 8    MET A CA  1 
ATOM   58   C C   . MET A 1 8   ? 8.979   2.934   0.425   1.00 28.07  ? 8    MET A C   1 
ATOM   59   O O   . MET A 1 8   ? 9.718   2.655   1.371   1.00 28.55  ? 8    MET A O   1 
ATOM   60   C CB  . MET A 1 8   ? 7.370   4.769   0.418   1.00 27.50  ? 8    MET A CB  1 
ATOM   61   C CG  . MET A 1 8   ? 7.064   6.228   0.415   1.00 28.34  ? 8    MET A CG  1 
ATOM   62   S SD  . MET A 1 8   ? 5.496   6.491   1.253   1.00 25.65  ? 8    MET A SD  1 
ATOM   63   C CE  . MET A 1 8   ? 5.429   8.285   1.230   1.00 27.27  ? 8    MET A CE  1 
ATOM   64   N N   . ILE A 1 9   ? 8.277   2.039   -0.274  1.00 27.40  ? 9    ILE A N   1 
ATOM   65   C CA  . ILE A 1 9   ? 8.301   0.600   -0.028  1.00 27.26  ? 9    ILE A CA  1 
ATOM   66   C C   . ILE A 1 9   ? 9.719   0.045   0.002   1.00 28.04  ? 9    ILE A C   1 
ATOM   67   O O   . ILE A 1 9   ? 10.103  -0.690  0.916   1.00 27.09  ? 9    ILE A O   1 
ATOM   68   C CB  . ILE A 1 9   ? 7.524   -0.169  -1.129  1.00 27.97  ? 9    ILE A CB  1 
ATOM   69   C CG1 . ILE A 1 9   ? 6.075   0.321   -1.203  1.00 28.96  ? 9    ILE A CG1 1 
ATOM   70   C CG2 . ILE A 1 9   ? 7.572   -1.661  -0.860  1.00 27.39  ? 9    ILE A CG2 1 
ATOM   71   C CD1 . ILE A 1 9   ? 5.352   0.338   0.129   1.00 32.76  ? 9    ILE A CD1 1 
ATOM   72   N N   . LEU A 1 10  ? 10.488  0.403   -1.019  1.00 28.16  ? 10   LEU A N   1 
ATOM   73   C CA  . LEU A 1 10  ? 11.856  -0.059  -1.133  1.00 28.34  ? 10   LEU A CA  1 
ATOM   74   C C   . LEU A 1 10  ? 12.706  0.431   0.028   1.00 27.95  ? 10   LEU A C   1 
ATOM   75   O O   . LEU A 1 10  ? 13.477  -0.337  0.592   1.00 28.57  ? 10   LEU A O   1 
ATOM   76   C CB  . LEU A 1 10  ? 12.455  0.411   -2.461  1.00 29.04  ? 10   LEU A CB  1 
ATOM   77   C CG  . LEU A 1 10  ? 13.911  0.040   -2.746  1.00 29.55  ? 10   LEU A CG  1 
ATOM   78   C CD1 . LEU A 1 10  ? 14.073  -1.473  -2.775  1.00 28.65  ? 10   LEU A CD1 1 
ATOM   79   C CD2 . LEU A 1 10  ? 14.325  0.649   -4.076  1.00 29.51  ? 10   LEU A CD2 1 
ATOM   80   N N   . GLU A 1 11  ? 12.564  1.704   0.386   1.00 27.61  ? 11   GLU A N   1 
ATOM   81   C CA  . GLU A 1 11  ? 13.340  2.281   1.481   1.00 27.17  ? 11   GLU A CA  1 
ATOM   82   C C   . GLU A 1 11  ? 12.976  1.669   2.827   1.00 26.73  ? 11   GLU A C   1 
ATOM   83   O O   . GLU A 1 11  ? 13.825  1.485   3.692   1.00 25.78  ? 11   GLU A O   1 
ATOM   84   C CB  . GLU A 1 11  ? 13.118  3.790   1.558   1.00 26.66  ? 11   GLU A CB  1 
ATOM   85   C CG  . GLU A 1 11  ? 13.439  4.543   0.288   1.00 27.15  ? 11   GLU A CG  1 
ATOM   86   C CD  . GLU A 1 11  ? 13.133  6.015   0.429   1.00 27.77  ? 11   GLU A CD  1 
ATOM   87   O OE1 . GLU A 1 11  ? 12.129  6.345   1.094   1.00 27.81  ? 11   GLU A OE1 1 
ATOM   88   O OE2 . GLU A 1 11  ? 13.883  6.840   -0.126  1.00 29.37  ? 11   GLU A OE2 1 
ATOM   89   N N   . GLU A 1 12  ? 11.704  1.353   3.000   1.00 27.25  ? 12   GLU A N   1 
ATOM   90   C CA  . GLU A 1 12  ? 11.245  0.769   4.247   1.00 28.20  ? 12   GLU A CA  1 
ATOM   91   C C   . GLU A 1 12  ? 11.577  -0.705  4.378   1.00 28.51  ? 12   GLU A C   1 
ATOM   92   O O   . GLU A 1 12  ? 12.245  -1.125  5.320   1.00 30.62  ? 12   GLU A O   1 
ATOM   93   C CB  . GLU A 1 12  ? 9.729   0.931   4.372   1.00 28.15  ? 12   GLU A CB  1 
ATOM   94   C CG  . GLU A 1 12  ? 9.284   2.333   4.701   1.00 28.51  ? 12   GLU A CG  1 
ATOM   95   C CD  . GLU A 1 12  ? 9.669   2.736   6.100   1.00 27.79  ? 12   GLU A CD  1 
ATOM   96   O OE1 . GLU A 1 12  ? 9.265   2.037   7.050   1.00 28.84  ? 12   GLU A OE1 1 
ATOM   97   O OE2 . GLU A 1 12  ? 10.374  3.747   6.254   1.00 28.15  ? 12   GLU A OE2 1 
ATOM   98   N N   . THR A 1 13  ? 11.112  -1.478  3.411   1.00 28.04  ? 13   THR A N   1 
ATOM   99   C CA  . THR A 1 13  ? 11.270  -2.919  3.424   1.00 27.68  ? 13   THR A CA  1 
ATOM   100  C C   . THR A 1 13  ? 12.511  -3.500  2.770   1.00 28.86  ? 13   THR A C   1 
ATOM   101  O O   . THR A 1 13  ? 12.961  -4.580  3.146   1.00 28.29  ? 13   THR A O   1 
ATOM   102  C CB  . THR A 1 13  ? 10.061  -3.564  2.754   1.00 27.21  ? 13   THR A CB  1 
ATOM   103  O OG1 . THR A 1 13  ? 10.135  -3.334  1.340   1.00 25.17  ? 13   THR A OG1 1 
ATOM   104  C CG2 . THR A 1 13  ? 8.763   -2.945  3.298   1.00 25.41  ? 13   THR A CG2 1 
ATOM   105  N N   . GLY A 1 14  ? 13.052  -2.803  1.783   1.00 29.89  ? 14   GLY A N   1 
ATOM   106  C CA  . GLY A 1 14  ? 14.212  -3.323  1.094   1.00 31.24  ? 14   GLY A CA  1 
ATOM   107  C C   . GLY A 1 14  ? 13.738  -4.182  -0.062  1.00 32.44  ? 14   GLY A C   1 
ATOM   108  O O   . GLY A 1 14  ? 14.544  -4.682  -0.850  1.00 33.40  ? 14   GLY A O   1 
ATOM   109  N N   . LYS A 1 15  ? 12.422  -4.357  -0.158  1.00 32.67  ? 16   LYS A N   1 
ATOM   110  C CA  . LYS A 1 15  ? 11.821  -5.139  -1.237  1.00 33.76  ? 16   LYS A CA  1 
ATOM   111  C C   . LYS A 1 15  ? 11.297  -4.192  -2.309  1.00 34.70  ? 16   LYS A C   1 
ATOM   112  O O   . LYS A 1 15  ? 11.031  -3.018  -2.039  1.00 34.51  ? 16   LYS A O   1 
ATOM   113  C CB  . LYS A 1 15  ? 10.654  -5.983  -0.719  1.00 33.66  ? 16   LYS A CB  1 
ATOM   114  C CG  . LYS A 1 15  ? 11.028  -7.038  0.297   1.00 34.32  ? 16   LYS A CG  1 
ATOM   115  C CD  . LYS A 1 15  ? 9.795   -7.819  0.717   1.00 35.92  ? 16   LYS A CD  1 
ATOM   116  C CE  . LYS A 1 15  ? 10.134  -8.879  1.740   1.00 36.80  ? 16   LYS A CE  1 
ATOM   117  N NZ  . LYS A 1 15  ? 11.091  -9.880  1.191   1.00 40.08  ? 16   LYS A NZ  1 
ATOM   118  N N   . LEU A 1 16  ? 11.150  -4.706  -3.526  1.00 35.53  ? 17   LEU A N   1 
ATOM   119  C CA  . LEU A 1 16  ? 10.640  -3.915  -4.641  1.00 36.04  ? 17   LEU A CA  1 
ATOM   120  C C   . LEU A 1 16  ? 9.131   -4.086  -4.732  1.00 35.16  ? 17   LEU A C   1 
ATOM   121  O O   . LEU A 1 16  ? 8.627   -5.202  -4.638  1.00 34.22  ? 17   LEU A O   1 
ATOM   122  C CB  . LEU A 1 16  ? 11.288  -4.368  -5.951  1.00 37.15  ? 17   LEU A CB  1 
ATOM   123  C CG  . LEU A 1 16  ? 12.765  -3.996  -6.104  1.00 39.63  ? 17   LEU A CG  1 
ATOM   124  C CD1 . LEU A 1 16  ? 13.562  -5.213  -6.554  1.00 40.68  ? 17   LEU A CD1 1 
ATOM   125  C CD2 . LEU A 1 16  ? 12.904  -2.852  -7.101  1.00 39.75  ? 17   LEU A CD2 1 
ATOM   126  N N   . ALA A 1 17  ? 8.420   -2.975  -4.904  1.00 35.43  ? 18   ALA A N   1 
ATOM   127  C CA  . ALA A 1 17  ? 6.967   -2.996  -5.013  1.00 36.20  ? 18   ALA A CA  1 
ATOM   128  C C   . ALA A 1 17  ? 6.560   -4.091  -5.985  1.00 36.65  ? 18   ALA A C   1 
ATOM   129  O O   . ALA A 1 17  ? 5.771   -4.976  -5.644  1.00 37.52  ? 18   ALA A O   1 
ATOM   130  C CB  . ALA A 1 17  ? 6.462   -1.644  -5.493  1.00 35.98  ? 18   ALA A CB  1 
ATOM   131  N N   . ILE A 1 18  ? 7.092   -4.025  -7.201  1.00 37.24  ? 19   ILE A N   1 
ATOM   132  C CA  . ILE A 1 18  ? 6.815   -5.040  -8.207  1.00 37.76  ? 19   ILE A CA  1 
ATOM   133  C C   . ILE A 1 18  ? 8.010   -5.984  -8.147  1.00 37.81  ? 19   ILE A C   1 
ATOM   134  O O   . ILE A 1 18  ? 9.153   -5.553  -8.288  1.00 38.00  ? 19   ILE A O   1 
ATOM   135  C CB  . ILE A 1 18  ? 6.738   -4.434  -9.630  1.00 38.05  ? 19   ILE A CB  1 
ATOM   136  C CG1 . ILE A 1 18  ? 5.562   -3.461  -9.726  1.00 37.93  ? 19   ILE A CG1 1 
ATOM   137  C CG2 . ILE A 1 18  ? 6.599   -5.545  -10.668 1.00 37.25  ? 19   ILE A CG2 1 
ATOM   138  C CD1 . ILE A 1 18  ? 5.459   -2.779  -11.075 1.00 39.36  ? 19   ILE A CD1 1 
ATOM   139  N N   . PRO A 1 19  ? 7.768   -7.285  -7.935  1.00 37.86  ? 20   PRO A N   1 
ATOM   140  C CA  . PRO A 1 19  ? 6.465   -7.922  -7.762  1.00 38.26  ? 20   PRO A CA  1 
ATOM   141  C C   . PRO A 1 19  ? 6.220   -8.378  -6.322  1.00 37.90  ? 20   PRO A C   1 
ATOM   142  O O   . PRO A 1 19  ? 5.335   -9.196  -6.073  1.00 37.90  ? 20   PRO A O   1 
ATOM   143  C CB  . PRO A 1 19  ? 6.561   -9.099  -8.704  1.00 38.64  ? 20   PRO A CB  1 
ATOM   144  C CG  . PRO A 1 19  ? 7.964   -9.584  -8.403  1.00 38.72  ? 20   PRO A CG  1 
ATOM   145  C CD  . PRO A 1 19  ? 8.788   -8.298  -8.264  1.00 38.37  ? 20   PRO A CD  1 
ATOM   146  N N   . SER A 1 20  ? 7.004   -7.866  -5.381  1.00 37.25  ? 21   SER A N   1 
ATOM   147  C CA  . SER A 1 20  ? 6.846   -8.250  -3.982  1.00 37.08  ? 21   SER A CA  1 
ATOM   148  C C   . SER A 1 20  ? 5.486   -7.875  -3.399  1.00 36.62  ? 21   SER A C   1 
ATOM   149  O O   . SER A 1 20  ? 4.932   -8.611  -2.581  1.00 36.63  ? 21   SER A O   1 
ATOM   150  C CB  . SER A 1 20  ? 7.949   -7.621  -3.126  1.00 37.09  ? 21   SER A CB  1 
ATOM   151  O OG  . SER A 1 20  ? 9.196   -8.247  -3.357  1.00 38.63  ? 21   SER A OG  1 
ATOM   152  N N   . TYR A 1 21  ? 4.946   -6.736  -3.822  1.00 35.72  ? 22   TYR A N   1 
ATOM   153  C CA  . TYR A 1 21  ? 3.660   -6.278  -3.307  1.00 35.69  ? 22   TYR A CA  1 
ATOM   154  C C   . TYR A 1 21  ? 2.621   -5.973  -4.381  1.00 35.40  ? 22   TYR A C   1 
ATOM   155  O O   . TYR A 1 21  ? 1.579   -5.397  -4.077  1.00 36.61  ? 22   TYR A O   1 
ATOM   156  C CB  . TYR A 1 21  ? 3.867   -5.023  -2.455  1.00 35.16  ? 22   TYR A CB  1 
ATOM   157  C CG  . TYR A 1 21  ? 4.672   -5.251  -1.200  1.00 34.05  ? 22   TYR A CG  1 
ATOM   158  C CD1 . TYR A 1 21  ? 4.123   -5.930  -0.114  1.00 33.43  ? 22   TYR A CD1 1 
ATOM   159  C CD2 . TYR A 1 21  ? 5.983   -4.790  -1.098  1.00 33.87  ? 22   TYR A CD2 1 
ATOM   160  C CE1 . TYR A 1 21  ? 4.859   -6.143  1.044   1.00 33.39  ? 22   TYR A CE1 1 
ATOM   161  C CE2 . TYR A 1 21  ? 6.732   -5.000  0.058   1.00 33.87  ? 22   TYR A CE2 1 
ATOM   162  C CZ  . TYR A 1 21  ? 6.161   -5.675  1.125   1.00 33.65  ? 22   TYR A CZ  1 
ATOM   163  O OH  . TYR A 1 21  ? 6.888   -5.873  2.274   1.00 33.45  ? 22   TYR A OH  1 
ATOM   164  N N   . SER A 1 22  ? 2.891   -6.353  -5.625  1.00 35.13  ? 23   SER A N   1 
ATOM   165  C CA  . SER A 1 22  ? 1.954   -6.074  -6.714  1.00 35.18  ? 23   SER A CA  1 
ATOM   166  C C   . SER A 1 22  ? 1.041   -7.248  -7.057  1.00 34.69  ? 23   SER A C   1 
ATOM   167  O O   . SER A 1 22  ? 0.091   -7.103  -7.832  1.00 34.48  ? 23   SER A O   1 
ATOM   168  C CB  . SER A 1 22  ? 2.718   -5.636  -7.965  1.00 34.71  ? 23   SER A CB  1 
ATOM   169  O OG  . SER A 1 22  ? 3.712   -6.587  -8.305  1.00 36.25  ? 23   SER A OG  1 
ATOM   170  N N   . SER A 1 23  ? 1.330   -8.408  -6.483  1.00 34.03  ? 24   SER A N   1 
ATOM   171  C CA  . SER A 1 23  ? 0.529   -9.599  -6.736  1.00 34.14  ? 24   SER A CA  1 
ATOM   172  C C   . SER A 1 23  ? 0.453   -10.447 -5.473  1.00 33.07  ? 24   SER A C   1 
ATOM   173  O O   . SER A 1 23  ? 0.284   -11.667 -5.535  1.00 33.75  ? 24   SER A O   1 
ATOM   174  C CB  . SER A 1 23  ? 1.147   -10.411 -7.876  1.00 34.94  ? 24   SER A CB  1 
ATOM   175  O OG  . SER A 1 23  ? 2.530   -10.628 -7.645  1.00 38.08  ? 24   SER A OG  1 
ATOM   176  N N   . TYR A 1 24  ? 0.562   -9.784  -4.326  1.00 31.38  ? 25   TYR A N   1 
ATOM   177  C CA  . TYR A 1 24  ? 0.531   -10.459 -3.037  1.00 29.19  ? 25   TYR A CA  1 
ATOM   178  C C   . TYR A 1 24  ? -0.874  -10.523 -2.431  1.00 28.52  ? 25   TYR A C   1 
ATOM   179  O O   . TYR A 1 24  ? -1.595  -9.525  -2.402  1.00 27.90  ? 25   TYR A O   1 
ATOM   180  C CB  . TYR A 1 24  ? 1.492   -9.748  -2.077  1.00 28.62  ? 25   TYR A CB  1 
ATOM   181  C CG  . TYR A 1 24  ? 1.719   -10.465 -0.771  1.00 26.38  ? 25   TYR A CG  1 
ATOM   182  C CD1 . TYR A 1 24  ? 0.758   -10.446 0.239   1.00 26.37  ? 25   TYR A CD1 1 
ATOM   183  C CD2 . TYR A 1 24  ? 2.899   -11.171 -0.546  1.00 26.98  ? 25   TYR A CD2 1 
ATOM   184  C CE1 . TYR A 1 24  ? 0.969   -11.113 1.452   1.00 26.01  ? 25   TYR A CE1 1 
ATOM   185  C CE2 . TYR A 1 24  ? 3.125   -11.843 0.658   1.00 26.50  ? 25   TYR A CE2 1 
ATOM   186  C CZ  . TYR A 1 24  ? 2.157   -11.809 1.653   1.00 25.66  ? 25   TYR A CZ  1 
ATOM   187  O OH  . TYR A 1 24  ? 2.388   -12.455 2.848   1.00 24.44  ? 25   TYR A OH  1 
ATOM   188  N N   . GLY A 1 25  ? -1.254  -11.711 -1.964  1.00 27.17  ? 26   GLY A N   1 
ATOM   189  C CA  . GLY A 1 25  ? -2.553  -11.903 -1.341  1.00 27.32  ? 26   GLY A CA  1 
ATOM   190  C C   . GLY A 1 25  ? -3.779  -11.524 -2.151  1.00 28.28  ? 26   GLY A C   1 
ATOM   191  O O   . GLY A 1 25  ? -3.801  -11.668 -3.371  1.00 28.18  ? 26   GLY A O   1 
ATOM   192  N N   . CYS A 1 26  ? -4.809  -11.037 -1.462  1.00 28.98  ? 27   CYS A N   1 
ATOM   193  C CA  . CYS A 1 26  ? -6.056  -10.651 -2.112  1.00 28.69  ? 27   CYS A CA  1 
ATOM   194  C C   . CYS A 1 26  ? -6.220  -9.153  -2.370  1.00 28.72  ? 27   CYS A C   1 
ATOM   195  O O   . CYS A 1 26  ? -7.078  -8.763  -3.144  1.00 28.76  ? 27   CYS A O   1 
ATOM   196  C CB  . CYS A 1 26  ? -7.250  -11.147 -1.286  1.00 29.83  ? 27   CYS A CB  1 
ATOM   197  S SG  . CYS A 1 26  ? -7.373  -12.963 -1.205  1.00 30.36  ? 27   CYS A SG  1 
ATOM   198  N N   . TYR A 1 27  ? -5.399  -8.317  -1.737  1.00 29.54  ? 28   TYR A N   1 
ATOM   199  C CA  . TYR A 1 27  ? -5.518  -6.869  -1.913  1.00 28.87  ? 28   TYR A CA  1 
ATOM   200  C C   . TYR A 1 27  ? -4.287  -6.125  -2.384  1.00 29.66  ? 28   TYR A C   1 
ATOM   201  O O   . TYR A 1 27  ? -4.369  -4.956  -2.720  1.00 30.47  ? 28   TYR A O   1 
ATOM   202  C CB  . TYR A 1 27  ? -6.019  -6.215  -0.611  1.00 27.48  ? 28   TYR A CB  1 
ATOM   203  C CG  . TYR A 1 27  ? -7.442  -6.560  -0.316  1.00 26.15  ? 28   TYR A CG  1 
ATOM   204  C CD1 . TYR A 1 27  ? -7.772  -7.744  0.352   1.00 26.43  ? 28   TYR A CD1 1 
ATOM   205  C CD2 . TYR A 1 27  ? -8.473  -5.762  -0.796  1.00 25.58  ? 28   TYR A CD2 1 
ATOM   206  C CE1 . TYR A 1 27  ? -9.103  -8.125  0.516   1.00 25.61  ? 28   TYR A CE1 1 
ATOM   207  C CE2 . TYR A 1 27  ? -9.797  -6.136  -0.633  1.00 25.72  ? 28   TYR A CE2 1 
ATOM   208  C CZ  . TYR A 1 27  ? -10.105 -7.319  0.020   1.00 25.34  ? 28   TYR A CZ  1 
ATOM   209  O OH  . TYR A 1 27  ? -11.424 -7.680  0.144   1.00 25.91  ? 28   TYR A OH  1 
ATOM   210  N N   . CYS A 1 28  ? -3.140  -6.774  -2.388  1.00 31.11  ? 29   CYS A N   1 
ATOM   211  C CA  . CYS A 1 28  ? -1.937  -6.092  -2.822  1.00 34.11  ? 29   CYS A CA  1 
ATOM   212  C C   . CYS A 1 28  ? -1.781  -6.121  -4.344  1.00 38.45  ? 29   CYS A C   1 
ATOM   213  O O   . CYS A 1 28  ? -1.360  -7.132  -4.906  1.00 39.52  ? 29   CYS A O   1 
ATOM   214  C CB  . CYS A 1 28  ? -0.706  -6.721  -2.171  1.00 30.68  ? 29   CYS A CB  1 
ATOM   215  S SG  . CYS A 1 28  ? -0.691  -6.670  -0.336  1.00 26.14  ? 29   CYS A SG  1 
ATOM   216  N N   . GLY A 1 29  ? -2.147  -5.033  -5.011  1.00 42.60  ? 30   GLY A N   1 
ATOM   217  C CA  . GLY A 1 29  ? -1.994  -4.962  -6.456  1.00 47.76  ? 30   GLY A CA  1 
ATOM   218  C C   . GLY A 1 29  ? -3.212  -4.965  -7.359  1.00 51.34  ? 30   GLY A C   1 
ATOM   219  O O   . GLY A 1 29  ? -3.276  -4.202  -8.335  1.00 52.14  ? 30   GLY A O   1 
ATOM   220  N N   . TRP A 1 30  ? -4.186  -5.814  -7.057  1.00 54.60  ? 31   TRP A N   1 
ATOM   221  C CA  . TRP A 1 30  ? -5.378  -5.910  -7.901  1.00 58.49  ? 31   TRP A CA  1 
ATOM   222  C C   . TRP A 1 30  ? -6.536  -5.115  -7.327  1.00 58.79  ? 31   TRP A C   1 
ATOM   223  O O   . TRP A 1 30  ? -7.545  -4.884  -7.998  1.00 59.02  ? 31   TRP A O   1 
ATOM   224  C CB  . TRP A 1 30  ? -5.812  -7.378  -8.059  1.00 61.67  ? 31   TRP A CB  1 
ATOM   225  C CG  . TRP A 1 30  ? -6.672  -7.664  -9.275  1.00 65.72  ? 31   TRP A CG  1 
ATOM   226  C CD1 . TRP A 1 30  ? -7.522  -8.716  -9.449  1.00 66.70  ? 31   TRP A CD1 1 
ATOM   227  C CD2 . TRP A 1 30  ? -6.689  -6.923  -10.511 1.00 67.60  ? 31   TRP A CD2 1 
ATOM   228  N NE1 . TRP A 1 30  ? -8.064  -8.684  -10.714 1.00 67.76  ? 31   TRP A NE1 1 
ATOM   229  C CE2 . TRP A 1 30  ? -7.570  -7.597  -11.387 1.00 68.21  ? 31   TRP A CE2 1 
ATOM   230  C CE3 . TRP A 1 30  ? -6.042  -5.758  -10.963 1.00 68.36  ? 31   TRP A CE3 1 
ATOM   231  C CZ2 . TRP A 1 30  ? -7.818  -7.147  -12.691 1.00 68.98  ? 31   TRP A CZ2 1 
ATOM   232  C CZ3 . TRP A 1 30  ? -6.292  -5.316  -12.258 1.00 69.03  ? 31   TRP A CZ3 1 
ATOM   233  C CH2 . TRP A 1 30  ? -7.170  -6.010  -13.101 1.00 69.13  ? 31   TRP A CH2 1 
ATOM   234  N N   . GLY A 1 31  ? -6.376  -4.641  -6.097  1.00 58.66  ? 32   GLY A N   1 
ATOM   235  C CA  . GLY A 1 31  ? -7.476  -3.947  -5.455  1.00 57.43  ? 32   GLY A CA  1 
ATOM   236  C C   . GLY A 1 31  ? -8.079  -5.268  -5.072  1.00 56.15  ? 32   GLY A C   1 
ATOM   237  O O   . GLY A 1 31  ? -7.386  -6.051  -4.432  1.00 57.38  ? 32   GLY A O   1 
ATOM   238  N N   . GLY A 1 32  ? -9.339  -5.571  -5.425  1.00 54.30  ? 33   GLY A N   1 
ATOM   239  C CA  . GLY A 1 32  ? -9.789  -6.916  -5.131  1.00 52.07  ? 33   GLY A CA  1 
ATOM   240  C C   . GLY A 1 32  ? -10.939 -7.086  -4.126  1.00 49.75  ? 33   GLY A C   1 
ATOM   241  O O   . GLY A 1 32  ? -11.591 -6.136  -3.696  1.00 49.75  ? 33   GLY A O   1 
ATOM   242  N N   . LYS A 1 33  ? -11.139 -8.339  -3.785  1.00 47.84  ? 34   LYS A N   1 
ATOM   243  C CA  . LYS A 1 33  ? -12.153 -8.846  -2.877  1.00 45.75  ? 34   LYS A CA  1 
ATOM   244  C C   . LYS A 1 33  ? -11.640 -9.979  -2.044  1.00 43.00  ? 34   LYS A C   1 
ATOM   245  O O   . LYS A 1 33  ? -10.518 -10.457 -2.250  1.00 42.48  ? 34   LYS A O   1 
ATOM   246  C CB  . LYS A 1 33  ? -13.322 -9.415  -3.683  1.00 47.23  ? 34   LYS A CB  1 
ATOM   247  C CG  . LYS A 1 33  ? -12.967 -10.752 -4.347  1.00 48.99  ? 34   LYS A CG  1 
ATOM   248  C CD  . LYS A 1 33  ? -13.530 -10.845 -5.757  1.00 50.69  ? 34   LYS A CD  1 
ATOM   249  C CE  . LYS A 1 33  ? -12.856 -11.932 -6.572  1.00 51.12  ? 34   LYS A CE  1 
ATOM   250  N NZ  . LYS A 1 33  ? -13.466 -12.064 -7.924  1.00 51.41  ? 34   LYS A NZ  1 
ATOM   251  N N   . GLY A 1 34  ? -12.475 -10.408 -1.094  1.00 40.31  ? 35   GLY A N   1 
ATOM   252  C CA  . GLY A 1 34  ? -12.135 -11.500 -0.206  1.00 37.43  ? 35   GLY A CA  1 
ATOM   253  C C   . GLY A 1 34  ? -11.644 -11.033 1.146   1.00 36.05  ? 35   GLY A C   1 
ATOM   254  O O   . GLY A 1 34  ? -11.619 -9.843  1.454   1.00 34.67  ? 35   GLY A O   1 
ATOM   255  N N   . THR A 1 35  ? -11.257 -12.003 1.961   1.00 35.68  ? 36   THR A N   1 
ATOM   256  C CA  . THR A 1 35  ? -10.748 -11.746 3.295   1.00 35.43  ? 36   THR A CA  1 
ATOM   257  C C   . THR A 1 35  ? -9.230  -11.644 3.211   1.00 34.81  ? 36   THR A C   1 
ATOM   258  O O   . THR A 1 35  ? -8.580  -12.528 2.652   1.00 34.83  ? 36   THR A O   1 
ATOM   259  C CB  . THR A 1 35  ? -11.109 -12.904 4.242   1.00 36.00  ? 36   THR A CB  1 
ATOM   260  O OG1 . THR A 1 35  ? -12.534 -12.987 4.367   1.00 37.34  ? 36   THR A OG1 1 
ATOM   261  C CG2 . THR A 1 35  ? -10.476 -12.695 5.610   1.00 36.77  ? 36   THR A CG2 1 
ATOM   262  N N   . PRO A 1 36  ? -8.646  -10.561 3.751   1.00 33.48  ? 37   PRO A N   1 
ATOM   263  C CA  . PRO A 1 36  ? -7.190  -10.438 3.688   1.00 32.66  ? 37   PRO A CA  1 
ATOM   264  C C   . PRO A 1 36  ? -6.565  -11.722 4.211   1.00 31.85  ? 37   PRO A C   1 
ATOM   265  O O   . PRO A 1 36  ? -7.015  -12.276 5.208   1.00 31.71  ? 37   PRO A O   1 
ATOM   266  C CB  . PRO A 1 36  ? -6.916  -9.228  4.572   1.00 33.23  ? 37   PRO A CB  1 
ATOM   267  C CG  . PRO A 1 36  ? -8.103  -8.362  4.295   1.00 32.78  ? 37   PRO A CG  1 
ATOM   268  C CD  . PRO A 1 36  ? -9.247  -9.363  4.361   1.00 33.53  ? 37   PRO A CD  1 
ATOM   269  N N   . LYS A 1 37  ? -5.536  -12.199 3.524   1.00 31.25  ? 38   LYS A N   1 
ATOM   270  C CA  . LYS A 1 37  ? -4.885  -13.441 3.904   1.00 30.39  ? 38   LYS A CA  1 
ATOM   271  C C   . LYS A 1 37  ? -3.967  -13.335 5.119   1.00 30.27  ? 38   LYS A C   1 
ATOM   272  O O   . LYS A 1 37  ? -3.796  -14.308 5.856   1.00 29.95  ? 38   LYS A O   1 
ATOM   273  C CB  . LYS A 1 37  ? -4.115  -13.992 2.707   1.00 31.32  ? 38   LYS A CB  1 
ATOM   274  C CG  . LYS A 1 37  ? -4.980  -14.164 1.456   1.00 32.52  ? 38   LYS A CG  1 
ATOM   275  C CD  . LYS A 1 37  ? -6.242  -14.987 1.741   1.00 34.27  ? 38   LYS A CD  1 
ATOM   276  C CE  . LYS A 1 37  ? -5.903  -16.348 2.346   1.00 35.00  ? 38   LYS A CE  1 
ATOM   277  N NZ  . LYS A 1 37  ? -7.110  -17.181 2.593   1.00 35.77  ? 38   LYS A NZ  1 
ATOM   278  N N   . ASP A 1 38  ? -3.375  -12.164 5.330   1.00 29.09  ? 39   ASP A N   1 
ATOM   279  C CA  . ASP A 1 38  ? -2.492  -11.983 6.473   1.00 28.19  ? 39   ASP A CA  1 
ATOM   280  C C   . ASP A 1 38  ? -2.285  -10.505 6.805   1.00 27.42  ? 39   ASP A C   1 
ATOM   281  O O   . ASP A 1 38  ? -2.964  -9.641  6.247   1.00 27.41  ? 39   ASP A O   1 
ATOM   282  C CB  . ASP A 1 38  ? -1.149  -12.686 6.217   1.00 27.54  ? 39   ASP A CB  1 
ATOM   283  C CG  . ASP A 1 38  ? -0.316  -12.000 5.153   1.00 29.09  ? 39   ASP A CG  1 
ATOM   284  O OD1 . ASP A 1 38  ? -0.874  -11.185 4.387   1.00 29.42  ? 39   ASP A OD1 1 
ATOM   285  O OD2 . ASP A 1 38  ? 0.900   -12.286 5.076   1.00 28.80  ? 39   ASP A OD2 1 
ATOM   286  N N   . ALA A 1 39  ? -1.360  -10.220 7.721   1.00 25.47  ? 40   ALA A N   1 
ATOM   287  C CA  . ALA A 1 39  ? -1.087  -8.845  8.133   1.00 24.12  ? 40   ALA A CA  1 
ATOM   288  C C   . ALA A 1 39  ? -0.717  -7.933  6.962   1.00 21.99  ? 40   ALA A C   1 
ATOM   289  O O   . ALA A 1 39  ? -1.263  -6.840  6.821   1.00 21.32  ? 40   ALA A O   1 
ATOM   290  C CB  . ALA A 1 39  ? 0.020   -8.828  9.194   1.00 23.27  ? 40   ALA A CB  1 
ATOM   291  N N   . THR A 1 40  ? 0.211   -8.384  6.125   1.00 22.02  ? 41   THR A N   1 
ATOM   292  C CA  . THR A 1 40  ? 0.640   -7.615  4.956   1.00 21.52  ? 41   THR A CA  1 
ATOM   293  C C   . THR A 1 40  ? -0.526  -7.365  3.991   1.00 20.68  ? 41   THR A C   1 
ATOM   294  O O   . THR A 1 40  ? -0.644  -6.290  3.413   1.00 21.31  ? 41   THR A O   1 
ATOM   295  C CB  . THR A 1 40  ? 1.783   -8.339  4.214   1.00 21.86  ? 41   THR A CB  1 
ATOM   296  O OG1 . THR A 1 40  ? 2.938   -8.393  5.060   1.00 22.93  ? 41   THR A OG1 1 
ATOM   297  C CG2 . THR A 1 40  ? 2.149   -7.601  2.929   1.00 22.57  ? 41   THR A CG2 1 
ATOM   298  N N   . ASP A 1 41  ? -1.392  -8.356  3.827   1.00 20.77  ? 42   ASP A N   1 
ATOM   299  C CA  . ASP A 1 41  ? -2.539  -8.210  2.945   1.00 21.00  ? 42   ASP A CA  1 
ATOM   300  C C   . ASP A 1 41  ? -3.507  -7.218  3.595   1.00 20.93  ? 42   ASP A C   1 
ATOM   301  O O   . ASP A 1 41  ? -4.249  -6.513  2.907   1.00 21.35  ? 42   ASP A O   1 
ATOM   302  C CB  . ASP A 1 41  ? -3.205  -9.577  2.718   1.00 19.62  ? 42   ASP A CB  1 
ATOM   303  C CG  . ASP A 1 41  ? -4.050  -9.620  1.448   1.00 19.28  ? 42   ASP A CG  1 
ATOM   304  O OD1 . ASP A 1 41  ? -3.896  -8.735  0.582   1.00 17.59  ? 42   ASP A OD1 1 
ATOM   305  O OD2 . ASP A 1 41  ? -4.866  -10.553 1.308   1.00 19.44  ? 42   ASP A OD2 1 
ATOM   306  N N   . ARG A 1 42  ? -3.489  -7.148  4.924   1.00 21.25  ? 43   ARG A N   1 
ATOM   307  C CA  . ARG A 1 42  ? -4.359  -6.211  5.624   1.00 21.41  ? 43   ARG A CA  1 
ATOM   308  C C   . ARG A 1 42  ? -3.847  -4.797  5.388   1.00 20.51  ? 43   ARG A C   1 
ATOM   309  O O   . ARG A 1 42  ? -4.623  -3.850  5.305   1.00 21.35  ? 43   ARG A O   1 
ATOM   310  C CB  . ARG A 1 42  ? -4.422  -6.526  7.121   1.00 23.43  ? 43   ARG A CB  1 
ATOM   311  C CG  . ARG A 1 42  ? -5.263  -7.759  7.447   1.00 25.96  ? 43   ARG A CG  1 
ATOM   312  C CD  . ARG A 1 42  ? -5.663  -7.809  8.925   1.00 28.97  ? 43   ARG A CD  1 
ATOM   313  N NE  . ARG A 1 42  ? -4.596  -8.294  9.805   1.00 31.05  ? 43   ARG A NE  1 
ATOM   314  C CZ  . ARG A 1 42  ? -4.255  -9.574  9.945   1.00 31.49  ? 43   ARG A CZ  1 
ATOM   315  N NH1 . ARG A 1 42  ? -4.893  -10.519 9.264   1.00 32.12  ? 43   ARG A NH1 1 
ATOM   316  N NH2 . ARG A 1 42  ? -3.280  -9.914  10.778  1.00 31.81  ? 43   ARG A NH2 1 
ATOM   317  N N   . CYS A 1 43  ? -2.537  -4.655  5.263   1.00 19.80  ? 44   CYS A N   1 
ATOM   318  C CA  . CYS A 1 43  ? -1.960  -3.350  4.991   1.00 20.22  ? 44   CYS A CA  1 
ATOM   319  C C   . CYS A 1 43  ? -2.509  -2.841  3.666   1.00 20.30  ? 44   CYS A C   1 
ATOM   320  O O   . CYS A 1 43  ? -2.840  -1.663  3.537   1.00 20.72  ? 44   CYS A O   1 
ATOM   321  C CB  . CYS A 1 43  ? -0.444  -3.439  4.873   1.00 20.71  ? 44   CYS A CB  1 
ATOM   322  S SG  . CYS A 1 43  ? 0.438   -3.885  6.394   1.00 24.37  ? 44   CYS A SG  1 
ATOM   323  N N   . CYS A 1 44  ? -2.590  -3.736  2.683   1.00 20.82  ? 45   CYS A N   1 
ATOM   324  C CA  . CYS A 1 44  ? -3.086  -3.387  1.353   1.00 21.43  ? 45   CYS A CA  1 
ATOM   325  C C   . CYS A 1 44  ? -4.582  -3.084  1.382   1.00 21.66  ? 45   CYS A C   1 
ATOM   326  O O   . CYS A 1 44  ? -5.051  -2.142  0.739   1.00 21.71  ? 45   CYS A O   1 
ATOM   327  C CB  . CYS A 1 44  ? -2.773  -4.509  0.350   1.00 21.62  ? 45   CYS A CB  1 
ATOM   328  S SG  . CYS A 1 44  ? -0.975  -4.702  0.064   1.00 22.61  ? 45   CYS A SG  1 
ATOM   329  N N   . PHE A 1 45  ? -5.333  -3.877  2.137   1.00 22.31  ? 46   PHE A N   1 
ATOM   330  C CA  . PHE A 1 45  ? -6.770  -3.658  2.260   1.00 22.76  ? 46   PHE A CA  1 
ATOM   331  C C   . PHE A 1 45  ? -7.025  -2.243  2.776   1.00 21.75  ? 46   PHE A C   1 
ATOM   332  O O   . PHE A 1 45  ? -7.789  -1.489  2.182   1.00 22.45  ? 46   PHE A O   1 
ATOM   333  C CB  . PHE A 1 45  ? -7.378  -4.659  3.241   1.00 23.27  ? 46   PHE A CB  1 
ATOM   334  C CG  . PHE A 1 45  ? -8.831  -4.427  3.500   1.00 24.67  ? 46   PHE A CG  1 
ATOM   335  C CD1 . PHE A 1 45  ? -9.778  -4.739  2.528   1.00 24.90  ? 46   PHE A CD1 1 
ATOM   336  C CD2 . PHE A 1 45  ? -9.256  -3.853  4.698   1.00 24.90  ? 46   PHE A CD2 1 
ATOM   337  C CE1 . PHE A 1 45  ? -11.137 -4.478  2.741   1.00 25.40  ? 46   PHE A CE1 1 
ATOM   338  C CE2 . PHE A 1 45  ? -10.614 -3.588  4.924   1.00 25.55  ? 46   PHE A CE2 1 
ATOM   339  C CZ  . PHE A 1 45  ? -11.557 -3.901  3.942   1.00 24.58  ? 46   PHE A CZ  1 
ATOM   340  N N   . VAL A 1 46  ? -6.381  -1.893  3.888   1.00 21.50  ? 47   VAL A N   1 
ATOM   341  C CA  . VAL A 1 46  ? -6.531  -0.572  4.493   1.00 21.81  ? 47   VAL A CA  1 
ATOM   342  C C   . VAL A 1 46  ? -6.058  0.520   3.550   1.00 20.11  ? 47   VAL A C   1 
ATOM   343  O O   . VAL A 1 46  ? -6.672  1.587   3.461   1.00 19.45  ? 47   VAL A O   1 
ATOM   344  C CB  . VAL A 1 46  ? -5.741  -0.474  5.811   1.00 21.33  ? 47   VAL A CB  1 
ATOM   345  C CG1 . VAL A 1 46  ? -5.833  0.935   6.378   1.00 20.90  ? 47   VAL A CG1 1 
ATOM   346  C CG2 . VAL A 1 46  ? -6.287  -1.485  6.808   1.00 21.67  ? 47   VAL A CG2 1 
ATOM   347  N N   . HIS A 1 47  ? -4.961  0.249   2.849   1.00 20.18  ? 48   HIS A N   1 
ATOM   348  C CA  . HIS A 1 47  ? -4.410  1.197   1.886   1.00 20.17  ? 48   HIS A CA  1 
ATOM   349  C C   . HIS A 1 47  ? -5.449  1.456   0.794   1.00 20.46  ? 48   HIS A C   1 
ATOM   350  O O   . HIS A 1 47  ? -5.662  2.601   0.393   1.00 21.41  ? 48   HIS A O   1 
ATOM   351  C CB  . HIS A 1 47  ? -3.125  0.635   1.269   1.00 18.45  ? 48   HIS A CB  1 
ATOM   352  C CG  . HIS A 1 47  ? -2.439  1.586   0.337   1.00 18.06  ? 48   HIS A CG  1 
ATOM   353  N ND1 . HIS A 1 47  ? -2.375  1.379   -1.025  1.00 16.16  ? 48   HIS A ND1 1 
ATOM   354  C CD2 . HIS A 1 47  ? -1.791  2.754   0.570   1.00 17.85  ? 48   HIS A CD2 1 
ATOM   355  C CE1 . HIS A 1 47  ? -1.714  2.374   -1.589  1.00 16.95  ? 48   HIS A CE1 1 
ATOM   356  N NE2 . HIS A 1 47  ? -1.348  3.222   -0.644  1.00 15.98  ? 48   HIS A NE2 1 
ATOM   357  N N   . ASP A 1 48  ? -6.086  0.386   0.319   1.00 20.24  ? 49   ASP A N   1 
ATOM   358  C CA  . ASP A 1 48  ? -7.120  0.487   -0.703  1.00 21.59  ? 49   ASP A CA  1 
ATOM   359  C C   . ASP A 1 48  ? -8.276  1.326   -0.164  1.00 20.97  ? 49   ASP A C   1 
ATOM   360  O O   . ASP A 1 48  ? -8.828  2.169   -0.871  1.00 21.88  ? 49   ASP A O   1 
ATOM   361  C CB  . ASP A 1 48  ? -7.635  -0.905  -1.084  1.00 22.98  ? 49   ASP A CB  1 
ATOM   362  C CG  . ASP A 1 48  ? -6.752  -1.602  -2.105  1.00 23.70  ? 49   ASP A CG  1 
ATOM   363  O OD1 . ASP A 1 48  ? -5.644  -1.097  -2.381  1.00 26.09  ? 49   ASP A OD1 1 
ATOM   364  O OD2 . ASP A 1 48  ? -7.163  -2.662  -2.629  1.00 24.19  ? 49   ASP A OD2 1 
ATOM   365  N N   . CYS A 1 49  ? -8.636  1.086   1.093   1.00 20.93  ? 50   CYS A N   1 
ATOM   366  C CA  . CYS A 1 49  ? -9.717  1.823   1.746   1.00 21.96  ? 50   CYS A CA  1 
ATOM   367  C C   . CYS A 1 49  ? -9.363  3.300   1.883   1.00 20.44  ? 50   CYS A C   1 
ATOM   368  O O   . CYS A 1 49  ? -10.225 4.170   1.789   1.00 19.23  ? 50   CYS A O   1 
ATOM   369  C CB  . CYS A 1 49  ? -9.988  1.259   3.140   1.00 22.98  ? 50   CYS A CB  1 
ATOM   370  S SG  . CYS A 1 49  ? -10.775 -0.375  3.197   1.00 26.05  ? 50   CYS A SG  1 
ATOM   371  N N   . CYS A 1 50  ? -8.088  3.568   2.131   1.00 20.34  ? 51   CYS A N   1 
ATOM   372  C CA  . CYS A 1 50  ? -7.617  4.931   2.273   1.00 20.22  ? 51   CYS A CA  1 
ATOM   373  C C   . CYS A 1 50  ? -7.820  5.657   0.946   1.00 21.28  ? 51   CYS A C   1 
ATOM   374  O O   . CYS A 1 50  ? -8.344  6.766   0.910   1.00 21.32  ? 51   CYS A O   1 
ATOM   375  C CB  . CYS A 1 50  ? -6.148  4.916   2.660   1.00 19.49  ? 51   CYS A CB  1 
ATOM   376  S SG  . CYS A 1 50  ? -5.540  6.459   3.404   1.00 17.60  ? 51   CYS A SG  1 
ATOM   377  N N   . TYR A 1 51  ? -7.400  5.026   -0.145  1.00 21.84  ? 52   TYR A N   1 
ATOM   378  C CA  . TYR A 1 51  ? -7.579  5.607   -1.473  1.00 23.65  ? 52   TYR A CA  1 
ATOM   379  C C   . TYR A 1 51  ? -9.077  5.786   -1.727  1.00 24.03  ? 52   TYR A C   1 
ATOM   380  O O   . TYR A 1 51  ? -9.505  6.744   -2.377  1.00 23.37  ? 52   TYR A O   1 
ATOM   381  C CB  . TYR A 1 51  ? -6.996  4.679   -2.547  1.00 23.04  ? 52   TYR A CB  1 
ATOM   382  C CG  . TYR A 1 51  ? -5.498  4.787   -2.762  1.00 21.53  ? 52   TYR A CG  1 
ATOM   383  C CD1 . TYR A 1 51  ? -4.711  5.658   -1.999  1.00 20.71  ? 52   TYR A CD1 1 
ATOM   384  C CD2 . TYR A 1 51  ? -4.876  4.040   -3.764  1.00 21.43  ? 52   TYR A CD2 1 
ATOM   385  C CE1 . TYR A 1 51  ? -3.335  5.784   -2.236  1.00 20.58  ? 52   TYR A CE1 1 
ATOM   386  C CE2 . TYR A 1 51  ? -3.508  4.155   -4.010  1.00 21.36  ? 52   TYR A CE2 1 
ATOM   387  C CZ  . TYR A 1 51  ? -2.745  5.026   -3.246  1.00 20.89  ? 52   TYR A CZ  1 
ATOM   388  O OH  . TYR A 1 51  ? -1.398  5.131   -3.504  1.00 22.01  ? 52   TYR A OH  1 
ATOM   389  N N   . GLY A 1 52  ? -9.863  4.844   -1.208  1.00 24.64  ? 53   GLY A N   1 
ATOM   390  C CA  . GLY A 1 52  ? -11.308 4.878   -1.363  1.00 24.92  ? 53   GLY A CA  1 
ATOM   391  C C   . GLY A 1 52  ? -11.972 6.100   -0.754  1.00 25.61  ? 53   GLY A C   1 
ATOM   392  O O   . GLY A 1 52  ? -13.097 6.435   -1.119  1.00 24.77  ? 53   GLY A O   1 
ATOM   393  N N   . ASN A 1 53  ? -11.288 6.760   0.179   1.00 27.16  ? 54   ASN A N   1 
ATOM   394  C CA  . ASN A 1 53  ? -11.826 7.964   0.812   1.00 28.65  ? 54   ASN A CA  1 
ATOM   395  C C   . ASN A 1 53  ? -11.504 9.215   -0.005  1.00 29.60  ? 54   ASN A C   1 
ATOM   396  O O   . ASN A 1 53  ? -11.903 10.320  0.365   1.00 30.93  ? 54   ASN A O   1 
ATOM   397  C CB  . ASN A 1 53  ? -11.259 8.151   2.225   1.00 30.47  ? 54   ASN A CB  1 
ATOM   398  C CG  . ASN A 1 53  ? -11.770 7.115   3.209   1.00 31.69  ? 54   ASN A CG  1 
ATOM   399  O OD1 . ASN A 1 53  ? -12.936 6.715   3.161   1.00 32.64  ? 54   ASN A OD1 1 
ATOM   400  N ND2 . ASN A 1 53  ? -10.903 6.690   4.126   1.00 32.01  ? 54   ASN A ND2 1 
ATOM   401  N N   . LEU A 1 54  ? -10.782 9.040   -1.110  1.00 29.88  ? 55   LEU A N   1 
ATOM   402  C CA  . LEU A 1 54  ? -10.392 10.159  -1.976  1.00 29.14  ? 55   LEU A CA  1 
ATOM   403  C C   . LEU A 1 54  ? -10.930 9.943   -3.391  1.00 29.10  ? 55   LEU A C   1 
ATOM   404  O O   . LEU A 1 54  ? -10.166 9.733   -4.333  1.00 27.33  ? 55   LEU A O   1 
ATOM   405  C CB  . LEU A 1 54  ? -8.872  10.262  -2.024  1.00 28.00  ? 55   LEU A CB  1 
ATOM   406  C CG  . LEU A 1 54  ? -8.169  10.065  -0.683  1.00 27.31  ? 55   LEU A CG  1 
ATOM   407  C CD1 . LEU A 1 54  ? -6.673  9.992   -0.917  1.00 28.14  ? 55   LEU A CD1 1 
ATOM   408  C CD2 . LEU A 1 54  ? -8.527  11.196  0.264   1.00 27.63  ? 55   LEU A CD2 1 
ATOM   409  N N   . PRO A 1 55  ? -12.260 10.017  -3.557  1.00 29.80  ? 56   PRO A N   1 
ATOM   410  C CA  . PRO A 1 55  ? -12.943 9.826   -4.844  1.00 30.09  ? 56   PRO A CA  1 
ATOM   411  C C   . PRO A 1 55  ? -12.499 10.757  -5.976  1.00 29.68  ? 56   PRO A C   1 
ATOM   412  O O   . PRO A 1 55  ? -12.346 10.320  -7.116  1.00 30.01  ? 56   PRO A O   1 
ATOM   413  C CB  . PRO A 1 55  ? -14.422 10.032  -4.490  1.00 30.07  ? 56   PRO A CB  1 
ATOM   414  C CG  . PRO A 1 55  ? -14.483 9.759   -3.008  1.00 30.54  ? 56   PRO A CG  1 
ATOM   415  C CD  . PRO A 1 55  ? -13.224 10.405  -2.513  1.00 30.22  ? 56   PRO A CD  1 
ATOM   416  N N   . ASP A 1 56  ? -12.293 12.032  -5.656  1.00 29.63  ? 59   ASP A N   1 
ATOM   417  C CA  . ASP A 1 56  ? -11.899 13.017  -6.657  1.00 30.03  ? 59   ASP A CA  1 
ATOM   418  C C   . ASP A 1 56  ? -10.400 13.265  -6.790  1.00 28.85  ? 59   ASP A C   1 
ATOM   419  O O   . ASP A 1 56  ? -9.981  14.315  -7.289  1.00 29.44  ? 59   ASP A O   1 
ATOM   420  C CB  . ASP A 1 56  ? -12.624 14.334  -6.379  1.00 33.02  ? 59   ASP A CB  1 
ATOM   421  C CG  . ASP A 1 56  ? -14.130 14.222  -6.583  1.00 34.18  ? 59   ASP A CG  1 
ATOM   422  O OD1 . ASP A 1 56  ? -14.884 14.823  -5.788  1.00 36.62  ? 59   ASP A OD1 1 
ATOM   423  O OD2 . ASP A 1 56  ? -14.556 13.536  -7.539  1.00 35.01  ? 59   ASP A OD2 1 
ATOM   424  N N   . CYS A 1 57  ? -9.598  12.299  -6.347  1.00 26.50  ? 61   CYS A N   1 
ATOM   425  C CA  . CYS A 1 57  ? -8.146  12.394  -6.434  1.00 24.56  ? 61   CYS A CA  1 
ATOM   426  C C   . CYS A 1 57  ? -7.676  11.272  -7.359  1.00 23.59  ? 61   CYS A C   1 
ATOM   427  O O   . CYS A 1 57  ? -8.442  10.371  -7.665  1.00 24.31  ? 61   CYS A O   1 
ATOM   428  C CB  . CYS A 1 57  ? -7.501  12.216  -5.053  1.00 23.23  ? 61   CYS A CB  1 
ATOM   429  S SG  . CYS A 1 57  ? -7.870  13.450  -3.753  1.00 21.13  ? 61   CYS A SG  1 
ATOM   430  N N   . ASN A 1 58  ? -6.423  11.323  -7.800  1.00 23.82  ? 67   ASN A N   1 
ATOM   431  C CA  . ASN A 1 58  ? -5.862  10.293  -8.688  1.00 25.46  ? 67   ASN A CA  1 
ATOM   432  C C   . ASN A 1 58  ? -4.510  9.822   -8.126  1.00 25.62  ? 67   ASN A C   1 
ATOM   433  O O   . ASN A 1 58  ? -3.455  10.249  -8.597  1.00 25.94  ? 67   ASN A O   1 
ATOM   434  C CB  . ASN A 1 58  ? -5.666  10.864  -10.102 1.00 24.77  ? 67   ASN A CB  1 
ATOM   435  C CG  . ASN A 1 58  ? -6.965  11.374  -10.715 1.00 25.64  ? 67   ASN A CG  1 
ATOM   436  O OD1 . ASN A 1 58  ? -7.728  10.611  -11.309 1.00 25.44  ? 67   ASN A OD1 1 
ATOM   437  N ND2 . ASN A 1 58  ? -7.224  12.671  -10.563 1.00 24.49  ? 67   ASN A ND2 1 
ATOM   438  N N   . PRO A 1 59  ? -4.535  8.916   -7.123  1.00 25.17  ? 68   PRO A N   1 
ATOM   439  C CA  . PRO A 1 59  ? -3.384  8.330   -6.420  1.00 27.13  ? 68   PRO A CA  1 
ATOM   440  C C   . PRO A 1 59  ? -2.305  7.692   -7.282  1.00 27.39  ? 68   PRO A C   1 
ATOM   441  O O   . PRO A 1 59  ? -1.117  7.793   -6.974  1.00 26.59  ? 68   PRO A O   1 
ATOM   442  C CB  . PRO A 1 59  ? -4.030  7.305   -5.489  1.00 25.62  ? 68   PRO A CB  1 
ATOM   443  C CG  . PRO A 1 59  ? -5.393  7.842   -5.274  1.00 26.21  ? 68   PRO A CG  1 
ATOM   444  C CD  . PRO A 1 59  ? -5.779  8.280   -6.658  1.00 26.04  ? 68   PRO A CD  1 
ATOM   445  N N   . LYS A 1 60  ? -2.723  7.024   -8.350  1.00 27.82  ? 69   LYS A N   1 
ATOM   446  C CA  . LYS A 1 60  ? -1.794  6.357   -9.255  1.00 28.91  ? 69   LYS A CA  1 
ATOM   447  C C   . LYS A 1 60  ? -0.863  7.307   -9.987  1.00 27.89  ? 69   LYS A C   1 
ATOM   448  O O   . LYS A 1 60  ? 0.308   6.994   -10.184 1.00 28.14  ? 69   LYS A O   1 
ATOM   449  C CB  . LYS A 1 60  ? -2.552  5.561   -10.320 1.00 29.94  ? 69   LYS A CB  1 
ATOM   450  C CG  . LYS A 1 60  ? -3.203  4.265   -9.870  1.00 33.29  ? 69   LYS A CG  1 
ATOM   451  C CD  . LYS A 1 60  ? -3.973  3.660   -11.048 1.00 36.44  ? 69   LYS A CD  1 
ATOM   452  C CE  . LYS A 1 60  ? -4.620  2.324   -10.714 1.00 39.53  ? 69   LYS A CE  1 
ATOM   453  N NZ  . LYS A 1 60  ? -5.476  1.853   -11.849 1.00 42.49  ? 69   LYS A NZ  1 
ATOM   454  N N   . SER A 1 61  ? -1.388  8.461   -10.391 1.00 26.80  ? 70   SER A N   1 
ATOM   455  C CA  . SER A 1 61  ? -0.614  9.419   -11.178 1.00 26.58  ? 70   SER A CA  1 
ATOM   456  C C   . SER A 1 61  ? -0.325  10.797  -10.592 1.00 26.35  ? 70   SER A C   1 
ATOM   457  O O   . SER A 1 61  ? 0.498   11.535  -11.140 1.00 26.40  ? 70   SER A O   1 
ATOM   458  C CB  . SER A 1 61  ? -1.285  9.598   -12.543 1.00 27.38  ? 70   SER A CB  1 
ATOM   459  O OG  . SER A 1 61  ? -2.644  9.992   -12.399 1.00 26.39  ? 70   SER A OG  1 
ATOM   460  N N   . ASP A 1 62  ? -0.995  11.170  -9.507  1.00 25.15  ? 71   ASP A N   1 
ATOM   461  C CA  . ASP A 1 62  ? -0.729  12.477  -8.918  1.00 23.99  ? 71   ASP A CA  1 
ATOM   462  C C   . ASP A 1 62  ? 0.531   12.356  -8.061  1.00 24.77  ? 71   ASP A C   1 
ATOM   463  O O   . ASP A 1 62  ? 0.572   11.589  -7.096  1.00 24.15  ? 71   ASP A O   1 
ATOM   464  C CB  . ASP A 1 62  ? -1.917  12.948  -8.066  1.00 21.73  ? 71   ASP A CB  1 
ATOM   465  C CG  . ASP A 1 62  ? -1.816  14.420  -7.676  1.00 19.27  ? 71   ASP A CG  1 
ATOM   466  O OD1 . ASP A 1 62  ? -0.814  15.067  -8.042  1.00 19.51  ? 71   ASP A OD1 1 
ATOM   467  O OD2 . ASP A 1 62  ? -2.737  14.935  -7.005  1.00 17.23  ? 71   ASP A OD2 1 
ATOM   468  N N   . ARG A 1 63  ? 1.567   13.105  -8.425  1.00 26.01  ? 72   ARG A N   1 
ATOM   469  C CA  . ARG A 1 63  ? 2.818   13.060  -7.683  1.00 26.90  ? 72   ARG A CA  1 
ATOM   470  C C   . ARG A 1 63  ? 2.838   13.998  -6.494  1.00 26.97  ? 72   ARG A C   1 
ATOM   471  O O   . ARG A 1 63  ? 2.286   15.096  -6.542  1.00 27.62  ? 72   ARG A O   1 
ATOM   472  C CB  . ARG A 1 63  ? 3.999   13.421  -8.577  1.00 28.72  ? 72   ARG A CB  1 
ATOM   473  C CG  . ARG A 1 63  ? 4.289   12.460  -9.700  1.00 31.05  ? 72   ARG A CG  1 
ATOM   474  C CD  . ARG A 1 63  ? 5.698   12.706  -10.168 1.00 32.16  ? 72   ARG A CD  1 
ATOM   475  N NE  . ARG A 1 63  ? 6.019   12.009  -11.402 1.00 34.84  ? 72   ARG A NE  1 
ATOM   476  C CZ  . ARG A 1 63  ? 7.186   12.131  -12.027 1.00 36.18  ? 72   ARG A CZ  1 
ATOM   477  N NH1 . ARG A 1 63  ? 7.415   11.469  -13.156 1.00 35.89  ? 72   ARG A NH1 1 
ATOM   478  N NH2 . ARG A 1 63  ? 8.126   12.919  -11.515 1.00 35.83  ? 72   ARG A NH2 1 
ATOM   479  N N   . TYR A 1 64  ? 3.494   13.553  -5.429  1.00 26.29  ? 73   TYR A N   1 
ATOM   480  C CA  . TYR A 1 64  ? 3.647   14.347  -4.219  1.00 25.49  ? 73   TYR A CA  1 
ATOM   481  C C   . TYR A 1 64  ? 5.116   14.298  -3.802  1.00 25.73  ? 73   TYR A C   1 
ATOM   482  O O   . TYR A 1 64  ? 5.904   13.510  -4.327  1.00 23.74  ? 73   TYR A O   1 
ATOM   483  C CB  . TYR A 1 64  ? 2.747   13.807  -3.099  1.00 24.42  ? 73   TYR A CB  1 
ATOM   484  C CG  . TYR A 1 64  ? 2.949   12.340  -2.761  1.00 23.57  ? 73   TYR A CG  1 
ATOM   485  C CD1 . TYR A 1 64  ? 4.031   11.915  -1.981  1.00 22.77  ? 73   TYR A CD1 1 
ATOM   486  C CD2 . TYR A 1 64  ? 2.057   11.376  -3.225  1.00 22.84  ? 73   TYR A CD2 1 
ATOM   487  C CE1 . TYR A 1 64  ? 4.210   10.568  -1.677  1.00 23.26  ? 73   TYR A CE1 1 
ATOM   488  C CE2 . TYR A 1 64  ? 2.229   10.033  -2.925  1.00 22.66  ? 73   TYR A CE2 1 
ATOM   489  C CZ  . TYR A 1 64  ? 3.304   9.634   -2.155  1.00 22.99  ? 73   TYR A CZ  1 
ATOM   490  O OH  . TYR A 1 64  ? 3.474   8.298   -1.878  1.00 24.13  ? 73   TYR A OH  1 
ATOM   491  N N   . LYS A 1 65  ? 5.485   15.159  -2.867  1.00 27.38  ? 74   LYS A N   1 
ATOM   492  C CA  . LYS A 1 65  ? 6.850   15.195  -2.378  1.00 28.80  ? 74   LYS A CA  1 
ATOM   493  C C   . LYS A 1 65  ? 6.834   14.772  -0.915  1.00 28.23  ? 74   LYS A C   1 
ATOM   494  O O   . LYS A 1 65  ? 5.876   15.043  -0.191  1.00 28.16  ? 74   LYS A O   1 
ATOM   495  C CB  . LYS A 1 65  ? 7.430   16.610  -2.493  1.00 30.25  ? 74   LYS A CB  1 
ATOM   496  C CG  . LYS A 1 65  ? 7.618   17.145  -3.915  1.00 31.87  ? 74   LYS A CG  1 
ATOM   497  C CD  . LYS A 1 65  ? 8.693   16.379  -4.679  1.00 33.88  ? 74   LYS A CD  1 
ATOM   498  C CE  . LYS A 1 65  ? 9.157   17.143  -5.927  1.00 34.84  ? 74   LYS A CE  1 
ATOM   499  N NZ  . LYS A 1 65  ? 9.934   18.386  -5.598  1.00 37.35  ? 74   LYS A NZ  1 
ATOM   500  N N   . TYR A 1 66  ? 7.886   14.085  -0.488  1.00 28.36  ? 75   TYR A N   1 
ATOM   501  C CA  . TYR A 1 66  ? 7.995   13.669  0.900   1.00 29.62  ? 75   TYR A CA  1 
ATOM   502  C C   . TYR A 1 66  ? 9.476   13.609  1.232   1.00 30.88  ? 75   TYR A C   1 
ATOM   503  O O   . TYR A 1 66  ? 10.302  13.377  0.351   1.00 30.24  ? 75   TYR A O   1 
ATOM   504  C CB  . TYR A 1 66  ? 7.325   12.304  1.130   1.00 28.47  ? 75   TYR A CB  1 
ATOM   505  C CG  . TYR A 1 66  ? 8.115   11.102  0.661   1.00 27.22  ? 75   TYR A CG  1 
ATOM   506  C CD1 . TYR A 1 66  ? 9.124   10.550  1.454   1.00 26.91  ? 75   TYR A CD1 1 
ATOM   507  C CD2 . TYR A 1 66  ? 7.852   10.513  -0.574  1.00 26.42  ? 75   TYR A CD2 1 
ATOM   508  C CE1 . TYR A 1 66  ? 9.849   9.437   1.026   1.00 26.33  ? 75   TYR A CE1 1 
ATOM   509  C CE2 . TYR A 1 66  ? 8.568   9.403   -1.014  1.00 25.44  ? 75   TYR A CE2 1 
ATOM   510  C CZ  . TYR A 1 66  ? 9.565   8.867   -0.212  1.00 26.72  ? 75   TYR A CZ  1 
ATOM   511  O OH  . TYR A 1 66  ? 10.270  7.764   -0.649  1.00 25.30  ? 75   TYR A OH  1 
ATOM   512  N N   . LYS A 1 67  ? 9.812   13.848  2.492   1.00 32.22  ? 76   LYS A N   1 
ATOM   513  C CA  . LYS A 1 67  ? 11.199  13.805  2.922   1.00 34.68  ? 76   LYS A CA  1 
ATOM   514  C C   . LYS A 1 67  ? 11.299  12.923  4.155   1.00 35.71  ? 76   LYS A C   1 
ATOM   515  O O   . LYS A 1 67  ? 10.289  12.450  4.672   1.00 35.11  ? 76   LYS A O   1 
ATOM   516  C CB  . LYS A 1 67  ? 11.700  15.210  3.247   1.00 35.33  ? 76   LYS A CB  1 
ATOM   517  C CG  . LYS A 1 67  ? 10.873  15.913  4.304   1.00 37.49  ? 76   LYS A CG  1 
ATOM   518  C CD  . LYS A 1 67  ? 11.480  17.250  4.677   1.00 38.50  ? 76   LYS A CD  1 
ATOM   519  C CE  . LYS A 1 67  ? 10.620  17.977  5.707   1.00 39.36  ? 76   LYS A CE  1 
ATOM   520  N NZ  . LYS A 1 67  ? 11.224  19.276  6.128   1.00 38.80  ? 76   LYS A NZ  1 
ATOM   521  N N   . ARG A 1 68  ? 12.516  12.702  4.628   1.00 37.63  ? 77   ARG A N   1 
ATOM   522  C CA  . ARG A 1 68  ? 12.713  11.863  5.796   1.00 39.50  ? 77   ARG A CA  1 
ATOM   523  C C   . ARG A 1 68  ? 13.482  12.608  6.875   1.00 40.63  ? 77   ARG A C   1 
ATOM   524  O O   . ARG A 1 68  ? 14.635  12.999  6.683   1.00 41.47  ? 77   ARG A O   1 
ATOM   525  C CB  . ARG A 1 68  ? 13.444  10.575  5.390   1.00 38.64  ? 77   ARG A CB  1 
ATOM   526  C CG  . ARG A 1 68  ? 12.899  9.985   4.092   1.00 38.81  ? 77   ARG A CG  1 
ATOM   527  C CD  . ARG A 1 68  ? 13.177  8.505   3.938   1.00 37.12  ? 77   ARG A CD  1 
ATOM   528  N NE  . ARG A 1 68  ? 12.526  7.743   4.991   1.00 35.41  ? 77   ARG A NE  1 
ATOM   529  C CZ  . ARG A 1 68  ? 11.854  6.615   4.797   1.00 34.44  ? 77   ARG A CZ  1 
ATOM   530  N NH1 . ARG A 1 68  ? 11.734  6.104   3.582   1.00 33.69  ? 77   ARG A NH1 1 
ATOM   531  N NH2 . ARG A 1 68  ? 11.301  5.998   5.827   1.00 34.27  ? 77   ARG A NH2 1 
ATOM   532  N N   . VAL A 1 69  ? 12.807  12.833  7.996   1.00 41.81  ? 78   VAL A N   1 
ATOM   533  C CA  . VAL A 1 69  ? 13.389  13.511  9.147   1.00 42.69  ? 78   VAL A CA  1 
ATOM   534  C C   . VAL A 1 69  ? 13.685  12.444  10.190  1.00 43.91  ? 78   VAL A C   1 
ATOM   535  O O   . VAL A 1 69  ? 12.760  11.908  10.805  1.00 44.04  ? 78   VAL A O   1 
ATOM   536  C CB  . VAL A 1 69  ? 12.404  14.505  9.777   1.00 42.94  ? 78   VAL A CB  1 
ATOM   537  C CG1 . VAL A 1 69  ? 13.010  15.098  11.037  1.00 43.06  ? 78   VAL A CG1 1 
ATOM   538  C CG2 . VAL A 1 69  ? 12.050  15.593  8.785   1.00 42.57  ? 78   VAL A CG2 1 
ATOM   539  N N   . ASN A 1 70  ? 14.967  12.143  10.396  1.00 45.22  ? 79   ASN A N   1 
ATOM   540  C CA  . ASN A 1 70  ? 15.365  11.122  11.364  1.00 45.65  ? 79   ASN A CA  1 
ATOM   541  C C   . ASN A 1 70  ? 14.868  9.755   10.920  1.00 44.82  ? 79   ASN A C   1 
ATOM   542  O O   . ASN A 1 70  ? 14.532  8.910   11.750  1.00 45.17  ? 79   ASN A O   1 
ATOM   543  C CB  . ASN A 1 70  ? 14.802  11.439  12.754  1.00 47.01  ? 79   ASN A CB  1 
ATOM   544  C CG  . ASN A 1 70  ? 15.688  12.388  13.541  1.00 49.10  ? 79   ASN A CG  1 
ATOM   545  O OD1 . ASN A 1 70  ? 16.853  12.081  13.818  1.00 50.06  ? 79   ASN A OD1 1 
ATOM   546  N ND2 . ASN A 1 70  ? 15.143  13.546  13.906  1.00 48.57  ? 79   ASN A ND2 1 
ATOM   547  N N   . GLY A 1 71  ? 14.826  9.541   9.609   1.00 43.69  ? 80   GLY A N   1 
ATOM   548  C CA  . GLY A 1 71  ? 14.357  8.274   9.083   1.00 41.29  ? 80   GLY A CA  1 
ATOM   549  C C   . GLY A 1 71  ? 12.849  8.244   8.916   1.00 39.58  ? 80   GLY A C   1 
ATOM   550  O O   . GLY A 1 71  ? 12.322  7.425   8.163   1.00 40.07  ? 80   GLY A O   1 
ATOM   551  N N   . ALA A 1 72  ? 12.152  9.139   9.612   1.00 37.28  ? 81   ALA A N   1 
ATOM   552  C CA  . ALA A 1 72  ? 10.697  9.201   9.535   1.00 36.14  ? 81   ALA A CA  1 
ATOM   553  C C   . ALA A 1 72  ? 10.225  9.874   8.248   1.00 34.92  ? 81   ALA A C   1 
ATOM   554  O O   . ALA A 1 72  ? 10.779  10.887  7.825   1.00 34.11  ? 81   ALA A O   1 
ATOM   555  C CB  . ALA A 1 72  ? 10.142  9.945   10.743  1.00 36.12  ? 81   ALA A CB  1 
ATOM   556  N N   . ILE A 1 73  ? 9.196   9.295   7.635   1.00 33.93  ? 82   ILE A N   1 
ATOM   557  C CA  . ILE A 1 73  ? 8.632   9.826   6.402   1.00 31.97  ? 82   ILE A CA  1 
ATOM   558  C C   . ILE A 1 73  ? 7.837   11.079  6.730   1.00 30.79  ? 82   ILE A C   1 
ATOM   559  O O   . ILE A 1 73  ? 6.987   11.072  7.615   1.00 31.24  ? 82   ILE A O   1 
ATOM   560  C CB  . ILE A 1 73  ? 7.673   8.812   5.731   1.00 32.13  ? 82   ILE A CB  1 
ATOM   561  C CG1 . ILE A 1 73  ? 8.410   7.503   5.442   1.00 31.63  ? 82   ILE A CG1 1 
ATOM   562  C CG2 . ILE A 1 73  ? 7.117   9.392   4.430   1.00 30.95  ? 82   ILE A CG2 1 
ATOM   563  C CD1 . ILE A 1 73  ? 7.519   6.414   4.878   1.00 31.65  ? 82   ILE A CD1 1 
ATOM   564  N N   . VAL A 1 74  ? 8.123   12.161  6.022   1.00 30.07  ? 83   VAL A N   1 
ATOM   565  C CA  . VAL A 1 74  ? 7.411   13.406  6.242   1.00 29.51  ? 83   VAL A CA  1 
ATOM   566  C C   . VAL A 1 74  ? 6.838   13.884  4.912   1.00 29.11  ? 83   VAL A C   1 
ATOM   567  O O   . VAL A 1 74  ? 7.580   14.123  3.956   1.00 29.66  ? 83   VAL A O   1 
ATOM   568  C CB  . VAL A 1 74  ? 8.343   14.494  6.824   1.00 29.75  ? 83   VAL A CB  1 
ATOM   569  C CG1 . VAL A 1 74  ? 7.570   15.787  7.025   1.00 28.90  ? 83   VAL A CG1 1 
ATOM   570  C CG2 . VAL A 1 74  ? 8.938   14.019  8.151   1.00 28.76  ? 83   VAL A CG2 1 
ATOM   571  N N   . CYS A 1 75  ? 5.513   13.992  4.855   1.00 29.11  ? 84   CYS A N   1 
ATOM   572  C CA  . CYS A 1 75  ? 4.816   14.452  3.655   1.00 28.86  ? 84   CYS A CA  1 
ATOM   573  C C   . CYS A 1 75  ? 4.900   15.969  3.578   1.00 29.51  ? 84   CYS A C   1 
ATOM   574  O O   . CYS A 1 75  ? 4.524   16.663  4.525   1.00 29.51  ? 84   CYS A O   1 
ATOM   575  C CB  . CYS A 1 75  ? 3.337   14.038  3.690   1.00 27.22  ? 84   CYS A CB  1 
ATOM   576  S SG  . CYS A 1 75  ? 3.038   12.249  3.567   1.00 22.75  ? 84   CYS A SG  1 
ATOM   577  N N   . GLU A 1 76  ? 5.407   16.480  2.460   1.00 31.19  ? 85   GLU A N   1 
ATOM   578  C CA  . GLU A 1 76  ? 5.517   17.923  2.261   1.00 33.45  ? 85   GLU A CA  1 
ATOM   579  C C   . GLU A 1 76  ? 4.195   18.442  1.709   1.00 32.89  ? 85   GLU A C   1 
ATOM   580  O O   . GLU A 1 76  ? 3.485   17.724  1.008   1.00 32.74  ? 85   GLU A O   1 
ATOM   581  C CB  . GLU A 1 76  ? 6.677   18.238  1.309   1.00 35.21  ? 85   GLU A CB  1 
ATOM   582  C CG  . GLU A 1 76  ? 8.032   17.989  1.962   1.00 38.80  ? 85   GLU A CG  1 
ATOM   583  C CD  . GLU A 1 76  ? 9.209   18.301  1.062   1.00 40.74  ? 85   GLU A CD  1 
ATOM   584  O OE1 . GLU A 1 76  ? 9.346   17.642  0.009   1.00 41.65  ? 85   GLU A OE1 1 
ATOM   585  O OE2 . GLU A 1 76  ? 10.000  19.203  1.412   1.00 42.63  ? 85   GLU A OE2 1 
ATOM   586  N N   . LYS A 1 77  ? 3.846   19.681  2.026   1.00 33.51  ? 86   LYS A N   1 
ATOM   587  C CA  . LYS A 1 77  ? 2.570   20.191  1.557   1.00 34.60  ? 86   LYS A CA  1 
ATOM   588  C C   . LYS A 1 77  ? 2.492   20.493  0.063   1.00 32.48  ? 86   LYS A C   1 
ATOM   589  O O   . LYS A 1 77  ? 3.374   21.123  -0.521  1.00 32.48  ? 86   LYS A O   1 
ATOM   590  C CB  . LYS A 1 77  ? 2.131   21.414  2.387   1.00 37.24  ? 86   LYS A CB  1 
ATOM   591  C CG  . LYS A 1 77  ? 2.988   22.664  2.265   1.00 40.50  ? 86   LYS A CG  1 
ATOM   592  C CD  . LYS A 1 77  ? 2.432   23.758  3.185   1.00 42.35  ? 86   LYS A CD  1 
ATOM   593  C CE  . LYS A 1 77  ? 3.139   25.092  2.990   1.00 43.49  ? 86   LYS A CE  1 
ATOM   594  N NZ  . LYS A 1 77  ? 2.413   26.208  3.670   1.00 43.65  ? 86   LYS A NZ  1 
ATOM   595  N N   . GLY A 1 78  ? 1.425   19.989  -0.544  1.00 29.93  ? 88   GLY A N   1 
ATOM   596  C CA  . GLY A 1 78  ? 1.172   20.194  -1.956  1.00 26.78  ? 88   GLY A CA  1 
ATOM   597  C C   . GLY A 1 78  ? -0.307  20.506  -2.051  1.00 25.47  ? 88   GLY A C   1 
ATOM   598  O O   . GLY A 1 78  ? -0.823  21.307  -1.268  1.00 24.95  ? 88   GLY A O   1 
ATOM   599  N N   . THR A 1 79  ? -1.006  19.891  -2.993  1.00 23.97  ? 89   THR A N   1 
ATOM   600  C CA  . THR A 1 79  ? -2.434  20.143  -3.096  1.00 23.00  ? 89   THR A CA  1 
ATOM   601  C C   . THR A 1 79  ? -3.073  19.309  -2.000  1.00 24.10  ? 89   THR A C   1 
ATOM   602  O O   . THR A 1 79  ? -2.404  18.498  -1.351  1.00 23.59  ? 89   THR A O   1 
ATOM   603  C CB  . THR A 1 79  ? -3.031  19.710  -4.464  1.00 22.19  ? 89   THR A CB  1 
ATOM   604  O OG1 . THR A 1 79  ? -2.912  18.291  -4.623  1.00 19.64  ? 89   THR A OG1 1 
ATOM   605  C CG2 . THR A 1 79  ? -2.323  20.419  -5.601  1.00 21.78  ? 89   THR A CG2 1 
ATOM   606  N N   . SER A 1 80  ? -4.366  19.512  -1.797  1.00 23.06  ? 90   SER A N   1 
ATOM   607  C CA  . SER A 1 80  ? -5.097  18.776  -0.784  1.00 22.68  ? 90   SER A CA  1 
ATOM   608  C C   . SER A 1 80  ? -5.039  17.277  -1.088  1.00 22.40  ? 90   SER A C   1 
ATOM   609  O O   . SER A 1 80  ? -4.804  16.462  -0.200  1.00 21.15  ? 90   SER A O   1 
ATOM   610  C CB  . SER A 1 80  ? -6.545  19.259  -0.759  1.00 23.42  ? 90   SER A CB  1 
ATOM   611  O OG  . SER A 1 80  ? -7.292  18.570  0.215   1.00 27.48  ? 90   SER A OG  1 
ATOM   612  N N   . CYS A 1 81  ? -5.252  16.922  -2.351  1.00 21.96  ? 91   CYS A N   1 
ATOM   613  C CA  . CYS A 1 81  ? -5.216  15.526  -2.768  1.00 20.95  ? 91   CYS A CA  1 
ATOM   614  C C   . CYS A 1 81  ? -3.844  14.912  -2.564  1.00 20.78  ? 91   CYS A C   1 
ATOM   615  O O   . CYS A 1 81  ? -3.723  13.756  -2.173  1.00 19.54  ? 91   CYS A O   1 
ATOM   616  C CB  . CYS A 1 81  ? -5.595  15.393  -4.246  1.00 21.11  ? 91   CYS A CB  1 
ATOM   617  S SG  . CYS A 1 81  ? -7.377  15.241  -4.573  1.00 20.51  ? 91   CYS A SG  1 
ATOM   618  N N   . GLU A 1 82  ? -2.810  15.689  -2.856  1.00 20.78  ? 92   GLU A N   1 
ATOM   619  C CA  . GLU A 1 82  ? -1.446  15.218  -2.707  1.00 20.53  ? 92   GLU A CA  1 
ATOM   620  C C   . GLU A 1 82  ? -1.090  14.951  -1.247  1.00 21.58  ? 92   GLU A C   1 
ATOM   621  O O   . GLU A 1 82  ? -0.409  13.972  -0.943  1.00 21.47  ? 92   GLU A O   1 
ATOM   622  C CB  . GLU A 1 82  ? -0.483  16.236  -3.325  1.00 20.17  ? 92   GLU A CB  1 
ATOM   623  C CG  . GLU A 1 82  ? -0.377  16.110  -4.841  1.00 21.16  ? 92   GLU A CG  1 
ATOM   624  C CD  . GLU A 1 82  ? 0.133   17.371  -5.515  1.00 21.69  ? 92   GLU A CD  1 
ATOM   625  O OE1 . GLU A 1 82  ? 0.643   18.264  -4.811  1.00 22.11  ? 92   GLU A OE1 1 
ATOM   626  O OE2 . GLU A 1 82  ? 0.031   17.468  -6.758  1.00 22.05  ? 92   GLU A OE2 1 
ATOM   627  N N   . ASN A 1 83  ? -1.553  15.808  -0.342  1.00 22.24  ? 93   ASN A N   1 
ATOM   628  C CA  . ASN A 1 83  ? -1.262  15.624  1.072   1.00 22.84  ? 93   ASN A CA  1 
ATOM   629  C C   . ASN A 1 83  ? -1.875  14.319  1.574   1.00 22.94  ? 93   ASN A C   1 
ATOM   630  O O   . ASN A 1 83  ? -1.228  13.535  2.264   1.00 23.21  ? 93   ASN A O   1 
ATOM   631  C CB  . ASN A 1 83  ? -1.821  16.783  1.908   1.00 23.39  ? 93   ASN A CB  1 
ATOM   632  C CG  . ASN A 1 83  ? -1.280  18.140  1.482   1.00 25.01  ? 93   ASN A CG  1 
ATOM   633  O OD1 . ASN A 1 83  ? -0.148  18.255  1.012   1.00 25.96  ? 93   ASN A OD1 1 
ATOM   634  N ND2 . ASN A 1 83  ? -2.087  19.180  1.669   1.00 26.23  ? 93   ASN A ND2 1 
ATOM   635  N N   . ARG A 1 84  ? -3.125  14.086  1.202   1.00 22.93  ? 94   ARG A N   1 
ATOM   636  C CA  . ARG A 1 84  ? -3.850  12.905  1.636   1.00 23.44  ? 94   ARG A CA  1 
ATOM   637  C C   . ARG A 1 84  ? -3.424  11.585  1.005   1.00 22.87  ? 94   ARG A C   1 
ATOM   638  O O   . ARG A 1 84  ? -3.513  10.541  1.643   1.00 23.22  ? 94   ARG A O   1 
ATOM   639  C CB  . ARG A 1 84  ? -5.346  13.150  1.445   1.00 24.74  ? 94   ARG A CB  1 
ATOM   640  C CG  . ARG A 1 84  ? -5.840  14.288  2.331   1.00 27.66  ? 94   ARG A CG  1 
ATOM   641  C CD  . ARG A 1 84  ? -7.013  15.008  1.706   1.00 31.05  ? 94   ARG A CD  1 
ATOM   642  N NE  . ARG A 1 84  ? -8.254  14.255  1.831   1.00 33.90  ? 94   ARG A NE  1 
ATOM   643  C CZ  . ARG A 1 84  ? -9.275  14.350  0.983   1.00 35.87  ? 94   ARG A CZ  1 
ATOM   644  N NH1 . ARG A 1 84  ? -9.202  15.168  -0.068  1.00 36.41  ? 94   ARG A NH1 1 
ATOM   645  N NH2 . ARG A 1 84  ? -10.372 13.632  1.189   1.00 35.58  ? 94   ARG A NH2 1 
ATOM   646  N N   . ILE A 1 85  ? -2.970  11.618  -0.240  1.00 21.34  ? 95   ILE A N   1 
ATOM   647  C CA  . ILE A 1 85  ? -2.513  10.400  -0.893  1.00 20.33  ? 95   ILE A CA  1 
ATOM   648  C C   . ILE A 1 85  ? -1.213  9.997   -0.190  1.00 20.47  ? 95   ILE A C   1 
ATOM   649  O O   . ILE A 1 85  ? -1.004  8.834   0.157   1.00 19.54  ? 95   ILE A O   1 
ATOM   650  C CB  . ILE A 1 85  ? -2.240  10.642  -2.407  1.00 21.35  ? 95   ILE A CB  1 
ATOM   651  C CG1 . ILE A 1 85  ? -3.555  10.913  -3.140  1.00 22.91  ? 95   ILE A CG1 1 
ATOM   652  C CG2 . ILE A 1 85  ? -1.546  9.441   -3.019  1.00 21.56  ? 95   ILE A CG2 1 
ATOM   653  C CD1 . ILE A 1 85  ? -3.374  11.397  -4.571  1.00 23.92  ? 95   ILE A CD1 1 
ATOM   654  N N   . CYS A 1 86  ? -0.347  10.975  0.036   1.00 18.96  ? 96   CYS A N   1 
ATOM   655  C CA  . CYS A 1 86  ? 0.921   10.725  0.701   1.00 19.37  ? 96   CYS A CA  1 
ATOM   656  C C   . CYS A 1 86  ? 0.729   10.035  2.063   1.00 20.73  ? 96   CYS A C   1 
ATOM   657  O O   . CYS A 1 86  ? 1.455   9.097   2.399   1.00 20.57  ? 96   CYS A O   1 
ATOM   658  C CB  . CYS A 1 86  ? 1.676   12.047  0.871   1.00 20.72  ? 96   CYS A CB  1 
ATOM   659  S SG  . CYS A 1 86  ? 3.336   11.873  1.594   1.00 21.66  ? 96   CYS A SG  1 
ATOM   660  N N   . GLU A 1 87  ? -0.244  10.496  2.843   1.00 19.79  ? 97   GLU A N   1 
ATOM   661  C CA  . GLU A 1 87  ? -0.511  9.906   4.148   1.00 19.91  ? 97   GLU A CA  1 
ATOM   662  C C   . GLU A 1 87  ? -0.994  8.468   4.018   1.00 20.51  ? 97   GLU A C   1 
ATOM   663  O O   . GLU A 1 87  ? -0.683  7.624   4.861   1.00 18.20  ? 97   GLU A O   1 
ATOM   664  C CB  . GLU A 1 87  ? -1.561  10.722  4.905   1.00 21.40  ? 97   GLU A CB  1 
ATOM   665  C CG  . GLU A 1 87  ? -1.072  12.069  5.412   1.00 24.98  ? 97   GLU A CG  1 
ATOM   666  C CD  . GLU A 1 87  ? 0.084   11.946  6.394   1.00 27.12  ? 97   GLU A CD  1 
ATOM   667  O OE1 . GLU A 1 87  ? 0.144   10.938  7.134   1.00 27.00  ? 97   GLU A OE1 1 
ATOM   668  O OE2 . GLU A 1 87  ? 0.924   12.873  6.434   1.00 28.55  ? 97   GLU A OE2 1 
ATOM   669  N N   . CYS A 1 88  ? -1.774  8.204   2.973   1.00 19.56  ? 98   CYS A N   1 
ATOM   670  C CA  . CYS A 1 88  ? -2.288  6.865   2.726   1.00 20.44  ? 98   CYS A CA  1 
ATOM   671  C C   . CYS A 1 88  ? -1.143  5.911   2.453   1.00 20.72  ? 98   CYS A C   1 
ATOM   672  O O   . CYS A 1 88  ? -1.111  4.798   2.977   1.00 22.03  ? 98   CYS A O   1 
ATOM   673  C CB  . CYS A 1 88  ? -3.219  6.848   1.515   1.00 20.31  ? 98   CYS A CB  1 
ATOM   674  S SG  . CYS A 1 88  ? -4.898  7.499   1.791   1.00 23.65  ? 98   CYS A SG  1 
ATOM   675  N N   . ASP A 1 89  ? -0.215  6.356   1.611   1.00 20.55  ? 99   ASP A N   1 
ATOM   676  C CA  . ASP A 1 89  ? 0.944   5.561   1.228   1.00 20.09  ? 99   ASP A CA  1 
ATOM   677  C C   . ASP A 1 89  ? 1.905   5.401   2.376   1.00 21.25  ? 99   ASP A C   1 
ATOM   678  O O   . ASP A 1 89  ? 2.416   4.308   2.621   1.00 22.84  ? 99   ASP A O   1 
ATOM   679  C CB  . ASP A 1 89  ? 1.686   6.227   0.073   1.00 20.65  ? 99   ASP A CB  1 
ATOM   680  C CG  . ASP A 1 89  ? 0.915   6.177   -1.216  1.00 20.83  ? 99   ASP A CG  1 
ATOM   681  O OD1 . ASP A 1 89  ? -0.143  5.515   -1.251  1.00 21.29  ? 99   ASP A OD1 1 
ATOM   682  O OD2 . ASP A 1 89  ? 1.371   6.795   -2.198  1.00 22.38  ? 99   ASP A OD2 1 
ATOM   683  N N   . LYS A 1 90  ? 2.165   6.510   3.057   1.00 20.91  ? 100  LYS A N   1 
ATOM   684  C CA  . LYS A 1 90  ? 3.073   6.535   4.191   1.00 20.88  ? 100  LYS A CA  1 
ATOM   685  C C   . LYS A 1 90  ? 2.662   5.463   5.193   1.00 21.51  ? 100  LYS A C   1 
ATOM   686  O O   . LYS A 1 90  ? 3.500   4.719   5.717   1.00 22.81  ? 100  LYS A O   1 
ATOM   687  C CB  . LYS A 1 90  ? 3.024   7.913   4.856   1.00 20.82  ? 100  LYS A CB  1 
ATOM   688  C CG  . LYS A 1 90  ? 3.853   8.029   6.119   1.00 21.44  ? 100  LYS A CG  1 
ATOM   689  C CD  . LYS A 1 90  ? 3.560   9.327   6.847   1.00 21.97  ? 100  LYS A CD  1 
ATOM   690  C CE  . LYS A 1 90  ? 4.406   9.442   8.104   1.00 23.34  ? 100  LYS A CE  1 
ATOM   691  N NZ  . LYS A 1 90  ? 4.074   10.679  8.870   1.00 27.79  ? 100  LYS A NZ  1 
ATOM   692  N N   . ALA A 1 91  ? 1.362   5.381   5.447   1.00 19.71  ? 101  ALA A N   1 
ATOM   693  C CA  . ALA A 1 91  ? 0.836   4.406   6.388   1.00 20.01  ? 101  ALA A CA  1 
ATOM   694  C C   . ALA A 1 91  ? 1.072   2.972   5.907   1.00 19.95  ? 101  ALA A C   1 
ATOM   695  O O   . ALA A 1 91  ? 1.473   2.114   6.687   1.00 19.44  ? 101  ALA A O   1 
ATOM   696  C CB  . ALA A 1 91  ? -0.660  4.652   6.614   1.00 19.40  ? 101  ALA A CB  1 
ATOM   697  N N   . ALA A 1 92  ? 0.823   2.714   4.625   1.00 19.40  ? 102  ALA A N   1 
ATOM   698  C CA  . ALA A 1 92  ? 1.013   1.375   4.077   1.00 19.64  ? 102  ALA A CA  1 
ATOM   699  C C   . ALA A 1 92  ? 2.476   0.925   4.169   1.00 19.89  ? 102  ALA A C   1 
ATOM   700  O O   . ALA A 1 92  ? 2.763   -0.228  4.494   1.00 17.87  ? 102  ALA A O   1 
ATOM   701  C CB  . ALA A 1 92  ? 0.539   1.336   2.630   1.00 19.68  ? 102  ALA A CB  1 
ATOM   702  N N   . ALA A 1 93  ? 3.394   1.843   3.880   1.00 20.32  ? 103  ALA A N   1 
ATOM   703  C CA  . ALA A 1 93  ? 4.828   1.553   3.937   1.00 21.65  ? 103  ALA A CA  1 
ATOM   704  C C   . ALA A 1 93  ? 5.223   1.118   5.352   1.00 22.95  ? 103  ALA A C   1 
ATOM   705  O O   . ALA A 1 93  ? 5.908   0.105   5.544   1.00 22.81  ? 103  ALA A O   1 
ATOM   706  C CB  . ALA A 1 93  ? 5.626   2.793   3.528   1.00 20.41  ? 103  ALA A CB  1 
ATOM   707  N N   . ILE A 1 94  ? 4.786   1.893   6.336   1.00 23.36  ? 104  ILE A N   1 
ATOM   708  C CA  . ILE A 1 94  ? 5.072   1.600   7.735   1.00 23.62  ? 104  ILE A CA  1 
ATOM   709  C C   . ILE A 1 94  ? 4.434   0.274   8.119   1.00 23.84  ? 104  ILE A C   1 
ATOM   710  O O   . ILE A 1 94  ? 5.029   -0.544  8.814   1.00 24.07  ? 104  ILE A O   1 
ATOM   711  C CB  . ILE A 1 94  ? 4.517   2.714   8.643   1.00 23.79  ? 104  ILE A CB  1 
ATOM   712  C CG1 . ILE A 1 94  ? 5.361   3.981   8.468   1.00 24.23  ? 104  ILE A CG1 1 
ATOM   713  C CG2 . ILE A 1 94  ? 4.482   2.245   10.089  1.00 24.33  ? 104  ILE A CG2 1 
ATOM   714  C CD1 . ILE A 1 94  ? 4.708   5.239   9.006   1.00 26.50  ? 104  ILE A CD1 1 
ATOM   715  N N   . CYS A 1 95  ? 3.212   0.066   7.659   1.00 23.25  ? 105  CYS A N   1 
ATOM   716  C CA  . CYS A 1 95  ? 2.499   -1.162  7.943   1.00 23.05  ? 105  CYS A CA  1 
ATOM   717  C C   . CYS A 1 95  ? 3.300   -2.341  7.372   1.00 23.48  ? 105  CYS A C   1 
ATOM   718  O O   . CYS A 1 95  ? 3.436   -3.380  8.023   1.00 22.67  ? 105  CYS A O   1 
ATOM   719  C CB  . CYS A 1 95  ? 1.112   -1.078  7.316   1.00 22.32  ? 105  CYS A CB  1 
ATOM   720  S SG  . CYS A 1 95  ? -0.066  -2.412  7.697   1.00 23.02  ? 105  CYS A SG  1 
ATOM   721  N N   . PHE A 1 96  ? 3.837   -2.174  6.163   1.00 24.50  ? 106  PHE A N   1 
ATOM   722  C CA  . PHE A 1 96  ? 4.632   -3.231  5.537   1.00 25.66  ? 106  PHE A CA  1 
ATOM   723  C C   . PHE A 1 96  ? 5.896   -3.519  6.350   1.00 26.92  ? 106  PHE A C   1 
ATOM   724  O O   . PHE A 1 96  ? 6.288   -4.671  6.519   1.00 26.46  ? 106  PHE A O   1 
ATOM   725  C CB  . PHE A 1 96  ? 5.043   -2.854  4.108   1.00 24.17  ? 106  PHE A CB  1 
ATOM   726  C CG  . PHE A 1 96  ? 3.916   -2.893  3.109   1.00 24.87  ? 106  PHE A CG  1 
ATOM   727  C CD1 . PHE A 1 96  ? 2.864   -3.796  3.247   1.00 24.55  ? 106  PHE A CD1 1 
ATOM   728  C CD2 . PHE A 1 96  ? 3.920   -2.034  2.012   1.00 23.46  ? 106  PHE A CD2 1 
ATOM   729  C CE1 . PHE A 1 96  ? 1.833   -3.842  2.307   1.00 24.01  ? 106  PHE A CE1 1 
ATOM   730  C CE2 . PHE A 1 96  ? 2.898   -2.073  1.071   1.00 24.94  ? 106  PHE A CE2 1 
ATOM   731  C CZ  . PHE A 1 96  ? 1.849   -2.980  1.219   1.00 24.30  ? 106  PHE A CZ  1 
ATOM   732  N N   . ARG A 1 97  ? 6.540   -2.461  6.832   1.00 28.59  ? 107  ARG A N   1 
ATOM   733  C CA  . ARG A 1 97  ? 7.750   -2.605  7.630   1.00 29.98  ? 107  ARG A CA  1 
ATOM   734  C C   . ARG A 1 97  ? 7.421   -3.336  8.926   1.00 30.37  ? 107  ARG A C   1 
ATOM   735  O O   . ARG A 1 97  ? 8.167   -4.206  9.380   1.00 31.18  ? 107  ARG A O   1 
ATOM   736  C CB  . ARG A 1 97  ? 8.335   -1.231  7.973   1.00 29.40  ? 107  ARG A CB  1 
ATOM   737  C CG  . ARG A 1 97  ? 9.531   -1.307  8.901   1.00 29.66  ? 107  ARG A CG  1 
ATOM   738  C CD  . ARG A 1 97  ? 10.665  -2.086  8.247   1.00 31.75  ? 107  ARG A CD  1 
ATOM   739  N NE  . ARG A 1 97  ? 11.841  -2.203  9.107   1.00 34.65  ? 107  ARG A NE  1 
ATOM   740  C CZ  . ARG A 1 97  ? 12.026  -3.169  10.005  1.00 36.08  ? 107  ARG A CZ  1 
ATOM   741  N NH1 . ARG A 1 97  ? 13.128  -3.185  10.743  1.00 37.38  ? 107  ARG A NH1 1 
ATOM   742  N NH2 . ARG A 1 97  ? 11.122  -4.128  10.153  1.00 36.27  ? 107  ARG A NH2 1 
ATOM   743  N N   . GLN A 1 98  ? 6.290   -2.969  9.512   1.00 30.46  ? 108  GLN A N   1 
ATOM   744  C CA  . GLN A 1 98  ? 5.841   -3.552  10.761  1.00 30.99  ? 108  GLN A CA  1 
ATOM   745  C C   . GLN A 1 98  ? 5.500   -5.038  10.655  1.00 30.53  ? 108  GLN A C   1 
ATOM   746  O O   . GLN A 1 98  ? 5.528   -5.757  11.653  1.00 29.56  ? 108  GLN A O   1 
ATOM   747  C CB  . GLN A 1 98  ? 4.632   -2.770  11.269  1.00 32.96  ? 108  GLN A CB  1 
ATOM   748  C CG  . GLN A 1 98  ? 4.215   -3.142  12.676  1.00 36.70  ? 108  GLN A CG  1 
ATOM   749  C CD  . GLN A 1 98  ? 3.515   -2.002  13.401  1.00 38.57  ? 108  GLN A CD  1 
ATOM   750  O OE1 . GLN A 1 98  ? 3.551   -1.926  14.628  1.00 40.79  ? 108  GLN A OE1 1 
ATOM   751  N NE2 . GLN A 1 98  ? 2.875   -1.113  12.646  1.00 38.47  ? 108  GLN A NE2 1 
ATOM   752  N N   . ASN A 1 99  ? 5.187   -5.501  9.449   1.00 29.90  ? 109  ASN A N   1 
ATOM   753  C CA  . ASN A 1 99  ? 4.827   -6.902  9.260   1.00 29.98  ? 109  ASN A CA  1 
ATOM   754  C C   . ASN A 1 99  ? 5.773   -7.710  8.374   1.00 29.84  ? 109  ASN A C   1 
ATOM   755  O O   . ASN A 1 99  ? 5.406   -8.780  7.893   1.00 28.98  ? 109  ASN A O   1 
ATOM   756  C CB  . ASN A 1 99  ? 3.399   -6.990  8.724   1.00 29.25  ? 109  ASN A CB  1 
ATOM   757  C CG  . ASN A 1 99  ? 2.382   -6.493  9.722   1.00 29.46  ? 109  ASN A CG  1 
ATOM   758  O OD1 . ASN A 1 99  ? 2.188   -7.102  10.772  1.00 29.66  ? 109  ASN A OD1 1 
ATOM   759  N ND2 . ASN A 1 99  ? 1.737   -5.374  9.413   1.00 29.57  ? 109  ASN A ND2 1 
ATOM   760  N N   . LEU A 1 100 ? 6.992   -7.209  8.183   1.00 30.62  ? 110  LEU A N   1 
ATOM   761  C CA  . LEU A 1 100 ? 7.998   -7.886  7.359   1.00 32.80  ? 110  LEU A CA  1 
ATOM   762  C C   . LEU A 1 100 ? 8.323   -9.301  7.838   1.00 33.97  ? 110  LEU A C   1 
ATOM   763  O O   . LEU A 1 100 ? 8.472   -10.224 7.039   1.00 34.11  ? 110  LEU A O   1 
ATOM   764  C CB  . LEU A 1 100 ? 9.293   -7.075  7.335   1.00 32.66  ? 110  LEU A CB  1 
ATOM   765  C CG  . LEU A 1 100 ? 9.639   -6.295  6.067   1.00 32.97  ? 110  LEU A CG  1 
ATOM   766  C CD1 . LEU A 1 100 ? 11.032  -5.700  6.229   1.00 32.90  ? 110  LEU A CD1 1 
ATOM   767  C CD2 . LEU A 1 100 ? 9.599   -7.210  4.853   1.00 33.19  ? 110  LEU A CD2 1 
ATOM   768  N N   . ASN A 1 101 ? 8.442   -9.447  9.150   1.00 35.52  ? 111  ASN A N   1 
ATOM   769  C CA  . ASN A 1 101 ? 8.756   -10.713 9.799   1.00 37.00  ? 111  ASN A CA  1 
ATOM   770  C C   . ASN A 1 101 ? 7.729   -11.804 9.469   1.00 37.02  ? 111  ASN A C   1 
ATOM   771  O O   . ASN A 1 101 ? 7.994   -13.003 9.615   1.00 37.45  ? 111  ASN A O   1 
ATOM   772  C CB  . ASN A 1 101 ? 8.803   -10.467 11.310  1.00 38.76  ? 111  ASN A CB  1 
ATOM   773  C CG  . ASN A 1 101 ? 7.474   -9.932  11.861  1.00 41.42  ? 111  ASN A CG  1 
ATOM   774  O OD1 . ASN A 1 101 ? 6.720   -9.238  11.165  1.00 42.91  ? 111  ASN A OD1 1 
ATOM   775  N ND2 . ASN A 1 101 ? 7.192   -10.248 13.122  1.00 41.84  ? 111  ASN A ND2 1 
ATOM   776  N N   . THR A 1 102 ? 6.565   -11.383 8.998   1.00 36.53  ? 112  THR A N   1 
ATOM   777  C CA  . THR A 1 102 ? 5.492   -12.314 8.687   1.00 35.60  ? 112  THR A CA  1 
ATOM   778  C C   . THR A 1 102 ? 5.175   -12.447 7.188   1.00 35.82  ? 112  THR A C   1 
ATOM   779  O O   . THR A 1 102 ? 4.309   -13.223 6.790   1.00 34.98  ? 112  THR A O   1 
ATOM   780  C CB  . THR A 1 102 ? 4.245   -11.912 9.519   1.00 34.96  ? 112  THR A CB  1 
ATOM   781  O OG1 . THR A 1 102 ? 4.110   -12.814 10.624  1.00 36.42  ? 112  THR A OG1 1 
ATOM   782  C CG2 . THR A 1 102 ? 2.988   -11.913 8.696   1.00 34.72  ? 112  THR A CG2 1 
ATOM   783  N N   . TYR A 1 103 ? 5.897   -11.708 6.353   1.00 35.79  ? 113  TYR A N   1 
ATOM   784  C CA  . TYR A 1 103 ? 5.679   -11.771 4.911   1.00 36.06  ? 113  TYR A CA  1 
ATOM   785  C C   . TYR A 1 103 ? 5.947   -13.196 4.418   1.00 36.97  ? 113  TYR A C   1 
ATOM   786  O O   . TYR A 1 103 ? 7.011   -13.761 4.682   1.00 38.02  ? 113  TYR A O   1 
ATOM   787  C CB  . TYR A 1 103 ? 6.600   -10.760 4.214   1.00 35.50  ? 113  TYR A CB  1 
ATOM   788  C CG  . TYR A 1 103 ? 6.532   -10.757 2.706   1.00 34.19  ? 113  TYR A CG  1 
ATOM   789  C CD1 . TYR A 1 103 ? 7.152   -11.759 1.953   1.00 34.06  ? 113  TYR A CD1 1 
ATOM   790  C CD2 . TYR A 1 103 ? 5.852   -9.749  2.027   1.00 34.09  ? 113  TYR A CD2 1 
ATOM   791  C CE1 . TYR A 1 103 ? 7.099   -11.753 0.563   1.00 33.14  ? 113  TYR A CE1 1 
ATOM   792  C CE2 . TYR A 1 103 ? 5.789   -9.731  0.635   1.00 33.71  ? 113  TYR A CE2 1 
ATOM   793  C CZ  . TYR A 1 103 ? 6.416   -10.735 -0.090  1.00 33.81  ? 113  TYR A CZ  1 
ATOM   794  O OH  . TYR A 1 103 ? 6.352   -10.715 -1.463  1.00 33.48  ? 113  TYR A OH  1 
ATOM   795  N N   . SER A 1 104 ? 4.984   -13.776 3.706   1.00 37.23  ? 114  SER A N   1 
ATOM   796  C CA  . SER A 1 104 ? 5.125   -15.143 3.204   1.00 37.69  ? 114  SER A CA  1 
ATOM   797  C C   . SER A 1 104 ? 5.026   -15.270 1.682   1.00 38.20  ? 114  SER A C   1 
ATOM   798  O O   . SER A 1 104 ? 4.085   -14.776 1.065   1.00 37.15  ? 114  SER A O   1 
ATOM   799  C CB  . SER A 1 104 ? 4.074   -16.044 3.856   1.00 38.16  ? 114  SER A CB  1 
ATOM   800  O OG  . SER A 1 104 ? 4.227   -17.388 3.436   1.00 39.53  ? 114  SER A OG  1 
ATOM   801  N N   . LYS A 1 105 ? 5.996   -15.957 1.085   1.00 39.91  ? 115  LYS A N   1 
ATOM   802  C CA  . LYS A 1 105 ? 6.025   -16.146 -0.361  1.00 41.58  ? 115  LYS A CA  1 
ATOM   803  C C   . LYS A 1 105 ? 4.919   -17.035 -0.932  1.00 41.99  ? 115  LYS A C   1 
ATOM   804  O O   . LYS A 1 105 ? 4.691   -17.031 -2.141  1.00 41.60  ? 115  LYS A O   1 
ATOM   805  C CB  . LYS A 1 105 ? 7.385   -16.694 -0.797  1.00 43.23  ? 115  LYS A CB  1 
ATOM   806  C CG  . LYS A 1 105 ? 8.461   -15.628 -0.932  1.00 46.33  ? 115  LYS A CG  1 
ATOM   807  C CD  . LYS A 1 105 ? 9.789   -16.234 -1.363  1.00 48.29  ? 115  LYS A CD  1 
ATOM   808  C CE  . LYS A 1 105 ? 10.817  -15.150 -1.664  1.00 50.02  ? 115  LYS A CE  1 
ATOM   809  N NZ  . LYS A 1 105 ? 12.151  -15.722 -2.030  1.00 51.65  ? 115  LYS A NZ  1 
ATOM   810  N N   . LYS A 1 106 ? 4.232   -17.800 -0.088  1.00 42.71  ? 116  LYS A N   1 
ATOM   811  C CA  . LYS A 1 106 ? 3.164   -18.650 -0.602  1.00 43.39  ? 116  LYS A CA  1 
ATOM   812  C C   . LYS A 1 106 ? 1.945   -17.813 -1.018  1.00 43.76  ? 116  LYS A C   1 
ATOM   813  O O   . LYS A 1 106 ? 1.012   -18.328 -1.646  1.00 43.60  ? 116  LYS A O   1 
ATOM   814  C CB  . LYS A 1 106 ? 2.759   -19.723 0.428   1.00 44.34  ? 116  LYS A CB  1 
ATOM   815  C CG  . LYS A 1 106 ? 1.687   -19.345 1.449   1.00 44.88  ? 116  LYS A CG  1 
ATOM   816  C CD  . LYS A 1 106 ? 0.991   -20.615 1.938   1.00 46.26  ? 116  LYS A CD  1 
ATOM   817  C CE  . LYS A 1 106 ? -0.008  -20.362 3.061   1.00 47.69  ? 116  LYS A CE  1 
ATOM   818  N NZ  . LYS A 1 106 ? 0.579   -20.616 4.411   1.00 49.18  ? 116  LYS A NZ  1 
ATOM   819  N N   . TYR A 1 107 ? 1.972   -16.522 -0.678  1.00 42.91  ? 117  TYR A N   1 
ATOM   820  C CA  . TYR A 1 107 ? 0.886   -15.602 -1.016  1.00 42.55  ? 117  TYR A CA  1 
ATOM   821  C C   . TYR A 1 107 ? 1.178   -14.777 -2.268  1.00 41.95  ? 117  TYR A C   1 
ATOM   822  O O   . TYR A 1 107 ? 0.354   -13.966 -2.696  1.00 41.38  ? 117  TYR A O   1 
ATOM   823  C CB  . TYR A 1 107 ? 0.572   -14.677 0.171   1.00 43.12  ? 117  TYR A CB  1 
ATOM   824  C CG  . TYR A 1 107 ? -0.127  -15.389 1.314   1.00 43.64  ? 117  TYR A CG  1 
ATOM   825  C CD1 . TYR A 1 107 ? -1.283  -16.135 1.085   1.00 44.12  ? 117  TYR A CD1 1 
ATOM   826  C CD2 . TYR A 1 107 ? 0.382   -15.345 2.614   1.00 43.67  ? 117  TYR A CD2 1 
ATOM   827  C CE1 . TYR A 1 107 ? -1.915  -16.827 2.122   1.00 44.57  ? 117  TYR A CE1 1 
ATOM   828  C CE2 . TYR A 1 107 ? -0.245  -16.034 3.661   1.00 43.63  ? 117  TYR A CE2 1 
ATOM   829  C CZ  . TYR A 1 107 ? -1.392  -16.772 3.406   1.00 43.67  ? 117  TYR A CZ  1 
ATOM   830  O OH  . TYR A 1 107 ? -2.014  -17.468 4.421   1.00 42.99  ? 117  TYR A OH  1 
ATOM   831  N N   . MET A 1 108 ? 2.353   -14.985 -2.853  1.00 41.65  ? 118  MET A N   1 
ATOM   832  C CA  . MET A 1 108 ? 2.721   -14.287 -4.077  1.00 41.35  ? 118  MET A CA  1 
ATOM   833  C C   . MET A 1 108 ? 1.971   -14.963 -5.221  1.00 40.01  ? 118  MET A C   1 
ATOM   834  O O   . MET A 1 108 ? 1.861   -16.187 -5.253  1.00 40.40  ? 118  MET A O   1 
ATOM   835  C CB  . MET A 1 108 ? 4.231   -14.376 -4.320  1.00 42.75  ? 118  MET A CB  1 
ATOM   836  C CG  . MET A 1 108 ? 5.072   -13.539 -3.365  1.00 45.55  ? 118  MET A CG  1 
ATOM   837  S SD  . MET A 1 108 ? 6.812   -13.432 -3.880  1.00 48.39  ? 118  MET A SD  1 
ATOM   838  C CE  . MET A 1 108 ? 6.635   -12.511 -5.405  1.00 46.39  ? 118  MET A CE  1 
ATOM   839  N N   . LEU A 1 109 ? 1.449   -14.168 -6.151  1.00 38.82  ? 119  LEU A N   1 
ATOM   840  C CA  . LEU A 1 109 ? 0.702   -14.701 -7.291  1.00 37.43  ? 119  LEU A CA  1 
ATOM   841  C C   . LEU A 1 109 ? -0.508  -15.509 -6.825  1.00 36.81  ? 119  LEU A C   1 
ATOM   842  O O   . LEU A 1 109 ? -0.899  -16.485 -7.469  1.00 36.21  ? 119  LEU A O   1 
ATOM   843  C CB  . LEU A 1 109 ? 1.603   -15.592 -8.152  1.00 37.98  ? 119  LEU A CB  1 
ATOM   844  C CG  . LEU A 1 109 ? 2.799   -14.953 -8.863  1.00 37.90  ? 119  LEU A CG  1 
ATOM   845  C CD1 . LEU A 1 109 ? 3.537   -16.010 -9.673  1.00 38.41  ? 119  LEU A CD1 1 
ATOM   846  C CD2 . LEU A 1 109 ? 2.313   -13.836 -9.771  1.00 37.90  ? 119  LEU A CD2 1 
ATOM   847  N N   . TYR A 1 110 ? -1.101  -15.089 -5.711  1.00 34.97  ? 120  TYR A N   1 
ATOM   848  C CA  . TYR A 1 110 ? -2.256  -15.773 -5.135  1.00 33.16  ? 120  TYR A CA  1 
ATOM   849  C C   . TYR A 1 110 ? -3.426  -15.843 -6.124  1.00 32.25  ? 120  TYR A C   1 
ATOM   850  O O   . TYR A 1 110 ? -3.812  -14.836 -6.708  1.00 31.78  ? 120  TYR A O   1 
ATOM   851  C CB  . TYR A 1 110 ? -2.686  -15.045 -3.858  1.00 31.48  ? 120  TYR A CB  1 
ATOM   852  C CG  . TYR A 1 110 ? -3.444  -15.908 -2.875  1.00 31.98  ? 120  TYR A CG  1 
ATOM   853  C CD1 . TYR A 1 110 ? -2.808  -16.946 -2.193  1.00 32.15  ? 120  TYR A CD1 1 
ATOM   854  C CD2 . TYR A 1 110 ? -4.799  -15.682 -2.616  1.00 31.70  ? 120  TYR A CD2 1 
ATOM   855  C CE1 . TYR A 1 110 ? -3.503  -17.740 -1.273  1.00 33.28  ? 120  TYR A CE1 1 
ATOM   856  C CE2 . TYR A 1 110 ? -5.500  -16.468 -1.703  1.00 32.42  ? 120  TYR A CE2 1 
ATOM   857  C CZ  . TYR A 1 110 ? -4.850  -17.491 -1.037  1.00 32.87  ? 120  TYR A CZ  1 
ATOM   858  O OH  . TYR A 1 110 ? -5.547  -18.263 -0.138  1.00 34.88  ? 120  TYR A OH  1 
ATOM   859  N N   . PRO A 1 111 ? -4.008  -17.037 -6.321  1.00 32.45  ? 121  PRO A N   1 
ATOM   860  C CA  . PRO A 1 111 ? -5.129  -17.154 -7.261  1.00 32.68  ? 121  PRO A CA  1 
ATOM   861  C C   . PRO A 1 111 ? -6.391  -16.439 -6.797  1.00 32.08  ? 121  PRO A C   1 
ATOM   862  O O   . PRO A 1 111 ? -6.778  -16.514 -5.633  1.00 33.04  ? 121  PRO A O   1 
ATOM   863  C CB  . PRO A 1 111 ? -5.317  -18.666 -7.390  1.00 32.49  ? 121  PRO A CB  1 
ATOM   864  C CG  . PRO A 1 111 ? -4.949  -19.152 -6.033  1.00 33.24  ? 121  PRO A CG  1 
ATOM   865  C CD  . PRO A 1 111 ? -3.697  -18.345 -5.718  1.00 31.73  ? 121  PRO A CD  1 
ATOM   866  N N   . ASP A 1 112 ? -7.029  -15.753 -7.731  1.00 31.48  ? 122  ASP A N   1 
ATOM   867  C CA  . ASP A 1 112 ? -8.237  -14.998 -7.456  1.00 32.91  ? 122  ASP A CA  1 
ATOM   868  C C   . ASP A 1 112 ? -9.383  -15.767 -6.785  1.00 33.16  ? 122  ASP A C   1 
ATOM   869  O O   . ASP A 1 112 ? -9.975  -15.281 -5.821  1.00 32.84  ? 122  ASP A O   1 
ATOM   870  C CB  . ASP A 1 112 ? -8.712  -14.354 -8.762  1.00 34.04  ? 122  ASP A CB  1 
ATOM   871  C CG  . ASP A 1 112 ? -10.122 -13.801 -8.673  1.00 34.35  ? 122  ASP A CG  1 
ATOM   872  O OD1 . ASP A 1 112 ? -11.057 -14.578 -8.389  1.00 35.90  ? 122  ASP A OD1 1 
ATOM   873  O OD2 . ASP A 1 112 ? -10.299 -12.589 -8.903  1.00 35.30  ? 122  ASP A OD2 1 
ATOM   874  N N   . PHE A 1 113 ? -9.693  -16.965 -7.278  1.00 33.52  ? 124  PHE A N   1 
ATOM   875  C CA  . PHE A 1 113 ? -10.797 -17.743 -6.715  1.00 34.36  ? 124  PHE A CA  1 
ATOM   876  C C   . PHE A 1 113 ? -10.653 -18.086 -5.230  1.00 34.39  ? 124  PHE A C   1 
ATOM   877  O O   . PHE A 1 113 ? -11.638 -18.419 -4.575  1.00 34.32  ? 124  PHE A O   1 
ATOM   878  C CB  . PHE A 1 113 ? -11.012 -19.033 -7.517  1.00 33.82  ? 124  PHE A CB  1 
ATOM   879  C CG  . PHE A 1 113 ? -10.084 -20.147 -7.135  1.00 34.28  ? 124  PHE A CG  1 
ATOM   880  C CD1 . PHE A 1 113 ? -8.711  -20.019 -7.314  1.00 33.55  ? 124  PHE A CD1 1 
ATOM   881  C CD2 . PHE A 1 113 ? -10.585 -21.327 -6.591  1.00 34.51  ? 124  PHE A CD2 1 
ATOM   882  C CE1 . PHE A 1 113 ? -7.848  -21.053 -6.962  1.00 34.24  ? 124  PHE A CE1 1 
ATOM   883  C CE2 . PHE A 1 113 ? -9.731  -22.370 -6.232  1.00 33.95  ? 124  PHE A CE2 1 
ATOM   884  C CZ  . PHE A 1 113 ? -8.360  -22.233 -6.419  1.00 34.42  ? 124  PHE A CZ  1 
ATOM   885  N N   . LEU A 1 114 ? -9.436  -18.017 -4.699  1.00 35.29  ? 125  LEU A N   1 
ATOM   886  C CA  . LEU A 1 114 ? -9.225  -18.314 -3.286  1.00 35.67  ? 125  LEU A CA  1 
ATOM   887  C C   . LEU A 1 114 ? -9.524  -17.099 -2.407  1.00 36.62  ? 125  LEU A C   1 
ATOM   888  O O   . LEU A 1 114 ? -9.380  -17.150 -1.184  1.00 36.90  ? 125  LEU A O   1 
ATOM   889  C CB  . LEU A 1 114 ? -7.793  -18.794 -3.035  1.00 34.69  ? 125  LEU A CB  1 
ATOM   890  C CG  . LEU A 1 114 ? -7.471  -20.235 -3.440  1.00 34.80  ? 125  LEU A CG  1 
ATOM   891  C CD1 . LEU A 1 114 ? -6.031  -20.549 -3.056  1.00 33.86  ? 125  LEU A CD1 1 
ATOM   892  C CD2 . LEU A 1 114 ? -8.425  -21.205 -2.752  1.00 33.09  ? 125  LEU A CD2 1 
ATOM   893  N N   . CYS A 1 115 ? -9.932  -16.002 -3.033  1.00 37.56  ? 126  CYS A N   1 
ATOM   894  C CA  . CYS A 1 115 ? -10.272 -14.803 -2.283  1.00 39.29  ? 126  CYS A CA  1 
ATOM   895  C C   . CYS A 1 115 ? -11.784 -14.752 -2.086  1.00 42.23  ? 126  CYS A C   1 
ATOM   896  O O   . CYS A 1 115 ? -12.517 -14.195 -2.910  1.00 42.10  ? 126  CYS A O   1 
ATOM   897  C CB  . CYS A 1 115 ? -9.771  -13.553 -3.009  1.00 36.20  ? 126  CYS A CB  1 
ATOM   898  S SG  . CYS A 1 115 ? -7.952  -13.490 -3.080  1.00 32.27  ? 126  CYS A SG  1 
ATOM   899  N N   . LYS A 1 116 ? -12.237 -15.351 -0.984  1.00 45.80  ? 127  LYS A N   1 
ATOM   900  C CA  . LYS A 1 116 ? -13.655 -15.406 -0.659  1.00 49.78  ? 127  LYS A CA  1 
ATOM   901  C C   . LYS A 1 116 ? -13.971 -14.732 0.671   1.00 51.68  ? 127  LYS A C   1 
ATOM   902  O O   . LYS A 1 116 ? -13.091 -14.528 1.516   1.00 52.07  ? 127  LYS A O   1 
ATOM   903  C CB  . LYS A 1 116 ? -14.137 -16.860 -0.592  1.00 51.60  ? 127  LYS A CB  1 
ATOM   904  C CG  . LYS A 1 116 ? -13.286 -17.872 -1.351  1.00 54.11  ? 127  LYS A CG  1 
ATOM   905  C CD  . LYS A 1 116 ? -12.551 -18.794 -0.377  1.00 55.46  ? 127  LYS A CD  1 
ATOM   906  C CE  . LYS A 1 116 ? -11.909 -19.979 -1.090  1.00 56.42  ? 127  LYS A CE  1 
ATOM   907  N NZ  . LYS A 1 116 ? -12.920 -20.840 -1.776  1.00 56.71  ? 127  LYS A NZ  1 
ATOM   908  N N   . GLY A 1 117 ? -15.249 -14.413 0.852   1.00 53.09  ? 128  GLY A N   1 
ATOM   909  C CA  . GLY A 1 117 ? -15.692 -13.763 2.069   1.00 54.72  ? 128  GLY A CA  1 
ATOM   910  C C   . GLY A 1 117 ? -15.851 -12.280 1.809   1.00 55.96  ? 128  GLY A C   1 
ATOM   911  O O   . GLY A 1 117 ? -15.513 -11.803 0.720   1.00 55.82  ? 128  GLY A O   1 
ATOM   912  N N   . GLU A 1 118 ? -16.373 -11.546 2.789   1.00 56.69  ? 129  GLU A N   1 
ATOM   913  C CA  . GLU A 1 118 ? -16.543 -10.109 2.620   1.00 56.73  ? 129  GLU A CA  1 
ATOM   914  C C   . GLU A 1 118 ? -15.997 -9.255  3.757   1.00 55.91  ? 129  GLU A C   1 
ATOM   915  O O   . GLU A 1 118 ? -15.871 -9.714  4.893   1.00 56.60  ? 129  GLU A O   1 
ATOM   916  C CB  . GLU A 1 118 ? -18.011 -9.764  2.357   1.00 57.88  ? 129  GLU A CB  1 
ATOM   917  C CG  . GLU A 1 118 ? -18.263 -9.555  0.878   1.00 60.02  ? 129  GLU A CG  1 
ATOM   918  C CD  . GLU A 1 118 ? -17.081 -8.857  0.205   1.00 61.34  ? 129  GLU A CD  1 
ATOM   919  O OE1 . GLU A 1 118 ? -16.820 -7.675  0.529   1.00 61.02  ? 129  GLU A OE1 1 
ATOM   920  O OE2 . GLU A 1 118 ? -16.402 -9.497  -0.634  1.00 61.76  ? 129  GLU A OE2 1 
ATOM   921  N N   . LEU A 1 119 ? -15.669 -8.007  3.431   1.00 54.20  ? 130  LEU A N   1 
ATOM   922  C CA  . LEU A 1 119 ? -15.114 -7.081  4.402   1.00 51.60  ? 130  LEU A CA  1 
ATOM   923  C C   . LEU A 1 119 ? -15.231 -5.633  3.933   1.00 50.34  ? 130  LEU A C   1 
ATOM   924  O O   . LEU A 1 119 ? -14.531 -5.210  3.011   1.00 50.33  ? 130  LEU A O   1 
ATOM   925  C CB  . LEU A 1 119 ? -13.649 -7.429  4.646   1.00 51.53  ? 130  LEU A CB  1 
ATOM   926  C CG  . LEU A 1 119 ? -12.927 -6.644  5.741   1.00 51.64  ? 130  LEU A CG  1 
ATOM   927  C CD1 . LEU A 1 119 ? -13.653 -6.825  7.064   1.00 51.30  ? 130  LEU A CD1 1 
ATOM   928  C CD2 . LEU A 1 119 ? -11.492 -7.130  5.840   1.00 51.62  ? 130  LEU A CD2 1 
ATOM   929  N N   . LYS A 1 120 ? -16.123 -4.875  4.565   1.00 48.04  ? 131  LYS A N   1 
ATOM   930  C CA  . LYS A 1 120 ? -16.319 -3.475  4.207   1.00 45.85  ? 131  LYS A CA  1 
ATOM   931  C C   . LYS A 1 120 ? -15.246 -2.618  4.883   1.00 42.17  ? 131  LYS A C   1 
ATOM   932  O O   . LYS A 1 120 ? -14.679 -3.007  5.901   1.00 40.92  ? 131  LYS A O   1 
ATOM   933  C CB  . LYS A 1 120 ? -17.713 -3.010  4.638   1.00 48.06  ? 131  LYS A CB  1 
ATOM   934  C CG  . LYS A 1 120 ? -18.506 -2.312  3.525   1.00 52.13  ? 131  LYS A CG  1 
ATOM   935  C CD  . LYS A 1 120 ? -19.042 -0.951  3.974   1.00 55.40  ? 131  LYS A CD  1 
ATOM   936  C CE  . LYS A 1 120 ? -20.068 -1.069  5.100   1.00 56.61  ? 131  LYS A CE  1 
ATOM   937  N NZ  . LYS A 1 120 ? -21.291 -1.813  4.674   1.00 58.14  ? 131  LYS A NZ  1 
ATOM   938  N N   . CYS A 1 121 ? -14.966 -1.459  4.298   1.00 38.21  ? 133  CYS A N   1 
ATOM   939  C CA  . CYS A 1 121 ? -13.970 -0.543  4.827   1.00 34.55  ? 133  CYS A CA  1 
ATOM   940  C C   . CYS A 1 121 ? -14.435 0.150   6.098   1.00 34.07  ? 133  CYS A C   1 
ATOM   941  O O   . CYS A 1 121 ? -13.595 0.324   7.005   1.00 33.24  ? 133  CYS A O   1 
ATOM   942  C CB  . CYS A 1 121 ? -13.611 0.514   3.789   1.00 32.55  ? 133  CYS A CB  1 
ATOM   943  S SG  . CYS A 1 121 ? -12.611 -0.071  2.390   1.00 28.37  ? 133  CYS A SG  1 
ATOM   944  O OXT . CYS A 1 121 ? -15.624 0.529   6.163   1.00 33.97  ? 133  CYS A OXT 1 
HETATM 945  C C1  . COU B 2 .   ? -0.710  -1.600  -10.290 1.00 62.97  ? 1001 COU A C1  1 
HETATM 946  C C2  . COU B 2 .   ? -0.080  -0.508  -9.650  1.00 62.60  ? 1001 COU A C2  1 
HETATM 947  C C3  . COU B 2 .   ? 1.163   0.020   -10.140 1.00 63.59  ? 1001 COU A C3  1 
HETATM 948  C C4  . COU B 2 .   ? 1.791   -0.549  -11.284 1.00 64.44  ? 1001 COU A C4  1 
HETATM 949  C C5  . COU B 2 .   ? 3.023   -0.072  -11.825 1.00 64.33  ? 1001 COU A C5  1 
HETATM 950  C C6  . COU B 2 .   ? 3.570   -0.718  -12.981 1.00 65.84  ? 1001 COU A C6  1 
HETATM 951  C C7  . COU B 2 .   ? 2.934   -1.825  -13.625 1.00 65.55  ? 1001 COU A C7  1 
HETATM 952  C C8  . COU B 2 .   ? 1.701   -2.334  -13.122 1.00 64.90  ? 1001 COU A C8  1 
HETATM 953  C C9  . COU B 2 .   ? 1.100   -1.732  -11.973 1.00 62.82  ? 1001 COU A C9  1 
HETATM 954  O O1  . COU B 2 .   ? -1.825  -2.062  -9.857  1.00 61.22  ? 1001 COU A O1  1 
HETATM 955  O O2  . COU B 2 .   ? -0.126  -2.206  -11.433 1.00 64.24  ? 1001 COU A O2  1 
HETATM 956  N N   . CCN C 3 .   ? 7.886   -18.824 2.736   1.00 60.48  ? 2067 CCN A N   1 
HETATM 957  C C1  . CCN C 3 .   ? 8.619   -17.950 2.856   1.00 59.85  ? 2067 CCN A C1  1 
HETATM 958  C C2  . CCN C 3 .   ? 9.562   -16.824 3.007   1.00 60.58  ? 2067 CCN A C2  1 
HETATM 959  O O   . HOH D 4 .   ? -2.099  0.555   4.886   1.00 18.36  ? 2068 HOH A O   1 
HETATM 960  O O   . HOH D 4 .   ? 16.370  -0.184  0.950   1.00 34.31  ? 2069 HOH A O   1 
HETATM 961  O O   . HOH D 4 .   ? -14.224 2.222   8.779   1.00 25.80  ? 2070 HOH A O   1 
HETATM 962  O O   . HOH D 4 .   ? -7.281  14.828  -8.888  1.00 17.97  ? 2071 HOH A O   1 
HETATM 963  O O   . HOH D 4 .   ? 0.453   7.730   -4.713  1.00 25.54  ? 2072 HOH A O   1 
HETATM 964  O O   . HOH D 4 .   ? -5.039  13.837  -7.204  1.00 18.11  ? 2073 HOH A O   1 
HETATM 965  O O   . HOH D 4 .   ? -5.632  21.724  -3.187  1.00 24.06  ? 2074 HOH A O   1 
HETATM 966  O O   . HOH D 4 .   ? 2.262   -10.595 6.347   1.00 20.24  ? 2075 HOH A O   1 
HETATM 967  O O   . HOH D 4 .   ? -1.979  18.661  -8.864  1.00 23.43  ? 2076 HOH A O   1 
HETATM 968  O O   . HOH D 4 .   ? 0.038   8.280   7.586   1.00 33.20  ? 2077 HOH A O   1 
HETATM 969  O O   . HOH D 4 .   ? -2.965  3.072   4.141   1.00 16.78  ? 2078 HOH A O   1 
HETATM 970  O O   . HOH D 4 .   ? 3.363   -9.426  11.431  1.00 29.61  ? 2079 HOH A O   1 
HETATM 971  O O   . HOH D 4 .   ? -4.270  4.305   6.556   1.00 19.81  ? 2080 HOH A O   1 
HETATM 972  O O   . HOH D 4 .   ? -5.092  10.819  3.810   1.00 23.68  ? 2081 HOH A O   1 
HETATM 973  O O   . HOH D 4 .   ? -11.504 13.342  -2.778  1.00 25.04  ? 2082 HOH A O   1 
HETATM 974  O O   . HOH D 4 .   ? -3.744  17.265  -7.049  1.00 19.28  ? 2083 HOH A O   1 
HETATM 975  O O   . HOH D 4 .   ? 1.392   20.418  -6.867  1.00 20.79  ? 2084 HOH A O   1 
HETATM 976  O O   . HOH D 4 .   ? 5.303   -6.738  4.909   1.00 15.48  ? 2085 HOH A O   1 
HETATM 977  O O   . HOH D 4 .   ? -6.749  18.514  -4.209  1.00 47.25  ? 2086 HOH A O   1 
HETATM 978  O O   . HOH D 4 .   ? 0.039   -12.374 9.669   1.00 31.33  ? 2087 HOH A O   1 
HETATM 979  O O   . HOH D 4 .   ? 9.819   -0.764  -5.342  1.00 35.27  ? 2088 HOH A O   1 
HETATM 980  O O   . HOH D 4 .   ? -3.591  -9.376  -5.166  1.00 26.77  ? 2089 HOH A O   1 
HETATM 981  O O   . HOH D 4 .   ? 1.906   -14.597 6.427   1.00 37.72  ? 2090 HOH A O   1 
HETATM 982  O O   . HOH D 4 .   ? -10.550 16.889  -6.214  1.00 18.99  ? 2091 HOH A O   1 
HETATM 983  O O   . HOH D 4 .   ? 3.973   13.330  7.068   1.00 31.69  ? 2092 HOH A O   1 
HETATM 984  O O   . HOH D 4 .   ? 3.548   9.458   -12.156 1.00 62.68  ? 2093 HOH A O   1 
HETATM 985  O O   . HOH D 4 .   ? 3.613   16.190  8.297   1.00 50.29  ? 2094 HOH A O   1 
HETATM 986  O O   . HOH D 4 .   ? -2.403  15.381  4.827   1.00 55.88  ? 2095 HOH A O   1 
HETATM 987  O O   . HOH D 4 .   ? 17.488  12.802  8.283   1.00 52.78  ? 2096 HOH A O   1 
HETATM 988  O O   . HOH D 4 .   ? -3.425  6.732   6.597   1.00 29.98  ? 2097 HOH A O   1 
HETATM 989  O O   . HOH D 4 .   ? 1.456   11.239  9.932   1.00 41.12  ? 2098 HOH A O   1 
HETATM 990  O O   . HOH D 4 .   ? -15.268 -4.249  8.384   1.00 61.05  ? 2099 HOH A O   1 
HETATM 991  O O   . HOH D 4 .   ? -3.437  -12.843 11.308  1.00 58.73  ? 2100 HOH A O   1 
HETATM 992  O O   . HOH D 4 .   ? 1.272   17.628  3.911   1.00 48.36  ? 2101 HOH A O   1 
HETATM 993  O O   . HOH D 4 .   ? 1.761   24.861  5.919   1.00 66.89  ? 2102 HOH A O   1 
HETATM 994  O O   . HOH D 4 .   ? 13.083  -6.392  11.325  1.00 43.51  ? 2103 HOH A O   1 
HETATM 995  O O   . HOH D 4 .   ? -10.806 -2.328  0.327   1.00 48.28  ? 2104 HOH A O   1 
HETATM 996  O O   . HOH D 4 .   ? -2.806  -1.245  -1.785  1.00 43.33  ? 2105 HOH A O   1 
HETATM 997  O O   . HOH D 4 .   ? 1.796   14.982  -10.457 1.00 28.71  ? 2106 HOH A O   1 
HETATM 998  O O   . HOH D 4 .   ? -1.791  -5.289  9.003   1.00 37.83  ? 2107 HOH A O   1 
HETATM 999  O O   . HOH D 4 .   ? 5.878   22.516  -0.451  1.00 54.03  ? 2108 HOH A O   1 
HETATM 1000 O O   . HOH D 4 .   ? 5.144   1.405   -7.728  1.00 46.57  ? 2109 HOH A O   1 
HETATM 1001 O O   . HOH D 4 .   ? 13.224  -11.256 -1.372  1.00 48.24  ? 2110 HOH A O   1 
HETATM 1002 O O   . HOH D 4 .   ? 9.163   -11.071 -2.339  1.00 51.25  ? 2111 HOH A O   1 
HETATM 1003 O O   . HOH D 4 .   ? -12.991 3.875   2.221   1.00 37.73  ? 2112 HOH A O   1 
HETATM 1004 O O   . HOH D 4 .   ? 12.114  7.664   13.821  1.00 57.91  ? 2113 HOH A O   1 
HETATM 1005 O O   . HOH D 4 .   ? 7.769   7.335   9.285   1.00 50.83  ? 2114 HOH A O   1 
HETATM 1006 O O   . HOH D 4 .   ? -0.207  -3.806  11.051  1.00 29.81  ? 2115 HOH A O   1 
HETATM 1007 O O   . HOH D 4 .   ? -4.817  12.792  5.448   1.00 44.97  ? 2116 HOH A O   1 
HETATM 1008 O O   . HOH D 4 .   ? 6.530   10.479  11.202  1.00 53.56  ? 2117 HOH A O   1 
HETATM 1009 O O   . HOH D 4 .   ? 13.242  15.156  6.318   1.00 84.84  ? 2118 HOH A O   1 
HETATM 1010 O O   . HOH D 4 .   ? -2.621  0.607   -4.522  1.00 41.44  ? 2119 HOH A O   1 
HETATM 1011 O O   . HOH D 4 .   ? 7.641   13.799  -7.006  1.00 64.69  ? 2120 HOH A O   1 
HETATM 1012 O O   . HOH D 4 .   ? -13.218 -15.495 6.410   1.00 45.98  ? 2121 HOH A O   1 
HETATM 1013 O O   . HOH D 4 .   ? -9.879  -14.753 1.517   1.00 38.14  ? 2122 HOH A O   1 
HETATM 1014 O O   . HOH D 4 .   ? 12.043  -7.434  -4.070  1.00 52.61  ? 2123 HOH A O   1 
HETATM 1015 O O   . HOH D 4 .   ? 13.968  -13.092 -3.341  1.00 50.76  ? 2124 HOH A O   1 
HETATM 1016 O O   . HOH D 4 .   ? -4.569  20.782  3.394   1.00 65.56  ? 2125 HOH A O   1 
HETATM 1017 O O   . HOH D 4 .   ? -4.499  -3.004  -5.330  1.00 57.25  ? 2126 HOH A O   1 
HETATM 1018 O O   . HOH D 4 .   ? -8.477  -15.481 4.701   1.00 51.59  ? 2127 HOH A O   1 
HETATM 1019 O O   . HOH D 4 .   ? -8.143  -10.384 -5.661  1.00 51.73  ? 2128 HOH A O   1 
HETATM 1020 O O   . HOH D 4 .   ? 6.389   -19.690 4.583   1.00 54.72  ? 2129 HOH A O   1 
HETATM 1021 O O   . HOH D 4 .   ? -13.579 -15.550 -6.246  1.00 34.22  ? 2130 HOH A O   1 
HETATM 1022 O O   . HOH D 4 .   ? -4.621  24.476  3.179   1.00 51.84  ? 2131 HOH A O   1 
HETATM 1023 O O   . HOH D 4 .   ? -10.406 -3.005  -2.988  1.00 60.75  ? 2132 HOH A O   1 
HETATM 1024 O O   . HOH D 4 .   ? -19.929 -11.365 -2.625  1.00 49.70  ? 2133 HOH A O   1 
HETATM 1025 O O   . HOH D 4 .   ? 16.657  14.583  10.533  1.00 55.05  ? 2134 HOH A O   1 
HETATM 1026 O O   . HOH D 4 .   ? 17.616  10.313  6.972   1.00 55.10  ? 2135 HOH A O   1 
HETATM 1027 O O   . HOH D 4 .   ? 3.717   6.481   -11.494 1.00 62.09  ? 2136 HOH A O   1 
HETATM 1028 O O   . HOH D 4 .   ? 2.191   15.803  -0.193  1.00 43.31  ? 2137 HOH A O   1 
HETATM 1029 O O   . HOH D 4 .   ? 6.293   -3.224  14.857  1.00 71.18  ? 2138 HOH A O   1 
HETATM 1030 O O   . HOH D 4 .   ? -1.778  22.655  3.962   1.00 67.50  ? 2139 HOH A O   1 
HETATM 1031 O O   . HOH D 4 .   ? -9.235  -1.717  -5.336  1.00 49.63  ? 2140 HOH A O   1 
HETATM 1032 O O   . HOH D 4 .   ? -0.163  4.349   -5.948  1.00 59.15  ? 2141 HOH A O   1 
HETATM 1033 O O   . HOH D 4 .   ? 3.960   -11.170 -4.934  1.00 60.56  ? 2142 HOH A O   1 
HETATM 1034 O O   . HOH D 4 .   ? -7.299  -11.145 7.611   1.00 50.16  ? 2143 HOH A O   1 
HETATM 1035 O O   . HOH D 4 .   ? -17.059 -6.581  6.565   1.00 58.14  ? 2144 HOH A O   1 
HETATM 1036 O O   . HOH D 4 .   ? 13.933  -0.744  2.770   1.00 74.78  ? 2145 HOH A O   1 
HETATM 1037 O O   . HOH D 4 .   ? 5.045   19.831  -2.036  1.00 51.70  ? 2146 HOH A O   1 
HETATM 1038 O O   . HOH D 4 .   ? 3.712   17.225  -2.214  1.00 31.59  ? 2147 HOH A O   1 
HETATM 1039 O O   . HOH D 4 .   ? 0.036   24.506  2.046   1.00 63.56  ? 2148 HOH A O   1 
HETATM 1040 O O   . HOH D 4 .   ? -11.001 -23.460 -1.640  1.00 53.14  ? 2149 HOH A O   1 
HETATM 1041 O O   . HOH D 4 .   ? 18.265  10.517  11.688  1.00 62.57  ? 2150 HOH A O   1 
HETATM 1042 O O   . HOH D 4 .   ? -3.964  1.774   -7.474  1.00 58.04  ? 2151 HOH A O   1 
HETATM 1043 O O   . HOH D 4 .   ? -17.015 -10.878 -3.202  1.00 56.73  ? 2152 HOH A O   1 
HETATM 1044 O O   . HOH D 4 .   ? -16.216 -1.894  1.251   1.00 53.09  ? 2153 HOH A O   1 
HETATM 1045 O O   . HOH D 4 .   ? 8.724   -1.692  -8.436  1.00 61.43  ? 2154 HOH A O   1 
HETATM 1046 O O   . HOH D 4 .   ? -11.952 -10.656 -9.943  1.00 50.32  ? 2155 HOH A O   1 
HETATM 1047 O O   . HOH D 4 .   ? 8.156   -7.153  10.959  1.00 44.71  ? 2156 HOH A O   1 
HETATM 1048 O O   . HOH D 4 .   ? -1.147  -18.840 -8.758  1.00 43.21  ? 2157 HOH A O   1 
HETATM 1049 O O   . HOH D 4 .   ? -14.049 -9.752  1.321   1.00 100.00 ? 2158 HOH A O   1 
HETATM 1050 O O   . HOH D 4 .   ? 10.370  10.916  -12.635 1.00 54.13  ? 2159 HOH A O   1 
HETATM 1051 O O   . HOH D 4 .   ? 11.065  16.336  -1.527  1.00 42.48  ? 2160 HOH A O   1 
HETATM 1052 O O   . HOH D 4 .   ? 10.755  -6.947  10.394  1.00 51.70  ? 2161 HOH A O   1 
HETATM 1053 O O   . HOH D 4 .   ? 6.175   21.094  2.524   1.00 69.76  ? 2162 HOH A O   1 
HETATM 1054 O O   . HOH D 4 .   ? 18.818  13.108  11.068  1.00 59.54  ? 2163 HOH A O   1 
HETATM 1055 O O   . HOH D 4 .   ? -4.503  -20.707 0.962   1.00 50.46  ? 2164 HOH A O   1 
HETATM 1056 O O   . HOH D 4 .   ? 0.847   27.564  1.778   1.00 66.19  ? 2165 HOH A O   1 
HETATM 1057 O O   . HOH D 4 .   ? -2.278  -0.627  -7.508  1.00 73.29  ? 2166 HOH A O   1 
HETATM 1058 O O   . HOH D 4 .   ? 5.557   -15.862 9.736   1.00 46.19  ? 2167 HOH A O   1 
HETATM 1059 O O   . HOH D 4 .   ? 3.447   18.994  6.097   1.00 64.33  ? 2168 HOH A O   1 
HETATM 1060 O O   . HOH D 4 .   ? 8.933   -15.834 9.598   1.00 51.71  ? 2169 HOH A O   1 
HETATM 1061 O O   . HOH D 4 .   ? 4.235   -9.740  13.966  1.00 48.64  ? 2170 HOH A O   1 
# 
